data_5D94
# 
_entry.id   5D94 
# 
_audit_conform.dict_name       mmcif_pdbx.dic 
_audit_conform.dict_version    5.387 
_audit_conform.dict_location   http://mmcif.pdb.org/dictionaries/ascii/mmcif_pdbx.dic 
# 
loop_
_database_2.database_id 
_database_2.database_code 
_database_2.pdbx_database_accession 
_database_2.pdbx_DOI 
PDB   5D94         pdb_00005d94 10.2210/pdb5d94/pdb 
WWPDB D_1000212866 ?            ?                   
# 
loop_
_pdbx_audit_revision_history.ordinal 
_pdbx_audit_revision_history.data_content_type 
_pdbx_audit_revision_history.major_revision 
_pdbx_audit_revision_history.minor_revision 
_pdbx_audit_revision_history.revision_date 
1 'Structure model' 1 0 2015-10-21 
2 'Structure model' 1 1 2015-10-28 
3 'Structure model' 1 2 2015-12-16 
4 'Structure model' 1 3 2020-02-19 
5 'Structure model' 1 4 2024-03-20 
# 
_pdbx_audit_revision_details.ordinal             1 
_pdbx_audit_revision_details.revision_ordinal    1 
_pdbx_audit_revision_details.data_content_type   'Structure model' 
_pdbx_audit_revision_details.provider            repository 
_pdbx_audit_revision_details.type                'Initial release' 
_pdbx_audit_revision_details.description         ? 
_pdbx_audit_revision_details.details             ? 
# 
loop_
_pdbx_audit_revision_group.ordinal 
_pdbx_audit_revision_group.revision_ordinal 
_pdbx_audit_revision_group.data_content_type 
_pdbx_audit_revision_group.group 
1 2 'Structure model' 'Database references'  
2 3 'Structure model' 'Database references'  
3 4 'Structure model' 'Data collection'      
4 4 'Structure model' 'Database references'  
5 4 'Structure model' 'Derived calculations' 
6 5 'Structure model' 'Data collection'      
7 5 'Structure model' 'Database references'  
# 
loop_
_pdbx_audit_revision_category.ordinal 
_pdbx_audit_revision_category.revision_ordinal 
_pdbx_audit_revision_category.data_content_type 
_pdbx_audit_revision_category.category 
1 4 'Structure model' citation              
2 4 'Structure model' diffrn_source         
3 4 'Structure model' pdbx_struct_oper_list 
4 5 'Structure model' chem_comp_atom        
5 5 'Structure model' chem_comp_bond        
6 5 'Structure model' database_2            
# 
loop_
_pdbx_audit_revision_item.ordinal 
_pdbx_audit_revision_item.revision_ordinal 
_pdbx_audit_revision_item.data_content_type 
_pdbx_audit_revision_item.item 
1 4 'Structure model' '_citation.journal_id_CSD'                  
2 4 'Structure model' '_diffrn_source.pdbx_synchrotron_site'      
3 4 'Structure model' '_pdbx_struct_oper_list.symmetry_operation' 
4 5 'Structure model' '_database_2.pdbx_DOI'                      
5 5 'Structure model' '_database_2.pdbx_database_accession'       
# 
_pdbx_database_status.status_code                     REL 
_pdbx_database_status.status_code_sf                  REL 
_pdbx_database_status.status_code_mr                  ? 
_pdbx_database_status.entry_id                        5D94 
_pdbx_database_status.recvd_initial_deposition_date   2015-08-18 
_pdbx_database_status.SG_entry                        N 
_pdbx_database_status.deposit_site                    RCSB 
_pdbx_database_status.process_site                    PDBJ 
_pdbx_database_status.status_code_cs                  ? 
_pdbx_database_status.methods_development_category    ? 
_pdbx_database_status.pdb_format_compatible           Y 
_pdbx_database_status.status_code_nmr_data            ? 
# 
loop_
_audit_author.name 
_audit_author.pdbx_ordinal 
'Takagi, K.'    1 
'Mizushima, T.' 2 
'Johansen, T.'  3 
# 
_citation.abstract                  ? 
_citation.abstract_id_CAS           ? 
_citation.book_id_ISBN              ? 
_citation.book_publisher            ? 
_citation.book_publisher_city       ? 
_citation.book_title                ? 
_citation.coordinate_linkage        ? 
_citation.country                   US 
_citation.database_id_Medline       ? 
_citation.details                   ? 
_citation.id                        primary 
_citation.journal_abbrev            J.Biol.Chem. 
_citation.journal_id_ASTM           JBCHA3 
_citation.journal_id_CSD            0071 
_citation.journal_id_ISSN           1083-351X 
_citation.journal_full              ? 
_citation.journal_issue             ? 
_citation.journal_volume            290 
_citation.language                  ? 
_citation.page_first                29361 
_citation.page_last                 29374 
_citation.title                     
;FYCO1 Contains a C-terminally Extended, LC3A/B-preferring LC3-interacting Region (LIR) Motif Required for Efficient Maturation of Autophagosomes during Basal Autophagy
;
_citation.year                      2015 
_citation.database_id_CSD           ? 
_citation.pdbx_database_id_DOI      10.1074/jbc.M115.686915 
_citation.pdbx_database_id_PubMed   26468287 
_citation.unpublished_flag          ? 
# 
loop_
_citation_author.citation_id 
_citation_author.name 
_citation_author.ordinal 
_citation_author.identifier_ORCID 
primary 'Olsvik, H.L.'  1 ? 
primary 'Lamark, T.'    2 ? 
primary 'Takagi, K.'    3 ? 
primary 'Larsen, K.B.'  4 ? 
primary 'Evjen, G.'     5 ? 
primary 'vervatn, A.'   6 ? 
primary 'Mizushima, T.' 7 ? 
primary 'Johansen, T.'  8 ? 
# 
loop_
_entity.id 
_entity.type 
_entity.src_method 
_entity.pdbx_description 
_entity.formula_weight 
_entity.pdbx_number_of_molecules 
_entity.pdbx_ec 
_entity.pdbx_mutation 
_entity.pdbx_fragment 
_entity.details 
1 polymer man 'Microtubule-associated proteins 1A/1B light chain 3B'          15121.482 1   ? ? ? ? 
2 polymer syn 'Peptide from FYVE and coiled-coil domain-containing protein 1' 1494.554  1   ? ? ? ? 
3 water   nat water                                                           18.015    127 ? ? ? ? 
# 
_entity_name_com.entity_id   1 
_entity_name_com.name        
;Autophagy-related protein LC3 B,Autophagy-related ubiquitin-like modifier LC3 B,MAP1 light chain 3-like protein 2,MAP1A/MAP1B light chain 3 B,MAP1A/MAP1B LC3 B,Microtubule-associated protein 1 light chain 3 beta
;
# 
loop_
_entity_poly.entity_id 
_entity_poly.type 
_entity_poly.nstd_linkage 
_entity_poly.nstd_monomer 
_entity_poly.pdbx_seq_one_letter_code 
_entity_poly.pdbx_seq_one_letter_code_can 
_entity_poly.pdbx_strand_id 
_entity_poly.pdbx_target_identifier 
1 'polypeptide(L)' no no 
;GPLGSMPSEKTFKQRRTFEQRVEDVRLIREQHPTKIPVIIERYKGEKQLPVLDKTKFLVPDHVNMSELIKIIRRRLQLNA
NQAFFLLVNGHSMVSVSTPISEVYESEKDEDGFLYMVYASQETFGMKLSV
;
;GPLGSMPSEKTFKQRRTFEQRVEDVRLIREQHPTKIPVIIERYKGEKQLPVLDKTKFLVPDHVNMSELIKIIRRRLQLNA
NQAFFLLVNGHSMVSVSTPISEVYESEKDEDGFLYMVYASQETFGMKLSV
;
A ? 
2 'polypeptide(L)' no no DDAVFDIITDEEL DDAVFDIITDEEL B ? 
# 
_pdbx_entity_nonpoly.entity_id   3 
_pdbx_entity_nonpoly.name        water 
_pdbx_entity_nonpoly.comp_id     HOH 
# 
loop_
_entity_poly_seq.entity_id 
_entity_poly_seq.num 
_entity_poly_seq.mon_id 
_entity_poly_seq.hetero 
1 1   GLY n 
1 2   PRO n 
1 3   LEU n 
1 4   GLY n 
1 5   SER n 
1 6   MET n 
1 7   PRO n 
1 8   SER n 
1 9   GLU n 
1 10  LYS n 
1 11  THR n 
1 12  PHE n 
1 13  LYS n 
1 14  GLN n 
1 15  ARG n 
1 16  ARG n 
1 17  THR n 
1 18  PHE n 
1 19  GLU n 
1 20  GLN n 
1 21  ARG n 
1 22  VAL n 
1 23  GLU n 
1 24  ASP n 
1 25  VAL n 
1 26  ARG n 
1 27  LEU n 
1 28  ILE n 
1 29  ARG n 
1 30  GLU n 
1 31  GLN n 
1 32  HIS n 
1 33  PRO n 
1 34  THR n 
1 35  LYS n 
1 36  ILE n 
1 37  PRO n 
1 38  VAL n 
1 39  ILE n 
1 40  ILE n 
1 41  GLU n 
1 42  ARG n 
1 43  TYR n 
1 44  LYS n 
1 45  GLY n 
1 46  GLU n 
1 47  LYS n 
1 48  GLN n 
1 49  LEU n 
1 50  PRO n 
1 51  VAL n 
1 52  LEU n 
1 53  ASP n 
1 54  LYS n 
1 55  THR n 
1 56  LYS n 
1 57  PHE n 
1 58  LEU n 
1 59  VAL n 
1 60  PRO n 
1 61  ASP n 
1 62  HIS n 
1 63  VAL n 
1 64  ASN n 
1 65  MET n 
1 66  SER n 
1 67  GLU n 
1 68  LEU n 
1 69  ILE n 
1 70  LYS n 
1 71  ILE n 
1 72  ILE n 
1 73  ARG n 
1 74  ARG n 
1 75  ARG n 
1 76  LEU n 
1 77  GLN n 
1 78  LEU n 
1 79  ASN n 
1 80  ALA n 
1 81  ASN n 
1 82  GLN n 
1 83  ALA n 
1 84  PHE n 
1 85  PHE n 
1 86  LEU n 
1 87  LEU n 
1 88  VAL n 
1 89  ASN n 
1 90  GLY n 
1 91  HIS n 
1 92  SER n 
1 93  MET n 
1 94  VAL n 
1 95  SER n 
1 96  VAL n 
1 97  SER n 
1 98  THR n 
1 99  PRO n 
1 100 ILE n 
1 101 SER n 
1 102 GLU n 
1 103 VAL n 
1 104 TYR n 
1 105 GLU n 
1 106 SER n 
1 107 GLU n 
1 108 LYS n 
1 109 ASP n 
1 110 GLU n 
1 111 ASP n 
1 112 GLY n 
1 113 PHE n 
1 114 LEU n 
1 115 TYR n 
1 116 MET n 
1 117 VAL n 
1 118 TYR n 
1 119 ALA n 
1 120 SER n 
1 121 GLN n 
1 122 GLU n 
1 123 THR n 
1 124 PHE n 
1 125 GLY n 
1 126 MET n 
1 127 LYS n 
1 128 LEU n 
1 129 SER n 
1 130 VAL n 
2 1   ASP n 
2 2   ASP n 
2 3   ALA n 
2 4   VAL n 
2 5   PHE n 
2 6   ASP n 
2 7   ILE n 
2 8   ILE n 
2 9   THR n 
2 10  ASP n 
2 11  GLU n 
2 12  GLU n 
2 13  LEU n 
# 
_entity_src_gen.entity_id                          1 
_entity_src_gen.pdbx_src_id                        1 
_entity_src_gen.pdbx_alt_source_flag               sample 
_entity_src_gen.pdbx_seq_type                      'Biological sequence' 
_entity_src_gen.pdbx_beg_seq_num                   1 
_entity_src_gen.pdbx_end_seq_num                   130 
_entity_src_gen.gene_src_common_name               Human 
_entity_src_gen.gene_src_genus                     ? 
_entity_src_gen.pdbx_gene_src_gene                 'MAP1LC3B, MAP1ALC3' 
_entity_src_gen.gene_src_species                   ? 
_entity_src_gen.gene_src_strain                    ? 
_entity_src_gen.gene_src_tissue                    ? 
_entity_src_gen.gene_src_tissue_fraction           ? 
_entity_src_gen.gene_src_details                   ? 
_entity_src_gen.pdbx_gene_src_fragment             ? 
_entity_src_gen.pdbx_gene_src_scientific_name      'Homo sapiens' 
_entity_src_gen.pdbx_gene_src_ncbi_taxonomy_id     9606 
_entity_src_gen.pdbx_gene_src_variant              ? 
_entity_src_gen.pdbx_gene_src_cell_line            ? 
_entity_src_gen.pdbx_gene_src_atcc                 ? 
_entity_src_gen.pdbx_gene_src_organ                ? 
_entity_src_gen.pdbx_gene_src_organelle            ? 
_entity_src_gen.pdbx_gene_src_cell                 ? 
_entity_src_gen.pdbx_gene_src_cellular_location    ? 
_entity_src_gen.host_org_common_name               ? 
_entity_src_gen.pdbx_host_org_scientific_name      'Escherichia coli' 
_entity_src_gen.pdbx_host_org_ncbi_taxonomy_id     562 
_entity_src_gen.host_org_genus                     ? 
_entity_src_gen.pdbx_host_org_gene                 ? 
_entity_src_gen.pdbx_host_org_organ                ? 
_entity_src_gen.host_org_species                   ? 
_entity_src_gen.pdbx_host_org_tissue               ? 
_entity_src_gen.pdbx_host_org_tissue_fraction      ? 
_entity_src_gen.pdbx_host_org_strain               ? 
_entity_src_gen.pdbx_host_org_variant              ? 
_entity_src_gen.pdbx_host_org_cell_line            ? 
_entity_src_gen.pdbx_host_org_atcc                 ? 
_entity_src_gen.pdbx_host_org_culture_collection   ? 
_entity_src_gen.pdbx_host_org_cell                 ? 
_entity_src_gen.pdbx_host_org_organelle            ? 
_entity_src_gen.pdbx_host_org_cellular_location    ? 
_entity_src_gen.pdbx_host_org_vector_type          ? 
_entity_src_gen.pdbx_host_org_vector               ? 
_entity_src_gen.host_org_details                   ? 
_entity_src_gen.expression_system_id               ? 
_entity_src_gen.plasmid_name                       ? 
_entity_src_gen.plasmid_details                    ? 
_entity_src_gen.pdbx_description                   ? 
# 
_pdbx_entity_src_syn.entity_id              2 
_pdbx_entity_src_syn.pdbx_src_id            1 
_pdbx_entity_src_syn.pdbx_alt_source_flag   sample 
_pdbx_entity_src_syn.pdbx_beg_seq_num       1 
_pdbx_entity_src_syn.pdbx_end_seq_num       13 
_pdbx_entity_src_syn.organism_scientific    'Homo sapiens' 
_pdbx_entity_src_syn.organism_common_name   Human 
_pdbx_entity_src_syn.ncbi_taxonomy_id       9606 
_pdbx_entity_src_syn.details                ? 
# 
loop_
_chem_comp.id 
_chem_comp.type 
_chem_comp.mon_nstd_flag 
_chem_comp.name 
_chem_comp.pdbx_synonyms 
_chem_comp.formula 
_chem_comp.formula_weight 
ALA 'L-peptide linking' y ALANINE         ? 'C3 H7 N O2'     89.093  
ARG 'L-peptide linking' y ARGININE        ? 'C6 H15 N4 O2 1' 175.209 
ASN 'L-peptide linking' y ASPARAGINE      ? 'C4 H8 N2 O3'    132.118 
ASP 'L-peptide linking' y 'ASPARTIC ACID' ? 'C4 H7 N O4'     133.103 
GLN 'L-peptide linking' y GLUTAMINE       ? 'C5 H10 N2 O3'   146.144 
GLU 'L-peptide linking' y 'GLUTAMIC ACID' ? 'C5 H9 N O4'     147.129 
GLY 'peptide linking'   y GLYCINE         ? 'C2 H5 N O2'     75.067  
HIS 'L-peptide linking' y HISTIDINE       ? 'C6 H10 N3 O2 1' 156.162 
HOH non-polymer         . WATER           ? 'H2 O'           18.015  
ILE 'L-peptide linking' y ISOLEUCINE      ? 'C6 H13 N O2'    131.173 
LEU 'L-peptide linking' y LEUCINE         ? 'C6 H13 N O2'    131.173 
LYS 'L-peptide linking' y LYSINE          ? 'C6 H15 N2 O2 1' 147.195 
MET 'L-peptide linking' y METHIONINE      ? 'C5 H11 N O2 S'  149.211 
PHE 'L-peptide linking' y PHENYLALANINE   ? 'C9 H11 N O2'    165.189 
PRO 'L-peptide linking' y PROLINE         ? 'C5 H9 N O2'     115.130 
SER 'L-peptide linking' y SERINE          ? 'C3 H7 N O3'     105.093 
THR 'L-peptide linking' y THREONINE       ? 'C4 H9 N O3'     119.119 
TYR 'L-peptide linking' y TYROSINE        ? 'C9 H11 N O3'    181.189 
VAL 'L-peptide linking' y VALINE          ? 'C5 H11 N O2'    117.146 
# 
loop_
_pdbx_poly_seq_scheme.asym_id 
_pdbx_poly_seq_scheme.entity_id 
_pdbx_poly_seq_scheme.seq_id 
_pdbx_poly_seq_scheme.mon_id 
_pdbx_poly_seq_scheme.ndb_seq_num 
_pdbx_poly_seq_scheme.pdb_seq_num 
_pdbx_poly_seq_scheme.auth_seq_num 
_pdbx_poly_seq_scheme.pdb_mon_id 
_pdbx_poly_seq_scheme.auth_mon_id 
_pdbx_poly_seq_scheme.pdb_strand_id 
_pdbx_poly_seq_scheme.pdb_ins_code 
_pdbx_poly_seq_scheme.hetero 
A 1 1   GLY 1   -4   ?    ?   ?   A . n 
A 1 2   PRO 2   -3   ?    ?   ?   A . n 
A 1 3   LEU 3   -2   ?    ?   ?   A . n 
A 1 4   GLY 4   -1   ?    ?   ?   A . n 
A 1 5   SER 5   0    ?    ?   ?   A . n 
A 1 6   MET 6   1    ?    ?   ?   A . n 
A 1 7   PRO 7   2    ?    ?   ?   A . n 
A 1 8   SER 8   3    ?    ?   ?   A . n 
A 1 9   GLU 9   4    ?    ?   ?   A . n 
A 1 10  LYS 10  5    5    LYS LYS A . n 
A 1 11  THR 11  6    6    THR THR A . n 
A 1 12  PHE 12  7    7    PHE PHE A . n 
A 1 13  LYS 13  8    8    LYS LYS A . n 
A 1 14  GLN 14  9    9    GLN GLN A . n 
A 1 15  ARG 15  10   10   ARG ARG A . n 
A 1 16  ARG 16  11   11   ARG ARG A . n 
A 1 17  THR 17  12   12   THR THR A . n 
A 1 18  PHE 18  13   13   PHE PHE A . n 
A 1 19  GLU 19  14   14   GLU GLU A . n 
A 1 20  GLN 20  15   15   GLN GLN A . n 
A 1 21  ARG 21  16   16   ARG ARG A . n 
A 1 22  VAL 22  17   17   VAL VAL A . n 
A 1 23  GLU 23  18   18   GLU GLU A . n 
A 1 24  ASP 24  19   19   ASP ASP A . n 
A 1 25  VAL 25  20   20   VAL VAL A . n 
A 1 26  ARG 26  21   21   ARG ARG A . n 
A 1 27  LEU 27  22   22   LEU LEU A . n 
A 1 28  ILE 28  23   23   ILE ILE A . n 
A 1 29  ARG 29  24   24   ARG ARG A . n 
A 1 30  GLU 30  25   25   GLU GLU A . n 
A 1 31  GLN 31  26   26   GLN GLN A . n 
A 1 32  HIS 32  27   27   HIS HIS A . n 
A 1 33  PRO 33  28   28   PRO PRO A . n 
A 1 34  THR 34  29   29   THR THR A . n 
A 1 35  LYS 35  30   30   LYS LYS A . n 
A 1 36  ILE 36  31   31   ILE ILE A . n 
A 1 37  PRO 37  32   32   PRO PRO A . n 
A 1 38  VAL 38  33   33   VAL VAL A . n 
A 1 39  ILE 39  34   34   ILE ILE A . n 
A 1 40  ILE 40  35   35   ILE ILE A . n 
A 1 41  GLU 41  36   36   GLU GLU A . n 
A 1 42  ARG 42  37   37   ARG ARG A . n 
A 1 43  TYR 43  38   38   TYR TYR A . n 
A 1 44  LYS 44  39   39   LYS LYS A . n 
A 1 45  GLY 45  40   40   GLY GLY A . n 
A 1 46  GLU 46  41   41   GLU GLU A . n 
A 1 47  LYS 47  42   42   LYS LYS A . n 
A 1 48  GLN 48  43   43   GLN GLN A . n 
A 1 49  LEU 49  44   44   LEU LEU A . n 
A 1 50  PRO 50  45   45   PRO PRO A . n 
A 1 51  VAL 51  46   46   VAL VAL A . n 
A 1 52  LEU 52  47   47   LEU LEU A . n 
A 1 53  ASP 53  48   48   ASP ASP A . n 
A 1 54  LYS 54  49   49   LYS LYS A . n 
A 1 55  THR 55  50   50   THR THR A . n 
A 1 56  LYS 56  51   51   LYS LYS A . n 
A 1 57  PHE 57  52   52   PHE PHE A . n 
A 1 58  LEU 58  53   53   LEU LEU A . n 
A 1 59  VAL 59  54   54   VAL VAL A . n 
A 1 60  PRO 60  55   55   PRO PRO A . n 
A 1 61  ASP 61  56   56   ASP ASP A . n 
A 1 62  HIS 62  57   57   HIS HIS A . n 
A 1 63  VAL 63  58   58   VAL VAL A . n 
A 1 64  ASN 64  59   59   ASN ASN A . n 
A 1 65  MET 65  60   60   MET MET A . n 
A 1 66  SER 66  61   61   SER SER A . n 
A 1 67  GLU 67  62   62   GLU GLU A . n 
A 1 68  LEU 68  63   63   LEU LEU A . n 
A 1 69  ILE 69  64   64   ILE ILE A . n 
A 1 70  LYS 70  65   65   LYS LYS A . n 
A 1 71  ILE 71  66   66   ILE ILE A . n 
A 1 72  ILE 72  67   67   ILE ILE A . n 
A 1 73  ARG 73  68   68   ARG ARG A . n 
A 1 74  ARG 74  69   69   ARG ARG A . n 
A 1 75  ARG 75  70   70   ARG ARG A . n 
A 1 76  LEU 76  71   71   LEU LEU A . n 
A 1 77  GLN 77  72   72   GLN GLN A . n 
A 1 78  LEU 78  73   73   LEU LEU A . n 
A 1 79  ASN 79  74   74   ASN ASN A . n 
A 1 80  ALA 80  75   75   ALA ALA A . n 
A 1 81  ASN 81  76   76   ASN ASN A . n 
A 1 82  GLN 82  77   77   GLN GLN A . n 
A 1 83  ALA 83  78   78   ALA ALA A . n 
A 1 84  PHE 84  79   79   PHE PHE A . n 
A 1 85  PHE 85  80   80   PHE PHE A . n 
A 1 86  LEU 86  81   81   LEU LEU A . n 
A 1 87  LEU 87  82   82   LEU LEU A . n 
A 1 88  VAL 88  83   83   VAL VAL A . n 
A 1 89  ASN 89  84   84   ASN ASN A . n 
A 1 90  GLY 90  85   85   GLY GLY A . n 
A 1 91  HIS 91  86   86   HIS HIS A . n 
A 1 92  SER 92  87   87   SER SER A . n 
A 1 93  MET 93  88   88   MET MET A . n 
A 1 94  VAL 94  89   89   VAL VAL A . n 
A 1 95  SER 95  90   90   SER SER A . n 
A 1 96  VAL 96  91   91   VAL VAL A . n 
A 1 97  SER 97  92   92   SER SER A . n 
A 1 98  THR 98  93   93   THR THR A . n 
A 1 99  PRO 99  94   94   PRO PRO A . n 
A 1 100 ILE 100 95   95   ILE ILE A . n 
A 1 101 SER 101 96   96   SER SER A . n 
A 1 102 GLU 102 97   97   GLU GLU A . n 
A 1 103 VAL 103 98   98   VAL VAL A . n 
A 1 104 TYR 104 99   99   TYR TYR A . n 
A 1 105 GLU 105 100  100  GLU GLU A . n 
A 1 106 SER 106 101  101  SER SER A . n 
A 1 107 GLU 107 102  102  GLU GLU A . n 
A 1 108 LYS 108 103  103  LYS LYS A . n 
A 1 109 ASP 109 104  104  ASP ASP A . n 
A 1 110 GLU 110 105  105  GLU GLU A . n 
A 1 111 ASP 111 106  106  ASP ASP A . n 
A 1 112 GLY 112 107  107  GLY GLY A . n 
A 1 113 PHE 113 108  108  PHE PHE A . n 
A 1 114 LEU 114 109  109  LEU LEU A . n 
A 1 115 TYR 115 110  110  TYR TYR A . n 
A 1 116 MET 116 111  111  MET MET A . n 
A 1 117 VAL 117 112  112  VAL VAL A . n 
A 1 118 TYR 118 113  113  TYR TYR A . n 
A 1 119 ALA 119 114  114  ALA ALA A . n 
A 1 120 SER 120 115  115  SER SER A . n 
A 1 121 GLN 121 116  116  GLN GLN A . n 
A 1 122 GLU 122 117  117  GLU GLU A . n 
A 1 123 THR 123 118  118  THR THR A . n 
A 1 124 PHE 124 119  119  PHE PHE A . n 
A 1 125 GLY 125 120  120  GLY GLY A . n 
A 1 126 MET 126 121  121  MET MET A . n 
A 1 127 LYS 127 122  122  LYS LYS A . n 
A 1 128 LEU 128 123  123  LEU LEU A . n 
A 1 129 SER 129 124  ?    ?   ?   A . n 
A 1 130 VAL 130 125  ?    ?   ?   A . n 
B 2 1   ASP 1   1276 ?    ?   ?   B . n 
B 2 2   ASP 2   1277 1277 ASP ASP B . n 
B 2 3   ALA 3   1278 1278 ALA ALA B . n 
B 2 4   VAL 4   1279 1279 VAL VAL B . n 
B 2 5   PHE 5   1280 1280 PHE PHE B . n 
B 2 6   ASP 6   1281 1281 ASP ASP B . n 
B 2 7   ILE 7   1282 1282 ILE ILE B . n 
B 2 8   ILE 8   1283 1283 ILE ILE B . n 
B 2 9   THR 9   1284 1284 THR THR B . n 
B 2 10  ASP 10  1285 1285 ASP ASP B . n 
B 2 11  GLU 11  1286 1286 GLU GLU B . n 
B 2 12  GLU 12  1287 1287 GLU GLU B . n 
B 2 13  LEU 13  1288 1288 LEU LEU B . n 
# 
loop_
_pdbx_nonpoly_scheme.asym_id 
_pdbx_nonpoly_scheme.entity_id 
_pdbx_nonpoly_scheme.mon_id 
_pdbx_nonpoly_scheme.ndb_seq_num 
_pdbx_nonpoly_scheme.pdb_seq_num 
_pdbx_nonpoly_scheme.auth_seq_num 
_pdbx_nonpoly_scheme.pdb_mon_id 
_pdbx_nonpoly_scheme.auth_mon_id 
_pdbx_nonpoly_scheme.pdb_strand_id 
_pdbx_nonpoly_scheme.pdb_ins_code 
C 3 HOH 1   201  119 HOH HOH A . 
C 3 HOH 2   202  32  HOH HOH A . 
C 3 HOH 3   203  137 HOH HOH A . 
C 3 HOH 4   204  84  HOH HOH A . 
C 3 HOH 5   205  114 HOH HOH A . 
C 3 HOH 6   206  97  HOH HOH A . 
C 3 HOH 7   207  132 HOH HOH A . 
C 3 HOH 8   208  112 HOH HOH A . 
C 3 HOH 9   209  120 HOH HOH A . 
C 3 HOH 10  210  38  HOH HOH A . 
C 3 HOH 11  211  108 HOH HOH A . 
C 3 HOH 12  212  88  HOH HOH A . 
C 3 HOH 13  213  19  HOH HOH A . 
C 3 HOH 14  214  83  HOH HOH A . 
C 3 HOH 15  215  13  HOH HOH A . 
C 3 HOH 16  216  79  HOH HOH A . 
C 3 HOH 17  217  34  HOH HOH A . 
C 3 HOH 18  218  21  HOH HOH A . 
C 3 HOH 19  219  100 HOH HOH A . 
C 3 HOH 20  220  62  HOH HOH A . 
C 3 HOH 21  221  74  HOH HOH A . 
C 3 HOH 22  222  102 HOH HOH A . 
C 3 HOH 23  223  51  HOH HOH A . 
C 3 HOH 24  224  54  HOH HOH A . 
C 3 HOH 25  225  50  HOH HOH A . 
C 3 HOH 26  226  92  HOH HOH A . 
C 3 HOH 27  227  30  HOH HOH A . 
C 3 HOH 28  228  35  HOH HOH A . 
C 3 HOH 29  229  47  HOH HOH A . 
C 3 HOH 30  230  71  HOH HOH A . 
C 3 HOH 31  231  2   HOH HOH A . 
C 3 HOH 32  232  45  HOH HOH A . 
C 3 HOH 33  233  82  HOH HOH A . 
C 3 HOH 34  234  89  HOH HOH A . 
C 3 HOH 35  235  121 HOH HOH A . 
C 3 HOH 36  236  6   HOH HOH A . 
C 3 HOH 37  237  59  HOH HOH A . 
C 3 HOH 38  238  49  HOH HOH A . 
C 3 HOH 39  239  14  HOH HOH A . 
C 3 HOH 40  240  43  HOH HOH A . 
C 3 HOH 41  241  8   HOH HOH A . 
C 3 HOH 42  242  57  HOH HOH A . 
C 3 HOH 43  243  85  HOH HOH A . 
C 3 HOH 44  244  44  HOH HOH A . 
C 3 HOH 45  245  24  HOH HOH A . 
C 3 HOH 46  246  60  HOH HOH A . 
C 3 HOH 47  247  69  HOH HOH A . 
C 3 HOH 48  248  4   HOH HOH A . 
C 3 HOH 49  249  3   HOH HOH A . 
C 3 HOH 50  250  118 HOH HOH A . 
C 3 HOH 51  251  28  HOH HOH A . 
C 3 HOH 52  252  53  HOH HOH A . 
C 3 HOH 53  253  15  HOH HOH A . 
C 3 HOH 54  254  75  HOH HOH A . 
C 3 HOH 55  255  1   HOH HOH A . 
C 3 HOH 56  256  40  HOH HOH A . 
C 3 HOH 57  257  20  HOH HOH A . 
C 3 HOH 58  258  90  HOH HOH A . 
C 3 HOH 59  259  39  HOH HOH A . 
C 3 HOH 60  260  140 HOH HOH A . 
C 3 HOH 61  261  105 HOH HOH A . 
C 3 HOH 62  262  78  HOH HOH A . 
C 3 HOH 63  263  58  HOH HOH A . 
C 3 HOH 64  264  7   HOH HOH A . 
C 3 HOH 65  265  113 HOH HOH A . 
C 3 HOH 66  266  86  HOH HOH A . 
C 3 HOH 67  267  80  HOH HOH A . 
C 3 HOH 68  268  12  HOH HOH A . 
C 3 HOH 69  269  103 HOH HOH A . 
C 3 HOH 70  270  63  HOH HOH A . 
C 3 HOH 71  271  52  HOH HOH A . 
C 3 HOH 72  272  68  HOH HOH A . 
C 3 HOH 73  273  77  HOH HOH A . 
C 3 HOH 74  274  36  HOH HOH A . 
C 3 HOH 75  275  87  HOH HOH A . 
C 3 HOH 76  276  95  HOH HOH A . 
C 3 HOH 77  277  31  HOH HOH A . 
C 3 HOH 78  278  9   HOH HOH A . 
C 3 HOH 79  279  123 HOH HOH A . 
C 3 HOH 80  280  64  HOH HOH A . 
C 3 HOH 81  281  42  HOH HOH A . 
C 3 HOH 82  282  81  HOH HOH A . 
C 3 HOH 83  283  61  HOH HOH A . 
C 3 HOH 84  284  5   HOH HOH A . 
C 3 HOH 85  285  27  HOH HOH A . 
C 3 HOH 86  286  17  HOH HOH A . 
C 3 HOH 87  287  93  HOH HOH A . 
C 3 HOH 88  288  143 HOH HOH A . 
C 3 HOH 89  289  48  HOH HOH A . 
C 3 HOH 90  290  144 HOH HOH A . 
C 3 HOH 91  291  10  HOH HOH A . 
C 3 HOH 92  292  41  HOH HOH A . 
C 3 HOH 93  293  72  HOH HOH A . 
C 3 HOH 94  294  65  HOH HOH A . 
C 3 HOH 95  295  25  HOH HOH A . 
C 3 HOH 96  296  94  HOH HOH A . 
C 3 HOH 97  297  104 HOH HOH A . 
C 3 HOH 98  298  56  HOH HOH A . 
C 3 HOH 99  299  101 HOH HOH A . 
C 3 HOH 100 300  73  HOH HOH A . 
C 3 HOH 101 301  130 HOH HOH A . 
C 3 HOH 102 302  124 HOH HOH A . 
C 3 HOH 103 303  139 HOH HOH A . 
C 3 HOH 104 304  76  HOH HOH A . 
C 3 HOH 105 305  138 HOH HOH A . 
C 3 HOH 106 306  26  HOH HOH A . 
C 3 HOH 107 307  98  HOH HOH A . 
C 3 HOH 108 308  111 HOH HOH A . 
C 3 HOH 109 309  129 HOH HOH A . 
C 3 HOH 110 310  99  HOH HOH A . 
C 3 HOH 111 311  29  HOH HOH A . 
C 3 HOH 112 312  22  HOH HOH A . 
C 3 HOH 113 313  107 HOH HOH A . 
C 3 HOH 114 314  109 HOH HOH A . 
C 3 HOH 115 315  33  HOH HOH A . 
C 3 HOH 116 316  67  HOH HOH A . 
C 3 HOH 117 317  115 HOH HOH A . 
D 3 HOH 1   1301 91  HOH HOH B . 
D 3 HOH 2   1302 23  HOH HOH B . 
D 3 HOH 3   1303 96  HOH HOH B . 
D 3 HOH 4   1304 117 HOH HOH B . 
D 3 HOH 5   1305 46  HOH HOH B . 
D 3 HOH 6   1306 18  HOH HOH B . 
D 3 HOH 7   1307 16  HOH HOH B . 
D 3 HOH 8   1308 136 HOH HOH B . 
D 3 HOH 9   1309 55  HOH HOH B . 
D 3 HOH 10  1310 127 HOH HOH B . 
# 
loop_
_software.citation_id 
_software.classification 
_software.compiler_name 
_software.compiler_version 
_software.contact_author 
_software.contact_author_email 
_software.date 
_software.description 
_software.dependencies 
_software.hardware 
_software.language 
_software.location 
_software.mods 
_software.name 
_software.os 
_software.os_version 
_software.type 
_software.version 
_software.pdbx_ordinal 
? refinement        ? ? ? ? ? ? ? ? ? ? ? REFMAC      ? ? ? 5.6.0117 1 
? 'data collection' ? ? ? ? ? ? ? ? ? ? ? HKL-2000    ? ? ? .        2 
? 'data scaling'    ? ? ? ? ? ? ? ? ? ? ? HKL-2000    ? ? ? .        3 
? phasing           ? ? ? ? ? ? ? ? ? ? ? MOLREP      ? ? ? .        4 
? 'data extraction' ? ? ? ? ? ? ? ? ? ? ? PDB_EXTRACT ? ? ? 3.15     5 
? 'data reduction'  ? ? ? ? ? ? ? ? ? ? ? HKL-2000    ? ? ? .        6 
? 'model building'  ? ? ? ? ? ? ? ? ? ? ? Coot        ? ? ? .        7 
# 
_cell.entry_id           5D94 
_cell.length_a           40.724 
_cell.length_b           39.162 
_cell.length_c           42.756 
_cell.angle_alpha        90.00 
_cell.angle_beta         115.05 
_cell.angle_gamma        90.00 
_cell.Z_PDB              2 
_cell.pdbx_unique_axis   ? 
# 
_symmetry.entry_id                         5D94 
_symmetry.space_group_name_H-M             'P 1 21 1' 
_symmetry.pdbx_full_space_group_name_H-M   ? 
_symmetry.cell_setting                     ? 
_symmetry.Int_Tables_number                4 
# 
_exptl.absorpt_coefficient_mu     ? 
_exptl.absorpt_correction_T_max   ? 
_exptl.absorpt_correction_T_min   ? 
_exptl.absorpt_correction_type    ? 
_exptl.absorpt_process_details    ? 
_exptl.entry_id                   5D94 
_exptl.crystals_number            1 
_exptl.details                    ? 
_exptl.method                     'X-RAY DIFFRACTION' 
_exptl.method_details             ? 
# 
_exptl_crystal.colour                      ? 
_exptl_crystal.density_diffrn              ? 
_exptl_crystal.density_Matthews            1.89 
_exptl_crystal.density_method              ? 
_exptl_crystal.density_percent_sol         34.75 
_exptl_crystal.description                 ? 
_exptl_crystal.F_000                       ? 
_exptl_crystal.id                          1 
_exptl_crystal.preparation                 ? 
_exptl_crystal.size_max                    ? 
_exptl_crystal.size_mid                    ? 
_exptl_crystal.size_min                    ? 
_exptl_crystal.size_rad                    ? 
_exptl_crystal.colour_lustre               ? 
_exptl_crystal.colour_modifier             ? 
_exptl_crystal.colour_primary              ? 
_exptl_crystal.density_meas                ? 
_exptl_crystal.density_meas_esd            ? 
_exptl_crystal.density_meas_gt             ? 
_exptl_crystal.density_meas_lt             ? 
_exptl_crystal.density_meas_temp           ? 
_exptl_crystal.density_meas_temp_esd       ? 
_exptl_crystal.density_meas_temp_gt        ? 
_exptl_crystal.density_meas_temp_lt        ? 
_exptl_crystal.pdbx_crystal_image_url      ? 
_exptl_crystal.pdbx_crystal_image_format   ? 
_exptl_crystal.pdbx_mosaicity              ? 
_exptl_crystal.pdbx_mosaicity_esd          ? 
# 
_exptl_crystal_grow.apparatus       ? 
_exptl_crystal_grow.atmosphere      ? 
_exptl_crystal_grow.crystal_id      1 
_exptl_crystal_grow.details         ? 
_exptl_crystal_grow.method          'VAPOR DIFFUSION, SITTING DROP' 
_exptl_crystal_grow.method_ref      ? 
_exptl_crystal_grow.pH              ? 
_exptl_crystal_grow.pressure        ? 
_exptl_crystal_grow.pressure_esd    ? 
_exptl_crystal_grow.seeding         ? 
_exptl_crystal_grow.seeding_ref     ? 
_exptl_crystal_grow.temp            293 
_exptl_crystal_grow.temp_details    ? 
_exptl_crystal_grow.temp_esd        ? 
_exptl_crystal_grow.time            ? 
_exptl_crystal_grow.pdbx_details    '0.1M Potassium thiocyanate, 30%(w/v) Polyethylene glycol monomethyl ether 2000' 
_exptl_crystal_grow.pdbx_pH_range   ? 
# 
_diffrn.ambient_environment    ? 
_diffrn.ambient_temp           100 
_diffrn.ambient_temp_details   ? 
_diffrn.ambient_temp_esd       ? 
_diffrn.crystal_id             1 
_diffrn.crystal_support        ? 
_diffrn.crystal_treatment      ? 
_diffrn.details                ? 
_diffrn.id                     1 
_diffrn.ambient_pressure       ? 
_diffrn.ambient_pressure_esd   ? 
_diffrn.ambient_pressure_gt    ? 
_diffrn.ambient_pressure_lt    ? 
_diffrn.ambient_temp_gt        ? 
_diffrn.ambient_temp_lt        ? 
# 
_diffrn_detector.details                      ? 
_diffrn_detector.detector                     CCD 
_diffrn_detector.diffrn_id                    1 
_diffrn_detector.type                         'RAYONIX MX300HE' 
_diffrn_detector.area_resol_mean              ? 
_diffrn_detector.dtime                        ? 
_diffrn_detector.pdbx_frames_total            ? 
_diffrn_detector.pdbx_collection_time_total   ? 
_diffrn_detector.pdbx_collection_date         2014-10-15 
# 
_diffrn_radiation.collimation                      ? 
_diffrn_radiation.diffrn_id                        1 
_diffrn_radiation.filter_edge                      ? 
_diffrn_radiation.inhomogeneity                    ? 
_diffrn_radiation.monochromator                    ? 
_diffrn_radiation.polarisn_norm                    ? 
_diffrn_radiation.polarisn_ratio                   ? 
_diffrn_radiation.probe                            ? 
_diffrn_radiation.type                             ? 
_diffrn_radiation.xray_symbol                      ? 
_diffrn_radiation.wavelength_id                    1 
_diffrn_radiation.pdbx_monochromatic_or_laue_m_l   M 
_diffrn_radiation.pdbx_wavelength_list             ? 
_diffrn_radiation.pdbx_wavelength                  ? 
_diffrn_radiation.pdbx_diffrn_protocol             'SINGLE WAVELENGTH' 
_diffrn_radiation.pdbx_analyzer                    ? 
_diffrn_radiation.pdbx_scattering_type             x-ray 
# 
_diffrn_radiation_wavelength.id           1 
_diffrn_radiation_wavelength.wavelength   0.9 
_diffrn_radiation_wavelength.wt           1.0 
# 
_diffrn_source.current                     ? 
_diffrn_source.details                     ? 
_diffrn_source.diffrn_id                   1 
_diffrn_source.power                       ? 
_diffrn_source.size                        ? 
_diffrn_source.source                      SYNCHROTRON 
_diffrn_source.target                      ? 
_diffrn_source.type                        'SPRING-8 BEAMLINE BL44XU' 
_diffrn_source.voltage                     ? 
_diffrn_source.take-off_angle              ? 
_diffrn_source.pdbx_wavelength_list        0.9 
_diffrn_source.pdbx_wavelength             ? 
_diffrn_source.pdbx_synchrotron_beamline   BL44XU 
_diffrn_source.pdbx_synchrotron_site       SPring-8 
# 
_reflns.B_iso_Wilson_estimate            ? 
_reflns.entry_id                         5D94 
_reflns.data_reduction_details           ? 
_reflns.data_reduction_method            ? 
_reflns.d_resolution_high                1.53 
_reflns.d_resolution_low                 50.0 
_reflns.details                          ? 
_reflns.limit_h_max                      ? 
_reflns.limit_h_min                      ? 
_reflns.limit_k_max                      ? 
_reflns.limit_k_min                      ? 
_reflns.limit_l_max                      ? 
_reflns.limit_l_min                      ? 
_reflns.number_all                       ? 
_reflns.number_obs                       17994 
_reflns.observed_criterion               ? 
_reflns.observed_criterion_F_max         ? 
_reflns.observed_criterion_F_min         ? 
_reflns.observed_criterion_I_max         ? 
_reflns.observed_criterion_I_min         ? 
_reflns.observed_criterion_sigma_F       ? 
_reflns.observed_criterion_sigma_I       ? 
_reflns.percent_possible_obs             96.4 
_reflns.R_free_details                   ? 
_reflns.Rmerge_F_all                     ? 
_reflns.Rmerge_F_obs                     ? 
_reflns.Friedel_coverage                 ? 
_reflns.number_gt                        ? 
_reflns.threshold_expression             ? 
_reflns.pdbx_redundancy                  3.6 
_reflns.pdbx_Rmerge_I_obs                0.052 
_reflns.pdbx_Rmerge_I_all                ? 
_reflns.pdbx_Rsym_value                  ? 
_reflns.pdbx_netI_over_av_sigmaI         ? 
_reflns.pdbx_netI_over_sigmaI            49.7 
_reflns.pdbx_res_netI_over_av_sigmaI_2   ? 
_reflns.pdbx_res_netI_over_sigmaI_2      ? 
_reflns.pdbx_chi_squared                 ? 
_reflns.pdbx_scaling_rejects             ? 
_reflns.pdbx_d_res_high_opt              ? 
_reflns.pdbx_d_res_low_opt               ? 
_reflns.pdbx_d_res_opt_method            ? 
_reflns.phase_calculation_details        ? 
_reflns.pdbx_Rrim_I_all                  ? 
_reflns.pdbx_Rpim_I_all                  ? 
_reflns.pdbx_d_opt                       ? 
_reflns.pdbx_number_measured_all         ? 
_reflns.pdbx_diffrn_id                   1 
_reflns.pdbx_ordinal                     1 
_reflns.pdbx_CC_half                     ? 
_reflns.pdbx_R_split                     ? 
# 
_reflns_shell.d_res_high                  1.53 
_reflns_shell.d_res_low                   1.56 
_reflns_shell.meanI_over_sigI_all         ? 
_reflns_shell.meanI_over_sigI_obs         ? 
_reflns_shell.number_measured_all         ? 
_reflns_shell.number_measured_obs         ? 
_reflns_shell.number_possible             ? 
_reflns_shell.number_unique_all           ? 
_reflns_shell.number_unique_obs           ? 
_reflns_shell.percent_possible_all        97.9 
_reflns_shell.percent_possible_obs        ? 
_reflns_shell.Rmerge_F_all                ? 
_reflns_shell.Rmerge_F_obs                ? 
_reflns_shell.Rmerge_I_all                ? 
_reflns_shell.Rmerge_I_obs                0.098 
_reflns_shell.meanI_over_sigI_gt          ? 
_reflns_shell.meanI_over_uI_all           ? 
_reflns_shell.meanI_over_uI_gt            ? 
_reflns_shell.number_measured_gt          ? 
_reflns_shell.number_unique_gt            ? 
_reflns_shell.percent_possible_gt         ? 
_reflns_shell.Rmerge_F_gt                 ? 
_reflns_shell.Rmerge_I_gt                 ? 
_reflns_shell.pdbx_redundancy             3.7 
_reflns_shell.pdbx_Rsym_value             ? 
_reflns_shell.pdbx_chi_squared            ? 
_reflns_shell.pdbx_netI_over_sigmaI_all   ? 
_reflns_shell.pdbx_netI_over_sigmaI_obs   ? 
_reflns_shell.pdbx_Rrim_I_all             ? 
_reflns_shell.pdbx_Rpim_I_all             ? 
_reflns_shell.pdbx_rejects                ? 
_reflns_shell.pdbx_ordinal                1 
_reflns_shell.pdbx_diffrn_id              1 
_reflns_shell.pdbx_CC_half                ? 
_reflns_shell.pdbx_R_split                ? 
# 
_refine.pdbx_refine_id                           'X-RAY DIFFRACTION' 
_refine.entry_id                                 5D94 
_refine.pdbx_diffrn_id                           1 
_refine.pdbx_TLS_residual_ADP_flag               ? 
_refine.ls_number_reflns_obs                     17088 
_refine.ls_number_reflns_all                     ? 
_refine.pdbx_ls_sigma_I                          ? 
_refine.pdbx_ls_sigma_F                          ? 
_refine.pdbx_data_cutoff_high_absF               ? 
_refine.pdbx_data_cutoff_low_absF                ? 
_refine.pdbx_data_cutoff_high_rms_absF           ? 
_refine.ls_d_res_low                             19.58 
_refine.ls_d_res_high                            1.53 
_refine.ls_percent_reflns_obs                    96.16 
_refine.ls_R_factor_obs                          0.17672 
_refine.ls_R_factor_all                          ? 
_refine.ls_R_factor_R_work                       0.17473 
_refine.ls_R_factor_R_free                       0.21473 
_refine.ls_R_factor_R_free_error                 ? 
_refine.ls_R_factor_R_free_error_details         ? 
_refine.ls_percent_reflns_R_free                 5.0 
_refine.ls_number_reflns_R_free                  898 
_refine.ls_number_parameters                     ? 
_refine.ls_number_restraints                     ? 
_refine.occupancy_min                            ? 
_refine.occupancy_max                            ? 
_refine.correlation_coeff_Fo_to_Fc               0.946 
_refine.correlation_coeff_Fo_to_Fc_free          0.919 
_refine.B_iso_mean                               13.648 
_refine.aniso_B[1][1]                            -0.00 
_refine.aniso_B[2][2]                            0.00 
_refine.aniso_B[3][3]                            -0.01 
_refine.aniso_B[1][2]                            -0.00 
_refine.aniso_B[1][3]                            -0.00 
_refine.aniso_B[2][3]                            -0.00 
_refine.solvent_model_details                    MASK 
_refine.solvent_model_param_ksol                 ? 
_refine.solvent_model_param_bsol                 ? 
_refine.pdbx_solvent_vdw_probe_radii             1.20 
_refine.pdbx_solvent_ion_probe_radii             0.80 
_refine.pdbx_solvent_shrinkage_radii             0.80 
_refine.pdbx_ls_cross_valid_method               THROUGHOUT 
_refine.details                                  'HYDROGENS HAVE BEEN USED IF PRESENT IN THE INPUT' 
_refine.pdbx_starting_model                      ? 
_refine.pdbx_method_to_determine_struct          'MOLECULAR REPLACEMENT' 
_refine.pdbx_isotropic_thermal_model             ? 
_refine.pdbx_stereochemistry_target_values       'MAXIMUM LIKELIHOOD' 
_refine.pdbx_stereochem_target_val_spec_case     ? 
_refine.pdbx_R_Free_selection_details            RANDOM 
_refine.pdbx_overall_ESU_R                       0.091 
_refine.pdbx_overall_ESU_R_Free                  0.093 
_refine.overall_SU_ML                            0.048 
_refine.pdbx_overall_phase_error                 ? 
_refine.overall_SU_B                             1.240 
_refine.overall_SU_R_Cruickshank_DPI             ? 
_refine.pdbx_overall_SU_R_free_Cruickshank_DPI   ? 
_refine.pdbx_overall_SU_R_Blow_DPI               ? 
_refine.pdbx_overall_SU_R_free_Blow_DPI          ? 
# 
_refine_hist.pdbx_refine_id                   'X-RAY DIFFRACTION' 
_refine_hist.cycle_id                         LAST 
_refine_hist.pdbx_number_atoms_protein        1085 
_refine_hist.pdbx_number_atoms_nucleic_acid   0 
_refine_hist.pdbx_number_atoms_ligand         0 
_refine_hist.number_atoms_solvent             127 
_refine_hist.number_atoms_total               1212 
_refine_hist.d_res_high                       1.53 
_refine_hist.d_res_low                        19.58 
# 
loop_
_refine_ls_restr.type 
_refine_ls_restr.dev_ideal 
_refine_ls_restr.dev_ideal_target 
_refine_ls_restr.weight 
_refine_ls_restr.number 
_refine_ls_restr.pdbx_refine_id 
_refine_ls_restr.pdbx_restraint_function 
r_bond_refined_d             0.016  0.019  ? 1193 'X-RAY DIFFRACTION' ? 
r_bond_other_d               ?      ?      ? ?    'X-RAY DIFFRACTION' ? 
r_angle_refined_deg          1.821  1.973  ? 1618 'X-RAY DIFFRACTION' ? 
r_angle_other_deg            ?      ?      ? ?    'X-RAY DIFFRACTION' ? 
r_dihedral_angle_1_deg       6.112  5.000  ? 148  'X-RAY DIFFRACTION' ? 
r_dihedral_angle_2_deg       29.301 23.729 ? 59   'X-RAY DIFFRACTION' ? 
r_dihedral_angle_3_deg       14.703 15.000 ? 235  'X-RAY DIFFRACTION' ? 
r_dihedral_angle_4_deg       20.473 15.000 ? 11   'X-RAY DIFFRACTION' ? 
r_chiral_restr               0.142  0.200  ? 182  'X-RAY DIFFRACTION' ? 
r_gen_planes_refined         0.015  0.021  ? 905  'X-RAY DIFFRACTION' ? 
r_gen_planes_other           ?      ?      ? ?    'X-RAY DIFFRACTION' ? 
r_nbd_refined                ?      ?      ? ?    'X-RAY DIFFRACTION' ? 
r_nbd_other                  ?      ?      ? ?    'X-RAY DIFFRACTION' ? 
r_nbtor_refined              ?      ?      ? ?    'X-RAY DIFFRACTION' ? 
r_nbtor_other                ?      ?      ? ?    'X-RAY DIFFRACTION' ? 
r_xyhbond_nbd_refined        ?      ?      ? ?    'X-RAY DIFFRACTION' ? 
r_xyhbond_nbd_other          ?      ?      ? ?    'X-RAY DIFFRACTION' ? 
r_metal_ion_refined          ?      ?      ? ?    'X-RAY DIFFRACTION' ? 
r_metal_ion_other            ?      ?      ? ?    'X-RAY DIFFRACTION' ? 
r_symmetry_vdw_refined       ?      ?      ? ?    'X-RAY DIFFRACTION' ? 
r_symmetry_vdw_other         ?      ?      ? ?    'X-RAY DIFFRACTION' ? 
r_symmetry_hbond_refined     ?      ?      ? ?    'X-RAY DIFFRACTION' ? 
r_symmetry_hbond_other       ?      ?      ? ?    'X-RAY DIFFRACTION' ? 
r_symmetry_metal_ion_refined ?      ?      ? ?    'X-RAY DIFFRACTION' ? 
r_symmetry_metal_ion_other   ?      ?      ? ?    'X-RAY DIFFRACTION' ? 
r_mcbond_it                  ?      ?      ? ?    'X-RAY DIFFRACTION' ? 
r_mcbond_other               ?      ?      ? ?    'X-RAY DIFFRACTION' ? 
r_mcangle_it                 ?      ?      ? ?    'X-RAY DIFFRACTION' ? 
r_mcangle_other              ?      ?      ? ?    'X-RAY DIFFRACTION' ? 
r_scbond_it                  ?      ?      ? ?    'X-RAY DIFFRACTION' ? 
r_scbond_other               ?      ?      ? ?    'X-RAY DIFFRACTION' ? 
r_scangle_it                 ?      ?      ? ?    'X-RAY DIFFRACTION' ? 
r_scangle_other              ?      ?      ? ?    'X-RAY DIFFRACTION' ? 
r_long_range_B_refined       ?      ?      ? ?    'X-RAY DIFFRACTION' ? 
r_long_range_B_other         ?      ?      ? ?    'X-RAY DIFFRACTION' ? 
r_rigid_bond_restr           ?      ?      ? ?    'X-RAY DIFFRACTION' ? 
r_sphericity_free            ?      ?      ? ?    'X-RAY DIFFRACTION' ? 
r_sphericity_bonded          ?      ?      ? ?    'X-RAY DIFFRACTION' ? 
# 
_refine_ls_shell.pdbx_refine_id                   'X-RAY DIFFRACTION' 
_refine_ls_shell.pdbx_total_number_of_bins_used   20 
_refine_ls_shell.d_res_high                       1.526 
_refine_ls_shell.d_res_low                        1.566 
_refine_ls_shell.number_reflns_R_work             1154 
_refine_ls_shell.R_factor_R_work                  0.193 
_refine_ls_shell.percent_reflns_obs               92.74 
_refine_ls_shell.R_factor_R_free                  0.255 
_refine_ls_shell.R_factor_R_free_error            ? 
_refine_ls_shell.percent_reflns_R_free            ? 
_refine_ls_shell.number_reflns_R_free             60 
_refine_ls_shell.number_reflns_all                ? 
_refine_ls_shell.R_factor_all                     ? 
_refine_ls_shell.R_factor_obs                     ? 
_refine_ls_shell.number_reflns_obs                ? 
# 
_struct.entry_id                     5D94 
_struct.title                        'Crystal structure of LC3-LIR peptide complex' 
_struct.pdbx_model_details           ? 
_struct.pdbx_formula_weight          ? 
_struct.pdbx_formula_weight_method   ? 
_struct.pdbx_model_type_details      ? 
_struct.pdbx_CASP_flag               ? 
# 
_struct_keywords.entry_id        5D94 
_struct_keywords.text            'FYCO1, autophagy, LC3, LIR, PROTEIN BINDING-PEPTIDE complex' 
_struct_keywords.pdbx_keywords   'PROTEIN BINDING/PEPTIDE' 
# 
loop_
_struct_asym.id 
_struct_asym.pdbx_blank_PDB_chainid_flag 
_struct_asym.pdbx_modified 
_struct_asym.entity_id 
_struct_asym.details 
A N N 1 ? 
B N N 2 ? 
C N N 3 ? 
D N N 3 ? 
# 
loop_
_struct_ref.id 
_struct_ref.db_name 
_struct_ref.db_code 
_struct_ref.pdbx_db_accession 
_struct_ref.pdbx_db_isoform 
_struct_ref.entity_id 
_struct_ref.pdbx_seq_one_letter_code 
_struct_ref.pdbx_align_begin 
1 UNP MLP3B_HUMAN Q9GZQ8 ? 1 
;MPSEKTFKQRRTFEQRVEDVRLIREQHPTKIPVIIERYKGEKQLPVLDKTKFLVPDHVNMSELIKIIRRRLQLNANQAFF
LLVNGHSMVSVSTPISEVYESEKDEDGFLYMVYASQETFGMKLSV
;
1    
2 UNP FYCO1_HUMAN Q9BQS8 ? 2 DDAVFDIITDEEL 1276 
# 
loop_
_struct_ref_seq.align_id 
_struct_ref_seq.ref_id 
_struct_ref_seq.pdbx_PDB_id_code 
_struct_ref_seq.pdbx_strand_id 
_struct_ref_seq.seq_align_beg 
_struct_ref_seq.pdbx_seq_align_beg_ins_code 
_struct_ref_seq.seq_align_end 
_struct_ref_seq.pdbx_seq_align_end_ins_code 
_struct_ref_seq.pdbx_db_accession 
_struct_ref_seq.db_align_beg 
_struct_ref_seq.pdbx_db_align_beg_ins_code 
_struct_ref_seq.db_align_end 
_struct_ref_seq.pdbx_db_align_end_ins_code 
_struct_ref_seq.pdbx_auth_seq_align_beg 
_struct_ref_seq.pdbx_auth_seq_align_end 
1 1 5D94 A 6 ? 130 ? Q9GZQ8 1    ? 125  ? 1    125  
2 2 5D94 B 1 ? 13  ? Q9BQS8 1276 ? 1288 ? 1276 1288 
# 
loop_
_struct_ref_seq_dif.align_id 
_struct_ref_seq_dif.pdbx_pdb_id_code 
_struct_ref_seq_dif.mon_id 
_struct_ref_seq_dif.pdbx_pdb_strand_id 
_struct_ref_seq_dif.seq_num 
_struct_ref_seq_dif.pdbx_pdb_ins_code 
_struct_ref_seq_dif.pdbx_seq_db_name 
_struct_ref_seq_dif.pdbx_seq_db_accession_code 
_struct_ref_seq_dif.db_mon_id 
_struct_ref_seq_dif.pdbx_seq_db_seq_num 
_struct_ref_seq_dif.details 
_struct_ref_seq_dif.pdbx_auth_seq_num 
_struct_ref_seq_dif.pdbx_ordinal 
1 5D94 GLY A 1 ? UNP Q9GZQ8 ? ? 'expression tag' -4 1 
1 5D94 PRO A 2 ? UNP Q9GZQ8 ? ? 'expression tag' -3 2 
1 5D94 LEU A 3 ? UNP Q9GZQ8 ? ? 'expression tag' -2 3 
1 5D94 GLY A 4 ? UNP Q9GZQ8 ? ? 'expression tag' -1 4 
1 5D94 SER A 5 ? UNP Q9GZQ8 ? ? 'expression tag' 0  5 
# 
_pdbx_struct_assembly.id                   1 
_pdbx_struct_assembly.details              author_and_software_defined_assembly 
_pdbx_struct_assembly.method_details       PISA 
_pdbx_struct_assembly.oligomeric_details   dimeric 
_pdbx_struct_assembly.oligomeric_count     2 
# 
loop_
_pdbx_struct_assembly_prop.biol_id 
_pdbx_struct_assembly_prop.type 
_pdbx_struct_assembly_prop.value 
_pdbx_struct_assembly_prop.details 
1 'ABSA (A^2)' 1440 ? 
1 MORE         -6   ? 
1 'SSA (A^2)'  7670 ? 
# 
_pdbx_struct_assembly_gen.assembly_id       1 
_pdbx_struct_assembly_gen.oper_expression   1 
_pdbx_struct_assembly_gen.asym_id_list      A,B,C,D 
# 
_pdbx_struct_oper_list.id                   1 
_pdbx_struct_oper_list.type                 'identity operation' 
_pdbx_struct_oper_list.name                 1_555 
_pdbx_struct_oper_list.symmetry_operation   x,y,z 
_pdbx_struct_oper_list.matrix[1][1]         1.0000000000 
_pdbx_struct_oper_list.matrix[1][2]         0.0000000000 
_pdbx_struct_oper_list.matrix[1][3]         0.0000000000 
_pdbx_struct_oper_list.vector[1]            0.0000000000 
_pdbx_struct_oper_list.matrix[2][1]         0.0000000000 
_pdbx_struct_oper_list.matrix[2][2]         1.0000000000 
_pdbx_struct_oper_list.matrix[2][3]         0.0000000000 
_pdbx_struct_oper_list.vector[2]            0.0000000000 
_pdbx_struct_oper_list.matrix[3][1]         0.0000000000 
_pdbx_struct_oper_list.matrix[3][2]         0.0000000000 
_pdbx_struct_oper_list.matrix[3][3]         1.0000000000 
_pdbx_struct_oper_list.vector[3]            0.0000000000 
# 
loop_
_struct_conf.conf_type_id 
_struct_conf.id 
_struct_conf.pdbx_PDB_helix_id 
_struct_conf.beg_label_comp_id 
_struct_conf.beg_label_asym_id 
_struct_conf.beg_label_seq_id 
_struct_conf.pdbx_beg_PDB_ins_code 
_struct_conf.end_label_comp_id 
_struct_conf.end_label_asym_id 
_struct_conf.end_label_seq_id 
_struct_conf.pdbx_end_PDB_ins_code 
_struct_conf.beg_auth_comp_id 
_struct_conf.beg_auth_asym_id 
_struct_conf.beg_auth_seq_id 
_struct_conf.end_auth_comp_id 
_struct_conf.end_auth_asym_id 
_struct_conf.end_auth_seq_id 
_struct_conf.pdbx_PDB_helix_class 
_struct_conf.details 
_struct_conf.pdbx_PDB_helix_length 
HELX_P HELX_P1 AA1 THR A 11  ? ARG A 16  ? THR A 6    ARG A 11   1 ? 6  
HELX_P HELX_P2 AA2 THR A 17  ? HIS A 32  ? THR A 12   HIS A 27   1 ? 16 
HELX_P HELX_P3 AA3 ASN A 64  ? LEU A 76  ? ASN A 59   LEU A 71   1 ? 13 
HELX_P HELX_P4 AA4 PRO A 99  ? LYS A 108 ? PRO A 94   LYS A 103  1 ? 10 
HELX_P HELX_P5 AA5 SER A 120 ? GLY A 125 ? SER A 115  GLY A 120  1 ? 6  
HELX_P HELX_P6 AA6 THR B 9   ? LEU B 13  ? THR B 1284 LEU B 1288 5 ? 5  
# 
_struct_conf_type.id          HELX_P 
_struct_conf_type.criteria    ? 
_struct_conf_type.reference   ? 
# 
_struct_sheet.id               AA1 
_struct_sheet.type             ? 
_struct_sheet.number_strands   6 
_struct_sheet.details          ? 
# 
loop_
_struct_sheet_order.sheet_id 
_struct_sheet_order.range_id_1 
_struct_sheet_order.range_id_2 
_struct_sheet_order.offset 
_struct_sheet_order.sense 
AA1 1 2 ? anti-parallel 
AA1 2 3 ? anti-parallel 
AA1 3 4 ? parallel      
AA1 4 5 ? anti-parallel 
AA1 5 6 ? parallel      
# 
loop_
_struct_sheet_range.sheet_id 
_struct_sheet_range.id 
_struct_sheet_range.beg_label_comp_id 
_struct_sheet_range.beg_label_asym_id 
_struct_sheet_range.beg_label_seq_id 
_struct_sheet_range.pdbx_beg_PDB_ins_code 
_struct_sheet_range.end_label_comp_id 
_struct_sheet_range.end_label_asym_id 
_struct_sheet_range.end_label_seq_id 
_struct_sheet_range.pdbx_end_PDB_ins_code 
_struct_sheet_range.beg_auth_comp_id 
_struct_sheet_range.beg_auth_asym_id 
_struct_sheet_range.beg_auth_seq_id 
_struct_sheet_range.end_auth_comp_id 
_struct_sheet_range.end_auth_asym_id 
_struct_sheet_range.end_auth_seq_id 
AA1 1 HIS A 91  ? SER A 92  ? HIS A 86   SER A 87   
AA1 2 PHE A 85  ? VAL A 88  ? PHE A 80   VAL A 83   
AA1 3 LEU A 114 ? ALA A 119 ? LEU A 109  ALA A 114  
AA1 4 LYS A 35  ? ARG A 42  ? LYS A 30   ARG A 37   
AA1 5 LYS A 56  ? PRO A 60  ? LYS A 51   PRO A 55   
AA1 6 ASP B 6   ? ILE B 7   ? ASP B 1281 ILE B 1282 
# 
loop_
_pdbx_struct_sheet_hbond.sheet_id 
_pdbx_struct_sheet_hbond.range_id_1 
_pdbx_struct_sheet_hbond.range_id_2 
_pdbx_struct_sheet_hbond.range_1_label_atom_id 
_pdbx_struct_sheet_hbond.range_1_label_comp_id 
_pdbx_struct_sheet_hbond.range_1_label_asym_id 
_pdbx_struct_sheet_hbond.range_1_label_seq_id 
_pdbx_struct_sheet_hbond.range_1_PDB_ins_code 
_pdbx_struct_sheet_hbond.range_1_auth_atom_id 
_pdbx_struct_sheet_hbond.range_1_auth_comp_id 
_pdbx_struct_sheet_hbond.range_1_auth_asym_id 
_pdbx_struct_sheet_hbond.range_1_auth_seq_id 
_pdbx_struct_sheet_hbond.range_2_label_atom_id 
_pdbx_struct_sheet_hbond.range_2_label_comp_id 
_pdbx_struct_sheet_hbond.range_2_label_asym_id 
_pdbx_struct_sheet_hbond.range_2_label_seq_id 
_pdbx_struct_sheet_hbond.range_2_PDB_ins_code 
_pdbx_struct_sheet_hbond.range_2_auth_atom_id 
_pdbx_struct_sheet_hbond.range_2_auth_comp_id 
_pdbx_struct_sheet_hbond.range_2_auth_asym_id 
_pdbx_struct_sheet_hbond.range_2_auth_seq_id 
AA1 1 2 O HIS A 91  ? O HIS A 86  N VAL A 88  ? N VAL A 83   
AA1 2 3 N PHE A 85  ? N PHE A 80  O ALA A 119 ? O ALA A 114  
AA1 3 4 O LEU A 114 ? O LEU A 109 N ILE A 39  ? N ILE A 34   
AA1 4 5 N VAL A 38  ? N VAL A 33  O PHE A 57  ? O PHE A 52   
AA1 5 6 N LYS A 56  ? N LYS A 51  O ASP B 6   ? O ASP B 1281 
# 
loop_
_pdbx_validate_close_contact.id 
_pdbx_validate_close_contact.PDB_model_num 
_pdbx_validate_close_contact.auth_atom_id_1 
_pdbx_validate_close_contact.auth_asym_id_1 
_pdbx_validate_close_contact.auth_comp_id_1 
_pdbx_validate_close_contact.auth_seq_id_1 
_pdbx_validate_close_contact.PDB_ins_code_1 
_pdbx_validate_close_contact.label_alt_id_1 
_pdbx_validate_close_contact.auth_atom_id_2 
_pdbx_validate_close_contact.auth_asym_id_2 
_pdbx_validate_close_contact.auth_comp_id_2 
_pdbx_validate_close_contact.auth_seq_id_2 
_pdbx_validate_close_contact.PDB_ins_code_2 
_pdbx_validate_close_contact.label_alt_id_2 
_pdbx_validate_close_contact.dist 
1 1 OE1 A GLN 116 ? ? O   A HOH 201 ? ? 1.91 
2 1 NH1 A ARG 24  ? B O   A HOH 202 ? ? 2.01 
3 1 OD1 A ASP 19  ? B O   A HOH 203 ? ? 2.01 
4 1 OE2 A GLU 18  ? ? NH1 A ARG 21  ? ? 2.15 
# 
_pdbx_validate_rmsd_angle.id                         1 
_pdbx_validate_rmsd_angle.PDB_model_num              1 
_pdbx_validate_rmsd_angle.auth_atom_id_1             NE 
_pdbx_validate_rmsd_angle.auth_asym_id_1             A 
_pdbx_validate_rmsd_angle.auth_comp_id_1             ARG 
_pdbx_validate_rmsd_angle.auth_seq_id_1              21 
_pdbx_validate_rmsd_angle.PDB_ins_code_1             ? 
_pdbx_validate_rmsd_angle.label_alt_id_1             ? 
_pdbx_validate_rmsd_angle.auth_atom_id_2             CZ 
_pdbx_validate_rmsd_angle.auth_asym_id_2             A 
_pdbx_validate_rmsd_angle.auth_comp_id_2             ARG 
_pdbx_validate_rmsd_angle.auth_seq_id_2              21 
_pdbx_validate_rmsd_angle.PDB_ins_code_2             ? 
_pdbx_validate_rmsd_angle.label_alt_id_2             ? 
_pdbx_validate_rmsd_angle.auth_atom_id_3             NH2 
_pdbx_validate_rmsd_angle.auth_asym_id_3             A 
_pdbx_validate_rmsd_angle.auth_comp_id_3             ARG 
_pdbx_validate_rmsd_angle.auth_seq_id_3              21 
_pdbx_validate_rmsd_angle.PDB_ins_code_3             ? 
_pdbx_validate_rmsd_angle.label_alt_id_3             ? 
_pdbx_validate_rmsd_angle.angle_value                123.33 
_pdbx_validate_rmsd_angle.angle_target_value         120.30 
_pdbx_validate_rmsd_angle.angle_deviation            3.03 
_pdbx_validate_rmsd_angle.angle_standard_deviation   0.50 
_pdbx_validate_rmsd_angle.linker_flag                N 
# 
_phasing.method   MR 
# 
loop_
_pdbx_unobs_or_zero_occ_residues.id 
_pdbx_unobs_or_zero_occ_residues.PDB_model_num 
_pdbx_unobs_or_zero_occ_residues.polymer_flag 
_pdbx_unobs_or_zero_occ_residues.occupancy_flag 
_pdbx_unobs_or_zero_occ_residues.auth_asym_id 
_pdbx_unobs_or_zero_occ_residues.auth_comp_id 
_pdbx_unobs_or_zero_occ_residues.auth_seq_id 
_pdbx_unobs_or_zero_occ_residues.PDB_ins_code 
_pdbx_unobs_or_zero_occ_residues.label_asym_id 
_pdbx_unobs_or_zero_occ_residues.label_comp_id 
_pdbx_unobs_or_zero_occ_residues.label_seq_id 
1  1 Y 1 A GLY -4   ? A GLY 1   
2  1 Y 1 A PRO -3   ? A PRO 2   
3  1 Y 1 A LEU -2   ? A LEU 3   
4  1 Y 1 A GLY -1   ? A GLY 4   
5  1 Y 1 A SER 0    ? A SER 5   
6  1 Y 1 A MET 1    ? A MET 6   
7  1 Y 1 A PRO 2    ? A PRO 7   
8  1 Y 1 A SER 3    ? A SER 8   
9  1 Y 1 A GLU 4    ? A GLU 9   
10 1 Y 1 A SER 124  ? A SER 129 
11 1 Y 1 A VAL 125  ? A VAL 130 
12 1 Y 1 B ASP 1276 ? B ASP 1   
# 
loop_
_chem_comp_atom.comp_id 
_chem_comp_atom.atom_id 
_chem_comp_atom.type_symbol 
_chem_comp_atom.pdbx_aromatic_flag 
_chem_comp_atom.pdbx_stereo_config 
_chem_comp_atom.pdbx_ordinal 
ALA N    N N N 1   
ALA CA   C N S 2   
ALA C    C N N 3   
ALA O    O N N 4   
ALA CB   C N N 5   
ALA OXT  O N N 6   
ALA H    H N N 7   
ALA H2   H N N 8   
ALA HA   H N N 9   
ALA HB1  H N N 10  
ALA HB2  H N N 11  
ALA HB3  H N N 12  
ALA HXT  H N N 13  
ARG N    N N N 14  
ARG CA   C N S 15  
ARG C    C N N 16  
ARG O    O N N 17  
ARG CB   C N N 18  
ARG CG   C N N 19  
ARG CD   C N N 20  
ARG NE   N N N 21  
ARG CZ   C N N 22  
ARG NH1  N N N 23  
ARG NH2  N N N 24  
ARG OXT  O N N 25  
ARG H    H N N 26  
ARG H2   H N N 27  
ARG HA   H N N 28  
ARG HB2  H N N 29  
ARG HB3  H N N 30  
ARG HG2  H N N 31  
ARG HG3  H N N 32  
ARG HD2  H N N 33  
ARG HD3  H N N 34  
ARG HE   H N N 35  
ARG HH11 H N N 36  
ARG HH12 H N N 37  
ARG HH21 H N N 38  
ARG HH22 H N N 39  
ARG HXT  H N N 40  
ASN N    N N N 41  
ASN CA   C N S 42  
ASN C    C N N 43  
ASN O    O N N 44  
ASN CB   C N N 45  
ASN CG   C N N 46  
ASN OD1  O N N 47  
ASN ND2  N N N 48  
ASN OXT  O N N 49  
ASN H    H N N 50  
ASN H2   H N N 51  
ASN HA   H N N 52  
ASN HB2  H N N 53  
ASN HB3  H N N 54  
ASN HD21 H N N 55  
ASN HD22 H N N 56  
ASN HXT  H N N 57  
ASP N    N N N 58  
ASP CA   C N S 59  
ASP C    C N N 60  
ASP O    O N N 61  
ASP CB   C N N 62  
ASP CG   C N N 63  
ASP OD1  O N N 64  
ASP OD2  O N N 65  
ASP OXT  O N N 66  
ASP H    H N N 67  
ASP H2   H N N 68  
ASP HA   H N N 69  
ASP HB2  H N N 70  
ASP HB3  H N N 71  
ASP HD2  H N N 72  
ASP HXT  H N N 73  
GLN N    N N N 74  
GLN CA   C N S 75  
GLN C    C N N 76  
GLN O    O N N 77  
GLN CB   C N N 78  
GLN CG   C N N 79  
GLN CD   C N N 80  
GLN OE1  O N N 81  
GLN NE2  N N N 82  
GLN OXT  O N N 83  
GLN H    H N N 84  
GLN H2   H N N 85  
GLN HA   H N N 86  
GLN HB2  H N N 87  
GLN HB3  H N N 88  
GLN HG2  H N N 89  
GLN HG3  H N N 90  
GLN HE21 H N N 91  
GLN HE22 H N N 92  
GLN HXT  H N N 93  
GLU N    N N N 94  
GLU CA   C N S 95  
GLU C    C N N 96  
GLU O    O N N 97  
GLU CB   C N N 98  
GLU CG   C N N 99  
GLU CD   C N N 100 
GLU OE1  O N N 101 
GLU OE2  O N N 102 
GLU OXT  O N N 103 
GLU H    H N N 104 
GLU H2   H N N 105 
GLU HA   H N N 106 
GLU HB2  H N N 107 
GLU HB3  H N N 108 
GLU HG2  H N N 109 
GLU HG3  H N N 110 
GLU HE2  H N N 111 
GLU HXT  H N N 112 
GLY N    N N N 113 
GLY CA   C N N 114 
GLY C    C N N 115 
GLY O    O N N 116 
GLY OXT  O N N 117 
GLY H    H N N 118 
GLY H2   H N N 119 
GLY HA2  H N N 120 
GLY HA3  H N N 121 
GLY HXT  H N N 122 
HIS N    N N N 123 
HIS CA   C N S 124 
HIS C    C N N 125 
HIS O    O N N 126 
HIS CB   C N N 127 
HIS CG   C Y N 128 
HIS ND1  N Y N 129 
HIS CD2  C Y N 130 
HIS CE1  C Y N 131 
HIS NE2  N Y N 132 
HIS OXT  O N N 133 
HIS H    H N N 134 
HIS H2   H N N 135 
HIS HA   H N N 136 
HIS HB2  H N N 137 
HIS HB3  H N N 138 
HIS HD1  H N N 139 
HIS HD2  H N N 140 
HIS HE1  H N N 141 
HIS HE2  H N N 142 
HIS HXT  H N N 143 
HOH O    O N N 144 
HOH H1   H N N 145 
HOH H2   H N N 146 
ILE N    N N N 147 
ILE CA   C N S 148 
ILE C    C N N 149 
ILE O    O N N 150 
ILE CB   C N S 151 
ILE CG1  C N N 152 
ILE CG2  C N N 153 
ILE CD1  C N N 154 
ILE OXT  O N N 155 
ILE H    H N N 156 
ILE H2   H N N 157 
ILE HA   H N N 158 
ILE HB   H N N 159 
ILE HG12 H N N 160 
ILE HG13 H N N 161 
ILE HG21 H N N 162 
ILE HG22 H N N 163 
ILE HG23 H N N 164 
ILE HD11 H N N 165 
ILE HD12 H N N 166 
ILE HD13 H N N 167 
ILE HXT  H N N 168 
LEU N    N N N 169 
LEU CA   C N S 170 
LEU C    C N N 171 
LEU O    O N N 172 
LEU CB   C N N 173 
LEU CG   C N N 174 
LEU CD1  C N N 175 
LEU CD2  C N N 176 
LEU OXT  O N N 177 
LEU H    H N N 178 
LEU H2   H N N 179 
LEU HA   H N N 180 
LEU HB2  H N N 181 
LEU HB3  H N N 182 
LEU HG   H N N 183 
LEU HD11 H N N 184 
LEU HD12 H N N 185 
LEU HD13 H N N 186 
LEU HD21 H N N 187 
LEU HD22 H N N 188 
LEU HD23 H N N 189 
LEU HXT  H N N 190 
LYS N    N N N 191 
LYS CA   C N S 192 
LYS C    C N N 193 
LYS O    O N N 194 
LYS CB   C N N 195 
LYS CG   C N N 196 
LYS CD   C N N 197 
LYS CE   C N N 198 
LYS NZ   N N N 199 
LYS OXT  O N N 200 
LYS H    H N N 201 
LYS H2   H N N 202 
LYS HA   H N N 203 
LYS HB2  H N N 204 
LYS HB3  H N N 205 
LYS HG2  H N N 206 
LYS HG3  H N N 207 
LYS HD2  H N N 208 
LYS HD3  H N N 209 
LYS HE2  H N N 210 
LYS HE3  H N N 211 
LYS HZ1  H N N 212 
LYS HZ2  H N N 213 
LYS HZ3  H N N 214 
LYS HXT  H N N 215 
MET N    N N N 216 
MET CA   C N S 217 
MET C    C N N 218 
MET O    O N N 219 
MET CB   C N N 220 
MET CG   C N N 221 
MET SD   S N N 222 
MET CE   C N N 223 
MET OXT  O N N 224 
MET H    H N N 225 
MET H2   H N N 226 
MET HA   H N N 227 
MET HB2  H N N 228 
MET HB3  H N N 229 
MET HG2  H N N 230 
MET HG3  H N N 231 
MET HE1  H N N 232 
MET HE2  H N N 233 
MET HE3  H N N 234 
MET HXT  H N N 235 
PHE N    N N N 236 
PHE CA   C N S 237 
PHE C    C N N 238 
PHE O    O N N 239 
PHE CB   C N N 240 
PHE CG   C Y N 241 
PHE CD1  C Y N 242 
PHE CD2  C Y N 243 
PHE CE1  C Y N 244 
PHE CE2  C Y N 245 
PHE CZ   C Y N 246 
PHE OXT  O N N 247 
PHE H    H N N 248 
PHE H2   H N N 249 
PHE HA   H N N 250 
PHE HB2  H N N 251 
PHE HB3  H N N 252 
PHE HD1  H N N 253 
PHE HD2  H N N 254 
PHE HE1  H N N 255 
PHE HE2  H N N 256 
PHE HZ   H N N 257 
PHE HXT  H N N 258 
PRO N    N N N 259 
PRO CA   C N S 260 
PRO C    C N N 261 
PRO O    O N N 262 
PRO CB   C N N 263 
PRO CG   C N N 264 
PRO CD   C N N 265 
PRO OXT  O N N 266 
PRO H    H N N 267 
PRO HA   H N N 268 
PRO HB2  H N N 269 
PRO HB3  H N N 270 
PRO HG2  H N N 271 
PRO HG3  H N N 272 
PRO HD2  H N N 273 
PRO HD3  H N N 274 
PRO HXT  H N N 275 
SER N    N N N 276 
SER CA   C N S 277 
SER C    C N N 278 
SER O    O N N 279 
SER CB   C N N 280 
SER OG   O N N 281 
SER OXT  O N N 282 
SER H    H N N 283 
SER H2   H N N 284 
SER HA   H N N 285 
SER HB2  H N N 286 
SER HB3  H N N 287 
SER HG   H N N 288 
SER HXT  H N N 289 
THR N    N N N 290 
THR CA   C N S 291 
THR C    C N N 292 
THR O    O N N 293 
THR CB   C N R 294 
THR OG1  O N N 295 
THR CG2  C N N 296 
THR OXT  O N N 297 
THR H    H N N 298 
THR H2   H N N 299 
THR HA   H N N 300 
THR HB   H N N 301 
THR HG1  H N N 302 
THR HG21 H N N 303 
THR HG22 H N N 304 
THR HG23 H N N 305 
THR HXT  H N N 306 
TYR N    N N N 307 
TYR CA   C N S 308 
TYR C    C N N 309 
TYR O    O N N 310 
TYR CB   C N N 311 
TYR CG   C Y N 312 
TYR CD1  C Y N 313 
TYR CD2  C Y N 314 
TYR CE1  C Y N 315 
TYR CE2  C Y N 316 
TYR CZ   C Y N 317 
TYR OH   O N N 318 
TYR OXT  O N N 319 
TYR H    H N N 320 
TYR H2   H N N 321 
TYR HA   H N N 322 
TYR HB2  H N N 323 
TYR HB3  H N N 324 
TYR HD1  H N N 325 
TYR HD2  H N N 326 
TYR HE1  H N N 327 
TYR HE2  H N N 328 
TYR HH   H N N 329 
TYR HXT  H N N 330 
VAL N    N N N 331 
VAL CA   C N S 332 
VAL C    C N N 333 
VAL O    O N N 334 
VAL CB   C N N 335 
VAL CG1  C N N 336 
VAL CG2  C N N 337 
VAL OXT  O N N 338 
VAL H    H N N 339 
VAL H2   H N N 340 
VAL HA   H N N 341 
VAL HB   H N N 342 
VAL HG11 H N N 343 
VAL HG12 H N N 344 
VAL HG13 H N N 345 
VAL HG21 H N N 346 
VAL HG22 H N N 347 
VAL HG23 H N N 348 
VAL HXT  H N N 349 
# 
loop_
_chem_comp_bond.comp_id 
_chem_comp_bond.atom_id_1 
_chem_comp_bond.atom_id_2 
_chem_comp_bond.value_order 
_chem_comp_bond.pdbx_aromatic_flag 
_chem_comp_bond.pdbx_stereo_config 
_chem_comp_bond.pdbx_ordinal 
ALA N   CA   sing N N 1   
ALA N   H    sing N N 2   
ALA N   H2   sing N N 3   
ALA CA  C    sing N N 4   
ALA CA  CB   sing N N 5   
ALA CA  HA   sing N N 6   
ALA C   O    doub N N 7   
ALA C   OXT  sing N N 8   
ALA CB  HB1  sing N N 9   
ALA CB  HB2  sing N N 10  
ALA CB  HB3  sing N N 11  
ALA OXT HXT  sing N N 12  
ARG N   CA   sing N N 13  
ARG N   H    sing N N 14  
ARG N   H2   sing N N 15  
ARG CA  C    sing N N 16  
ARG CA  CB   sing N N 17  
ARG CA  HA   sing N N 18  
ARG C   O    doub N N 19  
ARG C   OXT  sing N N 20  
ARG CB  CG   sing N N 21  
ARG CB  HB2  sing N N 22  
ARG CB  HB3  sing N N 23  
ARG CG  CD   sing N N 24  
ARG CG  HG2  sing N N 25  
ARG CG  HG3  sing N N 26  
ARG CD  NE   sing N N 27  
ARG CD  HD2  sing N N 28  
ARG CD  HD3  sing N N 29  
ARG NE  CZ   sing N N 30  
ARG NE  HE   sing N N 31  
ARG CZ  NH1  sing N N 32  
ARG CZ  NH2  doub N N 33  
ARG NH1 HH11 sing N N 34  
ARG NH1 HH12 sing N N 35  
ARG NH2 HH21 sing N N 36  
ARG NH2 HH22 sing N N 37  
ARG OXT HXT  sing N N 38  
ASN N   CA   sing N N 39  
ASN N   H    sing N N 40  
ASN N   H2   sing N N 41  
ASN CA  C    sing N N 42  
ASN CA  CB   sing N N 43  
ASN CA  HA   sing N N 44  
ASN C   O    doub N N 45  
ASN C   OXT  sing N N 46  
ASN CB  CG   sing N N 47  
ASN CB  HB2  sing N N 48  
ASN CB  HB3  sing N N 49  
ASN CG  OD1  doub N N 50  
ASN CG  ND2  sing N N 51  
ASN ND2 HD21 sing N N 52  
ASN ND2 HD22 sing N N 53  
ASN OXT HXT  sing N N 54  
ASP N   CA   sing N N 55  
ASP N   H    sing N N 56  
ASP N   H2   sing N N 57  
ASP CA  C    sing N N 58  
ASP CA  CB   sing N N 59  
ASP CA  HA   sing N N 60  
ASP C   O    doub N N 61  
ASP C   OXT  sing N N 62  
ASP CB  CG   sing N N 63  
ASP CB  HB2  sing N N 64  
ASP CB  HB3  sing N N 65  
ASP CG  OD1  doub N N 66  
ASP CG  OD2  sing N N 67  
ASP OD2 HD2  sing N N 68  
ASP OXT HXT  sing N N 69  
GLN N   CA   sing N N 70  
GLN N   H    sing N N 71  
GLN N   H2   sing N N 72  
GLN CA  C    sing N N 73  
GLN CA  CB   sing N N 74  
GLN CA  HA   sing N N 75  
GLN C   O    doub N N 76  
GLN C   OXT  sing N N 77  
GLN CB  CG   sing N N 78  
GLN CB  HB2  sing N N 79  
GLN CB  HB3  sing N N 80  
GLN CG  CD   sing N N 81  
GLN CG  HG2  sing N N 82  
GLN CG  HG3  sing N N 83  
GLN CD  OE1  doub N N 84  
GLN CD  NE2  sing N N 85  
GLN NE2 HE21 sing N N 86  
GLN NE2 HE22 sing N N 87  
GLN OXT HXT  sing N N 88  
GLU N   CA   sing N N 89  
GLU N   H    sing N N 90  
GLU N   H2   sing N N 91  
GLU CA  C    sing N N 92  
GLU CA  CB   sing N N 93  
GLU CA  HA   sing N N 94  
GLU C   O    doub N N 95  
GLU C   OXT  sing N N 96  
GLU CB  CG   sing N N 97  
GLU CB  HB2  sing N N 98  
GLU CB  HB3  sing N N 99  
GLU CG  CD   sing N N 100 
GLU CG  HG2  sing N N 101 
GLU CG  HG3  sing N N 102 
GLU CD  OE1  doub N N 103 
GLU CD  OE2  sing N N 104 
GLU OE2 HE2  sing N N 105 
GLU OXT HXT  sing N N 106 
GLY N   CA   sing N N 107 
GLY N   H    sing N N 108 
GLY N   H2   sing N N 109 
GLY CA  C    sing N N 110 
GLY CA  HA2  sing N N 111 
GLY CA  HA3  sing N N 112 
GLY C   O    doub N N 113 
GLY C   OXT  sing N N 114 
GLY OXT HXT  sing N N 115 
HIS N   CA   sing N N 116 
HIS N   H    sing N N 117 
HIS N   H2   sing N N 118 
HIS CA  C    sing N N 119 
HIS CA  CB   sing N N 120 
HIS CA  HA   sing N N 121 
HIS C   O    doub N N 122 
HIS C   OXT  sing N N 123 
HIS CB  CG   sing N N 124 
HIS CB  HB2  sing N N 125 
HIS CB  HB3  sing N N 126 
HIS CG  ND1  sing Y N 127 
HIS CG  CD2  doub Y N 128 
HIS ND1 CE1  doub Y N 129 
HIS ND1 HD1  sing N N 130 
HIS CD2 NE2  sing Y N 131 
HIS CD2 HD2  sing N N 132 
HIS CE1 NE2  sing Y N 133 
HIS CE1 HE1  sing N N 134 
HIS NE2 HE2  sing N N 135 
HIS OXT HXT  sing N N 136 
HOH O   H1   sing N N 137 
HOH O   H2   sing N N 138 
ILE N   CA   sing N N 139 
ILE N   H    sing N N 140 
ILE N   H2   sing N N 141 
ILE CA  C    sing N N 142 
ILE CA  CB   sing N N 143 
ILE CA  HA   sing N N 144 
ILE C   O    doub N N 145 
ILE C   OXT  sing N N 146 
ILE CB  CG1  sing N N 147 
ILE CB  CG2  sing N N 148 
ILE CB  HB   sing N N 149 
ILE CG1 CD1  sing N N 150 
ILE CG1 HG12 sing N N 151 
ILE CG1 HG13 sing N N 152 
ILE CG2 HG21 sing N N 153 
ILE CG2 HG22 sing N N 154 
ILE CG2 HG23 sing N N 155 
ILE CD1 HD11 sing N N 156 
ILE CD1 HD12 sing N N 157 
ILE CD1 HD13 sing N N 158 
ILE OXT HXT  sing N N 159 
LEU N   CA   sing N N 160 
LEU N   H    sing N N 161 
LEU N   H2   sing N N 162 
LEU CA  C    sing N N 163 
LEU CA  CB   sing N N 164 
LEU CA  HA   sing N N 165 
LEU C   O    doub N N 166 
LEU C   OXT  sing N N 167 
LEU CB  CG   sing N N 168 
LEU CB  HB2  sing N N 169 
LEU CB  HB3  sing N N 170 
LEU CG  CD1  sing N N 171 
LEU CG  CD2  sing N N 172 
LEU CG  HG   sing N N 173 
LEU CD1 HD11 sing N N 174 
LEU CD1 HD12 sing N N 175 
LEU CD1 HD13 sing N N 176 
LEU CD2 HD21 sing N N 177 
LEU CD2 HD22 sing N N 178 
LEU CD2 HD23 sing N N 179 
LEU OXT HXT  sing N N 180 
LYS N   CA   sing N N 181 
LYS N   H    sing N N 182 
LYS N   H2   sing N N 183 
LYS CA  C    sing N N 184 
LYS CA  CB   sing N N 185 
LYS CA  HA   sing N N 186 
LYS C   O    doub N N 187 
LYS C   OXT  sing N N 188 
LYS CB  CG   sing N N 189 
LYS CB  HB2  sing N N 190 
LYS CB  HB3  sing N N 191 
LYS CG  CD   sing N N 192 
LYS CG  HG2  sing N N 193 
LYS CG  HG3  sing N N 194 
LYS CD  CE   sing N N 195 
LYS CD  HD2  sing N N 196 
LYS CD  HD3  sing N N 197 
LYS CE  NZ   sing N N 198 
LYS CE  HE2  sing N N 199 
LYS CE  HE3  sing N N 200 
LYS NZ  HZ1  sing N N 201 
LYS NZ  HZ2  sing N N 202 
LYS NZ  HZ3  sing N N 203 
LYS OXT HXT  sing N N 204 
MET N   CA   sing N N 205 
MET N   H    sing N N 206 
MET N   H2   sing N N 207 
MET CA  C    sing N N 208 
MET CA  CB   sing N N 209 
MET CA  HA   sing N N 210 
MET C   O    doub N N 211 
MET C   OXT  sing N N 212 
MET CB  CG   sing N N 213 
MET CB  HB2  sing N N 214 
MET CB  HB3  sing N N 215 
MET CG  SD   sing N N 216 
MET CG  HG2  sing N N 217 
MET CG  HG3  sing N N 218 
MET SD  CE   sing N N 219 
MET CE  HE1  sing N N 220 
MET CE  HE2  sing N N 221 
MET CE  HE3  sing N N 222 
MET OXT HXT  sing N N 223 
PHE N   CA   sing N N 224 
PHE N   H    sing N N 225 
PHE N   H2   sing N N 226 
PHE CA  C    sing N N 227 
PHE CA  CB   sing N N 228 
PHE CA  HA   sing N N 229 
PHE C   O    doub N N 230 
PHE C   OXT  sing N N 231 
PHE CB  CG   sing N N 232 
PHE CB  HB2  sing N N 233 
PHE CB  HB3  sing N N 234 
PHE CG  CD1  doub Y N 235 
PHE CG  CD2  sing Y N 236 
PHE CD1 CE1  sing Y N 237 
PHE CD1 HD1  sing N N 238 
PHE CD2 CE2  doub Y N 239 
PHE CD2 HD2  sing N N 240 
PHE CE1 CZ   doub Y N 241 
PHE CE1 HE1  sing N N 242 
PHE CE2 CZ   sing Y N 243 
PHE CE2 HE2  sing N N 244 
PHE CZ  HZ   sing N N 245 
PHE OXT HXT  sing N N 246 
PRO N   CA   sing N N 247 
PRO N   CD   sing N N 248 
PRO N   H    sing N N 249 
PRO CA  C    sing N N 250 
PRO CA  CB   sing N N 251 
PRO CA  HA   sing N N 252 
PRO C   O    doub N N 253 
PRO C   OXT  sing N N 254 
PRO CB  CG   sing N N 255 
PRO CB  HB2  sing N N 256 
PRO CB  HB3  sing N N 257 
PRO CG  CD   sing N N 258 
PRO CG  HG2  sing N N 259 
PRO CG  HG3  sing N N 260 
PRO CD  HD2  sing N N 261 
PRO CD  HD3  sing N N 262 
PRO OXT HXT  sing N N 263 
SER N   CA   sing N N 264 
SER N   H    sing N N 265 
SER N   H2   sing N N 266 
SER CA  C    sing N N 267 
SER CA  CB   sing N N 268 
SER CA  HA   sing N N 269 
SER C   O    doub N N 270 
SER C   OXT  sing N N 271 
SER CB  OG   sing N N 272 
SER CB  HB2  sing N N 273 
SER CB  HB3  sing N N 274 
SER OG  HG   sing N N 275 
SER OXT HXT  sing N N 276 
THR N   CA   sing N N 277 
THR N   H    sing N N 278 
THR N   H2   sing N N 279 
THR CA  C    sing N N 280 
THR CA  CB   sing N N 281 
THR CA  HA   sing N N 282 
THR C   O    doub N N 283 
THR C   OXT  sing N N 284 
THR CB  OG1  sing N N 285 
THR CB  CG2  sing N N 286 
THR CB  HB   sing N N 287 
THR OG1 HG1  sing N N 288 
THR CG2 HG21 sing N N 289 
THR CG2 HG22 sing N N 290 
THR CG2 HG23 sing N N 291 
THR OXT HXT  sing N N 292 
TYR N   CA   sing N N 293 
TYR N   H    sing N N 294 
TYR N   H2   sing N N 295 
TYR CA  C    sing N N 296 
TYR CA  CB   sing N N 297 
TYR CA  HA   sing N N 298 
TYR C   O    doub N N 299 
TYR C   OXT  sing N N 300 
TYR CB  CG   sing N N 301 
TYR CB  HB2  sing N N 302 
TYR CB  HB3  sing N N 303 
TYR CG  CD1  doub Y N 304 
TYR CG  CD2  sing Y N 305 
TYR CD1 CE1  sing Y N 306 
TYR CD1 HD1  sing N N 307 
TYR CD2 CE2  doub Y N 308 
TYR CD2 HD2  sing N N 309 
TYR CE1 CZ   doub Y N 310 
TYR CE1 HE1  sing N N 311 
TYR CE2 CZ   sing Y N 312 
TYR CE2 HE2  sing N N 313 
TYR CZ  OH   sing N N 314 
TYR OH  HH   sing N N 315 
TYR OXT HXT  sing N N 316 
VAL N   CA   sing N N 317 
VAL N   H    sing N N 318 
VAL N   H2   sing N N 319 
VAL CA  C    sing N N 320 
VAL CA  CB   sing N N 321 
VAL CA  HA   sing N N 322 
VAL C   O    doub N N 323 
VAL C   OXT  sing N N 324 
VAL CB  CG1  sing N N 325 
VAL CB  CG2  sing N N 326 
VAL CB  HB   sing N N 327 
VAL CG1 HG11 sing N N 328 
VAL CG1 HG12 sing N N 329 
VAL CG1 HG13 sing N N 330 
VAL CG2 HG21 sing N N 331 
VAL CG2 HG22 sing N N 332 
VAL CG2 HG23 sing N N 333 
VAL OXT HXT  sing N N 334 
# 
_atom_sites.entry_id                    5D94 
_atom_sites.fract_transf_matrix[1][1]   -0.01566601 
_atom_sites.fract_transf_matrix[1][2]   -0.01791059 
_atom_sites.fract_transf_matrix[1][3]   0.01298186 
_atom_sites.fract_transf_matrix[2][1]   -0.00681601 
_atom_sites.fract_transf_matrix[2][2]   0.01806987 
_atom_sites.fract_transf_matrix[2][3]   0.01670503 
_atom_sites.fract_transf_matrix[3][1]   -0.02435477 
_atom_sites.fract_transf_matrix[3][2]   -0.00137044 
_atom_sites.fract_transf_matrix[3][3]   -0.00845486 
_atom_sites.fract_transf_vector[1]      0.321487 
_atom_sites.fract_transf_vector[2]      -0.024908 
_atom_sites.fract_transf_vector[3]      0.183125 
# 
loop_
_atom_type.symbol 
C 
N 
O 
S 
# 
loop_
_atom_site.group_PDB 
_atom_site.id 
_atom_site.type_symbol 
_atom_site.label_atom_id 
_atom_site.label_alt_id 
_atom_site.label_comp_id 
_atom_site.label_asym_id 
_atom_site.label_entity_id 
_atom_site.label_seq_id 
_atom_site.pdbx_PDB_ins_code 
_atom_site.Cartn_x 
_atom_site.Cartn_y 
_atom_site.Cartn_z 
_atom_site.occupancy 
_atom_site.B_iso_or_equiv 
_atom_site.pdbx_formal_charge 
_atom_site.auth_seq_id 
_atom_site.auth_comp_id 
_atom_site.auth_asym_id 
_atom_site.auth_atom_id 
_atom_site.pdbx_PDB_model_num 
ATOM   1    N N   . LYS A 1 10  ? -1.290  7.859   -15.016 1.00 27.33 ? 5    LYS A N   1 
ATOM   2    C CA  . LYS A 1 10  ? -0.373  8.597   -14.105 1.00 24.58 ? 5    LYS A CA  1 
ATOM   3    C C   . LYS A 1 10  ? -0.457  7.959   -12.703 1.00 20.49 ? 5    LYS A C   1 
ATOM   4    O O   . LYS A 1 10  ? -1.543  7.489   -12.286 1.00 22.15 ? 5    LYS A O   1 
ATOM   5    C CB  . LYS A 1 10  ? -0.805  10.063  -14.033 1.00 27.73 ? 5    LYS A CB  1 
ATOM   6    C CG  . LYS A 1 10  ? -0.414  10.898  -15.254 1.00 29.77 ? 5    LYS A CG  1 
ATOM   7    C CD  . LYS A 1 10  ? -1.240  12.176  -15.338 1.00 28.73 ? 5    LYS A CD  1 
ATOM   8    C CE  . LYS A 1 10  ? -0.665  13.139  -16.374 1.00 37.62 ? 5    LYS A CE  1 
ATOM   9    N NZ  . LYS A 1 10  ? -0.254  12.443  -17.633 1.00 39.82 ? 5    LYS A NZ  1 
ATOM   10   N N   . THR A 1 11  ? 0.650   8.041   -11.955 1.00 18.02 ? 6    THR A N   1 
ATOM   11   C CA  . THR A 1 11  ? 0.667   7.706   -10.495 1.00 15.43 ? 6    THR A CA  1 
ATOM   12   C C   . THR A 1 11  ? -0.202  8.659   -9.699  1.00 13.14 ? 6    THR A C   1 
ATOM   13   O O   . THR A 1 11  ? -0.607  9.737   -10.176 1.00 13.10 ? 6    THR A O   1 
ATOM   14   C CB  . THR A 1 11  ? 2.119   7.827   -9.943  1.00 15.15 ? 6    THR A CB  1 
ATOM   15   O OG1 . THR A 1 11  ? 2.529   9.207   -9.768  1.00 19.49 ? 6    THR A OG1 1 
ATOM   16   C CG2 . THR A 1 11  ? 3.127   7.151   -10.832 1.00 17.29 ? 6    THR A CG2 1 
ATOM   17   N N   . PHE A 1 12  ? -0.494  8.272   -8.458  1.00 10.84 ? 7    PHE A N   1 
ATOM   18   C CA  . PHE A 1 12  ? -1.333  9.033   -7.574  1.00 9.78  ? 7    PHE A CA  1 
ATOM   19   C C   . PHE A 1 12  ? -0.748  10.434  -7.396  1.00 9.63  ? 7    PHE A C   1 
ATOM   20   O O   . PHE A 1 12  ? -1.475  11.435  -7.500  1.00 8.72  ? 7    PHE A O   1 
ATOM   21   C CB  . PHE A 1 12  ? -1.448  8.308   -6.224  1.00 8.73  ? 7    PHE A CB  1 
ATOM   22   C CG  . PHE A 1 12  ? -2.371  8.996   -5.278  1.00 9.76  ? 7    PHE A CG  1 
ATOM   23   C CD1 . PHE A 1 12  ? -3.747  9.183   -5.584  1.00 9.49  ? 7    PHE A CD1 1 
ATOM   24   C CD2 . PHE A 1 12  ? -1.878  9.575   -4.099  1.00 8.83  ? 7    PHE A CD2 1 
ATOM   25   C CE1 . PHE A 1 12  ? -4.509  9.907   -4.692  1.00 9.75  ? 7    PHE A CE1 1 
ATOM   26   C CE2 . PHE A 1 12  ? -2.680  10.259  -3.194  1.00 8.80  ? 7    PHE A CE2 1 
ATOM   27   C CZ  . PHE A 1 12  ? -4.020  10.430  -3.529  1.00 11.90 ? 7    PHE A CZ  1 
ATOM   28   N N   . LYS A 1 13  ? 0.542   10.498  -7.038  1.00 8.61  ? 8    LYS A N   1 
ATOM   29   C CA  . LYS A 1 13  ? 1.102   11.857  -6.826  1.00 8.29  ? 8    LYS A CA  1 
ATOM   30   C C   . LYS A 1 13  ? 1.053   12.683  -8.115  1.00 8.73  ? 8    LYS A C   1 
ATOM   31   O O   . LYS A 1 13  ? 0.923   13.926  -8.038  1.00 8.90  ? 8    LYS A O   1 
ATOM   32   C CB  . LYS A 1 13  ? 2.515   11.800  -6.214  1.00 7.14  ? 8    LYS A CB  1 
ATOM   33   C CG  . LYS A 1 13  ? 2.521   11.388  -4.725  1.00 6.94  ? 8    LYS A CG  1 
ATOM   34   C CD  . LYS A 1 13  ? 3.864   11.798  -4.143  1.00 7.24  ? 8    LYS A CD  1 
ATOM   35   C CE  . LYS A 1 13  ? 3.903   11.599  -2.648  1.00 7.22  ? 8    LYS A CE  1 
ATOM   36   N NZ  . LYS A 1 13  ? 5.255   12.020  -2.146  1.00 7.02  ? 8    LYS A NZ  1 
ATOM   37   N N   . GLN A 1 14  ? 1.179   12.033  -9.260  1.00 8.78  ? 9    GLN A N   1 
ATOM   38   C CA  . GLN A 1 14  ? 1.132   12.785  -10.514 1.00 12.65 ? 9    GLN A CA  1 
ATOM   39   C C   . GLN A 1 14  ? -0.275  13.317  -10.827 1.00 13.25 ? 9    GLN A C   1 
ATOM   40   O O   . GLN A 1 14  ? -0.415  14.229  -11.664 1.00 19.37 ? 9    GLN A O   1 
ATOM   41   C CB  . GLN A 1 14  ? 1.597   11.885  -11.649 1.00 14.84 ? 9    GLN A CB  1 
ATOM   42   C CG  . GLN A 1 14  ? 3.115   11.706  -11.755 1.00 17.62 ? 9    GLN A CG  1 
ATOM   43   C CD  . GLN A 1 14  ? 3.471   10.468  -12.581 1.00 21.68 ? 9    GLN A CD  1 
ATOM   44   O OE1 . GLN A 1 14  ? 2.592   9.792   -13.146 1.00 21.75 ? 9    GLN A OE1 1 
ATOM   45   N NE2 . GLN A 1 14  ? 4.736   10.085  -12.534 1.00 27.69 ? 9    GLN A NE2 1 
ATOM   46   N N   . ARG A 1 15  ? -1.314  12.804  -10.186 1.00 11.62 ? 10   ARG A N   1 
ATOM   47   C CA  . ARG A 1 15  ? -2.714  13.108  -10.526 1.00 12.63 ? 10   ARG A CA  1 
ATOM   48   C C   . ARG A 1 15  ? -3.335  14.052  -9.505  1.00 12.52 ? 10   ARG A C   1 
ATOM   49   O O   . ARG A 1 15  ? -4.508  14.432  -9.660  1.00 14.35 ? 10   ARG A O   1 
ATOM   50   C CB  . ARG A 1 15  ? -3.585  11.796  -10.442 1.00 16.58 ? 10   ARG A CB  1 
ATOM   51   C CG  . ARG A 1 15  ? -3.709  10.931  -11.700 1.00 24.83 ? 10   ARG A CG  1 
ATOM   52   C CD  . ARG A 1 15  ? -4.003  9.450   -11.364 1.00 29.57 ? 10   ARG A CD  1 
ATOM   53   N NE  . ARG A 1 15  ? -4.890  9.166   -10.205 1.00 30.46 ? 10   ARG A NE  1 
ATOM   54   C CZ  . ARG A 1 15  ? -4.770  8.064   -9.439  1.00 30.68 ? 10   ARG A CZ  1 
ATOM   55   N NH1 . ARG A 1 15  ? -3.783  7.188   -9.699  1.00 23.04 ? 10   ARG A NH1 1 
ATOM   56   N NH2 . ARG A 1 15  ? -5.615  7.815   -8.426  1.00 26.23 ? 10   ARG A NH2 1 
ATOM   57   N N   . ARG A 1 16  ? -2.680  14.233  -8.348  1.00 10.34 ? 11   ARG A N   1 
ATOM   58   C CA  . ARG A 1 16  ? -3.294  14.946  -7.255  1.00 10.81 ? 11   ARG A CA  1 
ATOM   59   C C   . ARG A 1 16  ? -2.248  15.861  -6.666  1.00 8.75  ? 11   ARG A C   1 
ATOM   60   O O   . ARG A 1 16  ? -1.171  15.416  -6.307  1.00 9.49  ? 11   ARG A O   1 
ATOM   61   C CB  . ARG A 1 16  ? -3.797  13.975  -6.151  1.00 13.62 ? 11   ARG A CB  1 
ATOM   62   C CG  . ARG A 1 16  ? -5.015  13.104  -6.539  1.00 20.57 ? 11   ARG A CG  1 
ATOM   63   C CD  . ARG A 1 16  ? -6.308  13.885  -6.784  1.00 21.97 ? 11   ARG A CD  1 
ATOM   64   N NE  . ARG A 1 16  ? -7.091  14.197  -5.576  1.00 29.58 ? 11   ARG A NE  1 
ATOM   65   C CZ  . ARG A 1 16  ? -8.173  14.994  -5.576  1.00 31.66 ? 11   ARG A CZ  1 
ATOM   66   N NH1 . ARG A 1 16  ? -8.873  15.202  -4.463  1.00 30.41 ? 11   ARG A NH1 1 
ATOM   67   N NH2 . ARG A 1 16  ? -8.568  15.565  -6.700  1.00 31.14 ? 11   ARG A NH2 1 
ATOM   68   N N   . THR A 1 17  ? -2.625  17.095  -6.389  1.00 7.82  ? 12   THR A N   1 
ATOM   69   C CA  . THR A 1 17  ? -1.655  18.058  -5.824  1.00 8.29  ? 12   THR A CA  1 
ATOM   70   C C   . THR A 1 17  ? -1.484  17.757  -4.355  1.00 8.28  ? 12   THR A C   1 
ATOM   71   O O   . THR A 1 17  ? -2.277  17.019  -3.723  1.00 7.93  ? 12   THR A O   1 
ATOM   72   C CB  . THR A 1 17  ? -2.141  19.527  -5.867  1.00 9.68  ? 12   THR A CB  1 
ATOM   73   O OG1 . THR A 1 17  ? -3.345  19.664  -5.081  1.00 10.45 ? 12   THR A OG1 1 
ATOM   74   C CG2 . THR A 1 17  ? -2.338  20.022  -7.315  1.00 11.56 ? 12   THR A CG2 1 
ATOM   75   N N   . PHE A 1 18  ? -0.359  18.199  -3.820  1.00 8.65  ? 13   PHE A N   1 
ATOM   76   C CA  . PHE A 1 18  ? -0.126  18.051  -2.389  1.00 7.91  ? 13   PHE A CA  1 
ATOM   77   C C   . PHE A 1 18  ? -1.341  18.469  -1.547  1.00 8.48  ? 13   PHE A C   1 
ATOM   78   O O   . PHE A 1 18  ? -1.789  17.745  -0.645  1.00 7.95  ? 13   PHE A O   1 
ATOM   79   C CB  . PHE A 1 18  ? 1.124   18.842  -1.992  1.00 8.15  ? 13   PHE A CB  1 
ATOM   80   C CG  . PHE A 1 18  ? 1.382   18.770  -0.516  1.00 6.77  ? 13   PHE A CG  1 
ATOM   81   C CD1 . PHE A 1 18  ? 1.988   17.647  0.028   1.00 6.28  ? 13   PHE A CD1 1 
ATOM   82   C CD2 . PHE A 1 18  ? 0.945   19.788  0.371   1.00 6.74  ? 13   PHE A CD2 1 
ATOM   83   C CE1 . PHE A 1 18  ? 2.270   17.582  1.388   1.00 7.09  ? 13   PHE A CE1 1 
ATOM   84   C CE2 . PHE A 1 18  ? 1.207   19.723  1.733   1.00 7.30  ? 13   PHE A CE2 1 
ATOM   85   C CZ  . PHE A 1 18  ? 1.845   18.601  2.255   1.00 7.01  ? 13   PHE A CZ  1 
ATOM   86   N N   . GLU A 1 19  ? -1.935  19.630  -1.854  1.00 8.38  ? 14   GLU A N   1 
ATOM   87   C CA  . GLU A 1 19  ? -3.080  20.115  -1.056  1.00 8.76  ? 14   GLU A CA  1 
ATOM   88   C C   . GLU A 1 19  ? -4.257  19.183  -1.172  1.00 8.38  ? 14   GLU A C   1 
ATOM   89   O O   . GLU A 1 19  ? -4.949  18.943  -0.191  1.00 8.91  ? 14   GLU A O   1 
ATOM   90   C CB  . GLU A 1 19  ? -3.502  21.516  -1.547  1.00 9.52  ? 14   GLU A CB  1 
ATOM   91   C CG  . GLU A 1 19  ? -2.369  22.558  -1.402  1.00 12.11 ? 14   GLU A CG  1 
ATOM   92   C CD  . GLU A 1 19  ? -1.455  22.731  -2.637  1.00 13.00 ? 14   GLU A CD  1 
ATOM   93   O OE1 . GLU A 1 19  ? -1.048  21.754  -3.309  1.00 13.90 ? 14   GLU A OE1 1 
ATOM   94   O OE2 . GLU A 1 19  ? -1.132  23.928  -3.014  1.00 14.32 ? 14   GLU A OE2 1 
ATOM   95   N N   . GLN A 1 20  ? -4.425  18.588  -2.333  1.00 8.69  ? 15   GLN A N   1 
ATOM   96   C CA  . GLN A 1 20  ? -5.549  17.686  -2.543  1.00 7.88  ? 15   GLN A CA  1 
ATOM   97   C C   . GLN A 1 20  ? -5.290  16.400  -1.790  1.00 8.05  ? 15   GLN A C   1 
ATOM   98   O O   . GLN A 1 20  ? -6.210  15.828  -1.215  1.00 8.21  ? 15   GLN A O   1 
ATOM   99   C CB  . GLN A 1 20  ? -5.705  17.371  -4.019  1.00 9.36  ? 15   GLN A CB  1 
ATOM   100  C CG  . GLN A 1 20  ? -6.289  18.550  -4.799  1.00 11.77 ? 15   GLN A CG  1 
ATOM   101  C CD  . GLN A 1 20  ? -6.299  18.309  -6.308  1.00 15.19 ? 15   GLN A CD  1 
ATOM   102  O OE1 . GLN A 1 20  ? -5.418  17.699  -6.902  1.00 12.56 ? 15   GLN A OE1 1 
ATOM   103  N NE2 . GLN A 1 20  ? -7.377  18.760  -6.936  1.00 20.35 ? 15   GLN A NE2 1 
ATOM   104  N N   A ARG A 1 21  ? -4.039  15.934  -1.823  0.68 7.08  ? 16   ARG A N   1 
ATOM   105  N N   B ARG A 1 21  ? -4.049  15.957  -1.768  0.32 7.66  ? 16   ARG A N   1 
ATOM   106  C CA  A ARG A 1 21  ? -3.681  14.713  -1.077  0.68 7.19  ? 16   ARG A CA  1 
ATOM   107  C CA  B ARG A 1 21  ? -3.782  14.723  -1.073  0.32 7.72  ? 16   ARG A CA  1 
ATOM   108  C C   A ARG A 1 21  ? -3.942  14.891  0.430   0.68 7.21  ? 16   ARG A C   1 
ATOM   109  C C   B ARG A 1 21  ? -3.897  14.864  0.452   0.32 7.67  ? 16   ARG A C   1 
ATOM   110  O O   A ARG A 1 21  ? -4.537  14.011  1.085   0.68 6.84  ? 16   ARG A O   1 
ATOM   111  O O   B ARG A 1 21  ? -4.440  13.974  1.124   0.32 7.42  ? 16   ARG A O   1 
ATOM   112  C CB  A ARG A 1 21  ? -2.238  14.301  -1.375  0.68 6.46  ? 16   ARG A CB  1 
ATOM   113  C CB  B ARG A 1 21  ? -2.478  14.141  -1.564  0.32 7.46  ? 16   ARG A CB  1 
ATOM   114  C CG  A ARG A 1 21  ? -2.003  14.041  -2.867  0.68 6.64  ? 16   ARG A CG  1 
ATOM   115  C CG  B ARG A 1 21  ? -2.638  13.489  -2.941  0.32 7.39  ? 16   ARG A CG  1 
ATOM   116  C CD  A ARG A 1 21  ? -0.654  13.433  -3.253  0.68 5.98  ? 16   ARG A CD  1 
ATOM   117  C CD  B ARG A 1 21  ? -1.307  12.948  -3.424  0.32 8.38  ? 16   ARG A CD  1 
ATOM   118  N NE  A ARG A 1 21  ? 0.547   14.089  -2.682  0.68 6.11  ? 16   ARG A NE  1 
ATOM   119  N NE  B ARG A 1 21  ? -0.614  13.882  -4.290  0.32 8.73  ? 16   ARG A NE  1 
ATOM   120  C CZ  A ARG A 1 21  ? 1.400   14.874  -3.358  0.68 5.70  ? 16   ARG A CZ  1 
ATOM   121  C CZ  B ARG A 1 21  ? 0.383   14.664  -3.898  0.32 9.19  ? 16   ARG A CZ  1 
ATOM   122  N NH1 A ARG A 1 21  ? 2.544   15.295  -2.742  0.68 5.37  ? 16   ARG A NH1 1 
ATOM   123  N NH1 B ARG A 1 21  ? 0.816   14.607  -2.651  0.32 9.81  ? 16   ARG A NH1 1 
ATOM   124  N NH2 A ARG A 1 21  ? 1.161   15.197  -4.657  0.68 7.12  ? 16   ARG A NH2 1 
ATOM   125  N NH2 B ARG A 1 21  ? 0.980   15.457  -4.775  0.32 9.59  ? 16   ARG A NH2 1 
ATOM   126  N N   . VAL A 1 22  ? -3.440  15.997  0.992   1.00 7.42  ? 17   VAL A N   1 
ATOM   127  C CA  . VAL A 1 22  ? -3.639  16.284  2.399   1.00 8.03  ? 17   VAL A CA  1 
ATOM   128  C C   . VAL A 1 22  ? -5.138  16.326  2.748   1.00 8.22  ? 17   VAL A C   1 
ATOM   129  O O   . VAL A 1 22  ? -5.538  15.810  3.800   1.00 7.69  ? 17   VAL A O   1 
ATOM   130  C CB  . VAL A 1 22  ? -2.936  17.621  2.771   1.00 7.66  ? 17   VAL A CB  1 
ATOM   131  C CG1 . VAL A 1 22  ? -3.412  18.108  4.128   1.00 8.56  ? 17   VAL A CG1 1 
ATOM   132  C CG2 . VAL A 1 22  ? -1.435  17.445  2.797   1.00 8.45  ? 17   VAL A CG2 1 
ATOM   133  N N   . GLU A 1 23  ? -5.932  16.978  1.917   1.00 8.63  ? 18   GLU A N   1 
ATOM   134  C CA  . GLU A 1 23  ? -7.370  17.028  2.189   1.00 8.53  ? 18   GLU A CA  1 
ATOM   135  C C   . GLU A 1 23  ? -7.996  15.629  2.096   1.00 7.86  ? 18   GLU A C   1 
ATOM   136  O O   . GLU A 1 23  ? -8.861  15.291  2.910   1.00 8.60  ? 18   GLU A O   1 
ATOM   137  C CB  . GLU A 1 23  ? -8.006  18.036  1.227   1.00 11.18 ? 18   GLU A CB  1 
ATOM   138  C CG  . GLU A 1 23  ? -9.520  18.001  1.211   1.00 15.31 ? 18   GLU A CG  1 
ATOM   139  C CD  . GLU A 1 23  ? -10.193 18.640  2.423   1.00 22.81 ? 18   GLU A CD  1 
ATOM   140  O OE1 . GLU A 1 23  ? -11.455 18.687  2.414   1.00 25.24 ? 18   GLU A OE1 1 
ATOM   141  O OE2 . GLU A 1 23  ? -9.497  19.107  3.360   1.00 26.88 ? 18   GLU A OE2 1 
ATOM   142  N N   A ASP A 1 24  ? -7.571  14.825  1.121   0.58 7.55  ? 19   ASP A N   1 
ATOM   143  N N   B ASP A 1 24  ? -7.556  14.834  1.142   0.42 7.87  ? 19   ASP A N   1 
ATOM   144  C CA  A ASP A 1 24  ? -8.037  13.420  1.022   0.58 8.00  ? 19   ASP A CA  1 
ATOM   145  C CA  B ASP A 1 24  ? -8.051  13.472  1.012   0.42 8.26  ? 19   ASP A CA  1 
ATOM   146  C C   A ASP A 1 24  ? -7.800  12.687  2.338   0.58 7.16  ? 19   ASP A C   1 
ATOM   147  C C   B ASP A 1 24  ? -7.776  12.645  2.279   0.42 7.40  ? 19   ASP A C   1 
ATOM   148  O O   A ASP A 1 24  ? -8.690  12.052  2.907   0.58 7.09  ? 19   ASP A O   1 
ATOM   149  O O   B ASP A 1 24  ? -8.655  11.930  2.776   0.42 7.51  ? 19   ASP A O   1 
ATOM   150  C CB  A ASP A 1 24  ? -7.357  12.620  -0.125  0.58 10.01 ? 19   ASP A CB  1 
ATOM   151  C CB  B ASP A 1 24  ? -7.433  12.842  -0.233  0.42 10.37 ? 19   ASP A CB  1 
ATOM   152  C CG  A ASP A 1 24  ? -7.706  13.135  -1.536  0.58 12.16 ? 19   ASP A CG  1 
ATOM   153  C CG  B ASP A 1 24  ? -8.312  11.803  -0.873  0.42 11.90 ? 19   ASP A CG  1 
ATOM   154  O OD1 A ASP A 1 24  ? -8.750  13.784  -1.702  0.58 12.34 ? 19   ASP A OD1 1 
ATOM   155  O OD1 B ASP A 1 24  ? -9.541  11.850  -0.705  0.42 16.22 ? 19   ASP A OD1 1 
ATOM   156  O OD2 A ASP A 1 24  ? -6.913  12.879  -2.491  0.58 13.12 ? 19   ASP A OD2 1 
ATOM   157  O OD2 B ASP A 1 24  ? -7.754  10.971  -1.622  0.42 14.58 ? 19   ASP A OD2 1 
ATOM   158  N N   . VAL A 1 25  ? -6.600  12.848  2.877   1.00 6.36  ? 20   VAL A N   1 
ATOM   159  C CA  . VAL A 1 25  ? -6.222  12.187  4.118   1.00 7.06  ? 20   VAL A CA  1 
ATOM   160  C C   . VAL A 1 25  ? -7.019  12.714  5.298   1.00 6.35  ? 20   VAL A C   1 
ATOM   161  O O   . VAL A 1 25  ? -7.538  11.917  6.079   1.00 6.47  ? 20   VAL A O   1 
ATOM   162  C CB  . VAL A 1 25  ? -4.696  12.318  4.433   1.00 7.72  ? 20   VAL A CB  1 
ATOM   163  C CG1 . VAL A 1 25  ? -4.351  11.693  5.821   1.00 8.31  ? 20   VAL A CG1 1 
ATOM   164  C CG2 . VAL A 1 25  ? -3.900  11.594  3.326   1.00 8.95  ? 20   VAL A CG2 1 
ATOM   165  N N   . ARG A 1 26  ? -7.209  14.014  5.356   1.00 7.28  ? 21   ARG A N   1 
ATOM   166  C CA  . ARG A 1 26  ? -7.924  14.601  6.528   1.00 7.48  ? 21   ARG A CA  1 
ATOM   167  C C   . ARG A 1 26  ? -9.335  14.035  6.555   1.00 7.41  ? 21   ARG A C   1 
ATOM   168  O O   . ARG A 1 26  ? -9.783  13.495  7.603   1.00 7.51  ? 21   ARG A O   1 
ATOM   169  C CB  . ARG A 1 26  ? -7.974  16.108  6.353   1.00 9.29  ? 21   ARG A CB  1 
ATOM   170  C CG  . ARG A 1 26  ? -8.718  16.734  7.531   1.00 11.43 ? 21   ARG A CG  1 
ATOM   171  C CD  . ARG A 1 26  ? -8.574  18.238  7.476   1.00 18.20 ? 21   ARG A CD  1 
ATOM   172  N NE  . ARG A 1 26  ? -9.216  18.813  6.316   1.00 21.15 ? 21   ARG A NE  1 
ATOM   173  C CZ  . ARG A 1 26  ? -10.514 18.734  6.004   1.00 27.63 ? 21   ARG A CZ  1 
ATOM   174  N NH1 . ARG A 1 26  ? -10.940 19.389  4.926   1.00 33.31 ? 21   ARG A NH1 1 
ATOM   175  N NH2 . ARG A 1 26  ? -11.409 18.087  6.752   1.00 34.14 ? 21   ARG A NH2 1 
ATOM   176  N N   . LEU A 1 27  ? -9.999  14.072  5.390   1.00 7.50  ? 22   LEU A N   1 
ATOM   177  C CA  . LEU A 1 27  ? -11.358 13.548  5.340   1.00 7.65  ? 22   LEU A CA  1 
ATOM   178  C C   . LEU A 1 27  ? -11.468 12.058  5.576   1.00 7.22  ? 22   LEU A C   1 
ATOM   179  O O   . LEU A 1 27  ? -12.321 11.563  6.326   1.00 7.25  ? 22   LEU A O   1 
ATOM   180  C CB  . LEU A 1 27  ? -11.988 13.899  4.023   1.00 10.25 ? 22   LEU A CB  1 
ATOM   181  C CG  . LEU A 1 27  ? -12.203 15.414  3.798   1.00 12.64 ? 22   LEU A CG  1 
ATOM   182  C CD1 . LEU A 1 27  ? -12.403 15.713  2.311   1.00 17.12 ? 22   LEU A CD1 1 
ATOM   183  C CD2 . LEU A 1 27  ? -13.489 15.792  4.550   1.00 18.17 ? 22   LEU A CD2 1 
ATOM   184  N N   . ILE A 1 28  ? -10.555 11.300  4.985   1.00 6.40  ? 23   ILE A N   1 
ATOM   185  C CA  . ILE A 1 28  ? -10.681 9.845   5.128   1.00 6.20  ? 23   ILE A CA  1 
ATOM   186  C C   . ILE A 1 28  ? -10.390 9.337   6.520   1.00 7.06  ? 23   ILE A C   1 
ATOM   187  O O   . ILE A 1 28  ? -10.970 8.340   6.972   1.00 8.68  ? 23   ILE A O   1 
ATOM   188  C CB  . ILE A 1 28  ? -9.936  9.120   3.961   1.00 5.84  ? 23   ILE A CB  1 
ATOM   189  C CG1 . ILE A 1 28  ? -10.577 7.769   3.630   1.00 6.12  ? 23   ILE A CG1 1 
ATOM   190  C CG2 . ILE A 1 28  ? -8.480  8.884   4.334   1.00 6.61  ? 23   ILE A CG2 1 
ATOM   191  C CD1 . ILE A 1 28  ? -11.932 7.940   2.965   1.00 7.13  ? 23   ILE A CD1 1 
ATOM   192  N N   A ARG A 1 29  ? -9.443  9.975   7.189   0.54 6.53  ? 24   ARG A N   1 
ATOM   193  N N   B ARG A 1 29  ? -9.419  9.968   7.170   0.46 6.43  ? 24   ARG A N   1 
ATOM   194  C CA  A ARG A 1 29  ? -9.158  9.619   8.590   0.54 7.81  ? 24   ARG A CA  1 
ATOM   195  C CA  B ARG A 1 29  ? -9.119  9.678   8.583   0.46 7.39  ? 24   ARG A CA  1 
ATOM   196  C C   A ARG A 1 29  ? -10.289 10.034  9.553   0.54 7.67  ? 24   ARG A C   1 
ATOM   197  C C   B ARG A 1 29  ? -10.348 9.979   9.471   0.46 7.24  ? 24   ARG A C   1 
ATOM   198  O O   A ARG A 1 29  ? -10.551 9.316   10.495  0.54 8.98  ? 24   ARG A O   1 
ATOM   199  O O   B ARG A 1 29  ? -10.772 9.112   10.237  0.46 7.54  ? 24   ARG A O   1 
ATOM   200  C CB  A ARG A 1 29  ? -7.809  10.199  9.022   0.54 8.86  ? 24   ARG A CB  1 
ATOM   201  C CB  B ARG A 1 29  ? -7.898  10.499  9.038   0.46 7.79  ? 24   ARG A CB  1 
ATOM   202  C CG  A ARG A 1 29  ? -6.655  9.474   8.341   0.54 10.11 ? 24   ARG A CG  1 
ATOM   203  C CG  B ARG A 1 29  ? -6.561  10.030  8.451   0.46 9.18  ? 24   ARG A CG  1 
ATOM   204  C CD  A ARG A 1 29  ? -5.296  9.726   8.982   0.54 12.71 ? 24   ARG A CD  1 
ATOM   205  C CD  B ARG A 1 29  ? -5.410  10.881  8.995   0.46 10.91 ? 24   ARG A CD  1 
ATOM   206  N NE  A ARG A 1 29  ? -5.291  9.440   10.412  0.54 16.88 ? 24   ARG A NE  1 
ATOM   207  N NE  B ARG A 1 29  ? -4.994  10.478  10.333  0.46 13.77 ? 24   ARG A NE  1 
ATOM   208  C CZ  A ARG A 1 29  ? -5.115  10.376  11.357  0.54 17.04 ? 24   ARG A CZ  1 
ATOM   209  C CZ  B ARG A 1 29  ? -4.953  9.199   10.699  0.46 14.57 ? 24   ARG A CZ  1 
ATOM   210  N NH1 A ARG A 1 29  ? -4.806  11.621  11.017  0.54 20.28 ? 24   ARG A NH1 1 
ATOM   211  N NH1 B ARG A 1 29  ? -5.378  8.310   9.836   0.46 14.50 ? 24   ARG A NH1 1 
ATOM   212  N NH2 A ARG A 1 29  ? -5.179  10.056  12.646  0.54 19.42 ? 24   ARG A NH2 1 
ATOM   213  N NH2 B ARG A 1 29  ? -4.586  8.816   11.921  0.46 15.39 ? 24   ARG A NH2 1 
ATOM   214  N N   . GLU A 1 30  ? -10.960 11.150  9.296   1.00 7.06  ? 25   GLU A N   1 
ATOM   215  C CA  . GLU A 1 30  ? -12.214 11.475  10.018  1.00 7.30  ? 25   GLU A CA  1 
ATOM   216  C C   . GLU A 1 30  ? -13.192 10.324  9.856   1.00 7.36  ? 25   GLU A C   1 
ATOM   217  O O   . GLU A 1 30  ? -13.795 9.873   10.866  1.00 8.96  ? 25   GLU A O   1 
ATOM   218  C CB  . GLU A 1 30  ? -12.797 12.774  9.483   1.00 7.69  ? 25   GLU A CB  1 
ATOM   219  C CG  . GLU A 1 30  ? -12.025 13.954  10.002  1.00 11.10 ? 25   GLU A CG  1 
ATOM   220  C CD  . GLU A 1 30  ? -12.510 15.223  9.377   1.00 13.79 ? 25   GLU A CD  1 
ATOM   221  O OE1 . GLU A 1 30  ? -11.875 16.249  9.646   1.00 14.61 ? 25   GLU A OE1 1 
ATOM   222  O OE2 . GLU A 1 30  ? -13.553 15.181  8.673   1.00 22.09 ? 25   GLU A OE2 1 
ATOM   223  N N   . GLN A 1 31  ? -13.385 9.894   8.612   1.00 6.71  ? 26   GLN A N   1 
ATOM   224  C CA  . GLN A 1 31  ? -14.472 8.929   8.313   1.00 6.74  ? 26   GLN A CA  1 
ATOM   225  C C   . GLN A 1 31  ? -14.192 7.537   8.739   1.00 8.17  ? 26   GLN A C   1 
ATOM   226  O O   . GLN A 1 31  ? -15.134 6.749   8.945   1.00 10.16 ? 26   GLN A O   1 
ATOM   227  C CB  . GLN A 1 31  ? -14.813 8.999   6.832   1.00 6.63  ? 26   GLN A CB  1 
ATOM   228  C CG  . GLN A 1 31  ? -15.396 10.330  6.441   1.00 6.71  ? 26   GLN A CG  1 
ATOM   229  C CD  . GLN A 1 31  ? -15.228 10.706  4.991   1.00 6.66  ? 26   GLN A CD  1 
ATOM   230  O OE1 . GLN A 1 31  ? -15.196 11.917  4.663   1.00 11.60 ? 26   GLN A OE1 1 
ATOM   231  N NE2 . GLN A 1 31  ? -15.188 9.755   4.141   1.00 7.05  ? 26   GLN A NE2 1 
ATOM   232  N N   . HIS A 1 32  ? -12.922 7.184   8.895   1.00 6.67  ? 27   HIS A N   1 
ATOM   233  C CA  . HIS A 1 32  ? -12.522 5.807   9.185   1.00 7.66  ? 27   HIS A CA  1 
ATOM   234  C C   . HIS A 1 32  ? -11.586 5.851   10.341  1.00 9.03  ? 27   HIS A C   1 
ATOM   235  O O   . HIS A 1 32  ? -10.356 5.778   10.144  1.00 8.86  ? 27   HIS A O   1 
ATOM   236  C CB  . HIS A 1 32  ? -11.855 5.139   7.973   1.00 7.18  ? 27   HIS A CB  1 
ATOM   237  C CG  . HIS A 1 32  ? -12.754 5.076   6.792   1.00 7.91  ? 27   HIS A CG  1 
ATOM   238  N ND1 . HIS A 1 32  ? -13.613 4.003   6.585   1.00 10.69 ? 27   HIS A ND1 1 
ATOM   239  C CD2 . HIS A 1 32  ? -13.021 6.001   5.819   1.00 7.00  ? 27   HIS A CD2 1 
ATOM   240  C CE1 . HIS A 1 32  ? -14.361 4.276   5.493   1.00 9.21  ? 27   HIS A CE1 1 
ATOM   241  N NE2 . HIS A 1 32  ? -14.054 5.485   5.044   1.00 7.44  ? 27   HIS A NE2 1 
ATOM   242  N N   . PRO A 1 33  ? -12.134 5.771   11.553  1.00 9.03  ? 28   PRO A N   1 
ATOM   243  C CA  . PRO A 1 33  ? -11.315 5.987   12.768  1.00 9.88  ? 28   PRO A CA  1 
ATOM   244  C C   . PRO A 1 33  ? -10.284 4.900   13.045  1.00 9.77  ? 28   PRO A C   1 
ATOM   245  O O   . PRO A 1 33  ? -9.391  5.098   13.891  1.00 12.93 ? 28   PRO A O   1 
ATOM   246  C CB  . PRO A 1 33  ? -12.358 6.036   13.906  1.00 8.59  ? 28   PRO A CB  1 
ATOM   247  C CG  . PRO A 1 33  ? -13.659 6.401   13.233  1.00 11.35 ? 28   PRO A CG  1 
ATOM   248  C CD  . PRO A 1 33  ? -13.596 5.788   11.846  1.00 9.10  ? 28   PRO A CD  1 
ATOM   249  N N   . THR A 1 34  ? -10.405 3.768   12.393  1.00 9.85  ? 29   THR A N   1 
ATOM   250  C CA  . THR A 1 34  ? -9.507  2.631   12.665  1.00 11.00 ? 29   THR A CA  1 
ATOM   251  C C   . THR A 1 34  ? -8.826  2.111   11.415  1.00 9.21  ? 29   THR A C   1 
ATOM   252  O O   . THR A 1 34  ? -8.429  0.968   11.397  1.00 10.39 ? 29   THR A O   1 
ATOM   253  C CB  . THR A 1 34  ? -10.221 1.466   13.369  1.00 12.54 ? 29   THR A CB  1 
ATOM   254  O OG1 . THR A 1 34  ? -11.250 0.955   12.525  1.00 15.81 ? 29   THR A OG1 1 
ATOM   255  C CG2 . THR A 1 34  ? -10.771 1.938   14.691  1.00 15.91 ? 29   THR A CG2 1 
ATOM   256  N N   . LYS A 1 35  ? -8.754  2.935   10.355  1.00 9.02  ? 30   LYS A N   1 
ATOM   257  C CA  . LYS A 1 35  ? -8.066  2.538   9.096   1.00 9.75  ? 30   LYS A CA  1 
ATOM   258  C C   . LYS A 1 35  ? -6.944  3.470   8.741   1.00 7.77  ? 30   LYS A C   1 
ATOM   259  O O   . LYS A 1 35  ? -6.999  4.654   9.021   1.00 9.51  ? 30   LYS A O   1 
ATOM   260  C CB  . LYS A 1 35  ? -9.065  2.497   7.915   1.00 12.41 ? 30   LYS A CB  1 
ATOM   261  C CG  . LYS A 1 35  ? -10.324 1.657   8.212   1.00 16.66 ? 30   LYS A CG  1 
ATOM   262  C CD  . LYS A 1 35  ? -10.495 0.311   7.529   1.00 23.29 ? 30   LYS A CD  1 
ATOM   263  C CE  . LYS A 1 35  ? -11.829 -0.329  7.968   1.00 21.01 ? 30   LYS A CE  1 
ATOM   264  N NZ  . LYS A 1 35  ? -12.021 -1.683  7.413   1.00 28.98 ? 30   LYS A NZ  1 
ATOM   265  N N   . ILE A 1 36  ? -5.896  2.893   8.154   1.00 7.53  ? 31   ILE A N   1 
ATOM   266  C CA  . ILE A 1 36  ? -4.703  3.664   7.665   1.00 7.25  ? 31   ILE A CA  1 
ATOM   267  C C   . ILE A 1 36  ? -4.844  3.853   6.146   1.00 5.78  ? 31   ILE A C   1 
ATOM   268  O O   . ILE A 1 36  ? -5.138  2.879   5.431   1.00 5.69  ? 31   ILE A O   1 
ATOM   269  C CB  . ILE A 1 36  ? -3.438  2.820   7.892   1.00 9.74  ? 31   ILE A CB  1 
ATOM   270  C CG1 . ILE A 1 36  ? -3.193  2.467   9.364   1.00 12.12 ? 31   ILE A CG1 1 
ATOM   271  C CG2 . ILE A 1 36  ? -2.204  3.528   7.324   1.00 10.07 ? 31   ILE A CG2 1 
ATOM   272  C CD1 . ILE A 1 36  ? -3.147  3.684   10.256  1.00 13.47 ? 31   ILE A CD1 1 
ATOM   273  N N   . PRO A 1 37  ? -4.651  5.079   5.642   1.00 5.38  ? 32   PRO A N   1 
ATOM   274  C CA  . PRO A 1 37  ? -4.718  5.346   4.181   1.00 5.06  ? 32   PRO A CA  1 
ATOM   275  C C   . PRO A 1 37  ? -3.368  5.030   3.513   1.00 5.22  ? 32   PRO A C   1 
ATOM   276  O O   . PRO A 1 37  ? -2.303  5.587   3.905   1.00 5.85  ? 32   PRO A O   1 
ATOM   277  C CB  . PRO A 1 37  ? -5.071  6.852   4.104   1.00 5.59  ? 32   PRO A CB  1 
ATOM   278  C CG  . PRO A 1 37  ? -4.327  7.406   5.332   1.00 5.98  ? 32   PRO A CG  1 
ATOM   279  C CD  . PRO A 1 37  ? -4.462  6.320   6.421   1.00 5.97  ? 32   PRO A CD  1 
ATOM   280  N N   . VAL A 1 38  ? -3.407  4.104   2.551   1.00 4.73  ? 33   VAL A N   1 
ATOM   281  C CA  . VAL A 1 38  ? -2.203  3.606   1.885   1.00 5.30  ? 33   VAL A CA  1 
ATOM   282  C C   . VAL A 1 38  ? -2.373  3.664   0.392   1.00 5.78  ? 33   VAL A C   1 
ATOM   283  O O   . VAL A 1 38  ? -3.419  3.261   -0.156  1.00 6.19  ? 33   VAL A O   1 
ATOM   284  C CB  . VAL A 1 38  ? -1.964  2.152   2.310   1.00 5.57  ? 33   VAL A CB  1 
ATOM   285  C CG1 . VAL A 1 38  ? -0.578  1.718   1.857   1.00 6.99  ? 33   VAL A CG1 1 
ATOM   286  C CG2 . VAL A 1 38  ? -2.027  2.026   3.819   1.00 6.86  ? 33   VAL A CG2 1 
ATOM   287  N N   . ILE A 1 39  ? -1.347  4.135   -0.310  1.00 4.66  ? 34   ILE A N   1 
ATOM   288  C CA  . ILE A 1 39  ? -1.309  4.114   -1.752  1.00 4.66  ? 34   ILE A CA  1 
ATOM   289  C C   . ILE A 1 39  ? -0.465  2.954   -2.159  1.00 4.70  ? 34   ILE A C   1 
ATOM   290  O O   . ILE A 1 39  ? 0.653   2.847   -1.674  1.00 4.86  ? 34   ILE A O   1 
ATOM   291  C CB  . ILE A 1 39  ? -0.668  5.411   -2.294  1.00 5.00  ? 34   ILE A CB  1 
ATOM   292  C CG1 . ILE A 1 39  ? -1.500  6.658   -1.916  1.00 6.04  ? 34   ILE A CG1 1 
ATOM   293  C CG2 . ILE A 1 39  ? -0.465  5.330   -3.804  1.00 6.60  ? 34   ILE A CG2 1 
ATOM   294  C CD1 . ILE A 1 39  ? -2.972  6.611   -2.339  1.00 6.20  ? 34   ILE A CD1 1 
ATOM   295  N N   . ILE A 1 40  ? -1.027  2.024   -2.955  1.00 5.22  ? 35   ILE A N   1 
ATOM   296  C CA  . ILE A 1 40  ? -0.294  0.797   -3.316  1.00 5.83  ? 35   ILE A CA  1 
ATOM   297  C C   . ILE A 1 40  ? -0.273  0.718   -4.822  1.00 5.80  ? 35   ILE A C   1 
ATOM   298  O O   . ILE A 1 40  ? -1.321  0.496   -5.436  1.00 7.73  ? 35   ILE A O   1 
ATOM   299  C CB  . ILE A 1 40  ? -0.910  -0.448  -2.683  1.00 6.18  ? 35   ILE A CB  1 
ATOM   300  C CG1 . ILE A 1 40  ? -0.892  -0.311  -1.134  1.00 6.86  ? 35   ILE A CG1 1 
ATOM   301  C CG2 . ILE A 1 40  ? -0.133  -1.689  -3.150  1.00 7.68  ? 35   ILE A CG2 1 
ATOM   302  C CD1 . ILE A 1 40  ? -1.644  -1.463  -0.453  1.00 9.56  ? 35   ILE A CD1 1 
ATOM   303  N N   . GLU A 1 41  ? 0.890   0.894   -5.454  1.00 5.11  ? 36   GLU A N   1 
ATOM   304  C CA  . GLU A 1 41  ? 1.016   1.046   -6.927  1.00 5.38  ? 36   GLU A CA  1 
ATOM   305  C C   . GLU A 1 41  ? 2.023   0.060   -7.463  1.00 4.59  ? 36   GLU A C   1 
ATOM   306  O O   . GLU A 1 41  ? 2.847   -0.469  -6.704  1.00 4.73  ? 36   GLU A O   1 
ATOM   307  C CB  . GLU A 1 41  ? 1.454   2.499   -7.250  1.00 6.59  ? 36   GLU A CB  1 
ATOM   308  C CG  . GLU A 1 41  ? 0.386   3.509   -6.889  1.00 7.28  ? 36   GLU A CG  1 
ATOM   309  C CD  . GLU A 1 41  ? 0.888   4.935   -7.056  1.00 8.49  ? 36   GLU A CD  1 
ATOM   310  O OE1 . GLU A 1 41  ? 0.160   5.635   -7.750  1.00 15.31 ? 36   GLU A OE1 1 
ATOM   311  O OE2 . GLU A 1 41  ? 1.960   5.353   -6.525  1.00 9.63  ? 36   GLU A OE2 1 
ATOM   312  N N   . ARG A 1 42  ? 2.020   -0.131  -8.767  1.00 5.20  ? 37   ARG A N   1 
ATOM   313  C CA  . ARG A 1 42  ? 3.005   -1.000  -9.387  1.00 4.72  ? 37   ARG A CA  1 
ATOM   314  C C   . ARG A 1 42  ? 4.333   -0.263  -9.538  1.00 4.28  ? 37   ARG A C   1 
ATOM   315  O O   . ARG A 1 42  ? 4.378   0.876   -10.106 1.00 5.74  ? 37   ARG A O   1 
ATOM   316  C CB  . ARG A 1 42  ? 2.429   -1.542  -10.663 1.00 5.59  ? 37   ARG A CB  1 
ATOM   317  C CG  . ARG A 1 42  ? 3.380   -2.526  -11.350 1.00 5.85  ? 37   ARG A CG  1 
ATOM   318  C CD  . ARG A 1 42  ? 2.704   -3.179  -12.550 1.00 5.67  ? 37   ARG A CD  1 
ATOM   319  N NE  . ARG A 1 42  ? 2.637   -2.222  -13.678 1.00 6.41  ? 37   ARG A NE  1 
ATOM   320  C CZ  . ARG A 1 42  ? 2.274   -2.603  -14.898 1.00 7.02  ? 37   ARG A CZ  1 
ATOM   321  N NH1 . ARG A 1 42  ? 1.968   -3.878  -15.150 1.00 7.28  ? 37   ARG A NH1 1 
ATOM   322  N NH2 . ARG A 1 42  ? 2.297   -1.699  -15.873 1.00 7.87  ? 37   ARG A NH2 1 
ATOM   323  N N   . TYR A 1 43  ? 5.376   -0.989  -9.174  1.00 4.64  ? 38   TYR A N   1 
ATOM   324  C CA  . TYR A 1 43  ? 6.777   -0.491  -9.316  1.00 4.56  ? 38   TYR A CA  1 
ATOM   325  C C   . TYR A 1 43  ? 6.993   -0.105  -10.773 1.00 5.60  ? 38   TYR A C   1 
ATOM   326  O O   . TYR A 1 43  ? 6.577   -0.827  -11.701 1.00 5.59  ? 38   TYR A O   1 
ATOM   327  C CB  . TYR A 1 43  ? 7.695   -1.650  -8.907  1.00 5.13  ? 38   TYR A CB  1 
ATOM   328  C CG  . TYR A 1 43  ? 9.209   -1.529  -9.023  1.00 4.88  ? 38   TYR A CG  1 
ATOM   329  C CD1 . TYR A 1 43  ? 10.010  -1.615  -7.860  1.00 5.10  ? 38   TYR A CD1 1 
ATOM   330  C CD2 . TYR A 1 43  ? 9.846   -1.405  -10.258 1.00 4.24  ? 38   TYR A CD2 1 
ATOM   331  C CE1 . TYR A 1 43  ? 11.399  -1.508  -7.949  1.00 4.86  ? 38   TYR A CE1 1 
ATOM   332  C CE2 . TYR A 1 43  ? 11.247  -1.330  -10.352 1.00 4.67  ? 38   TYR A CE2 1 
ATOM   333  C CZ  . TYR A 1 43  ? 11.995  -1.399  -9.201  1.00 4.82  ? 38   TYR A CZ  1 
ATOM   334  O OH  . TYR A 1 43  ? 13.357  -1.335  -9.252  1.00 5.88  ? 38   TYR A OH  1 
ATOM   335  N N   . LYS A 1 44  ? 7.579   1.087   -10.979 1.00 5.18  ? 39   LYS A N   1 
ATOM   336  C CA  . LYS A 1 44  ? 7.814   1.574   -12.342 1.00 6.45  ? 39   LYS A CA  1 
ATOM   337  C C   . LYS A 1 44  ? 8.916   0.716   -13.062 1.00 5.88  ? 39   LYS A C   1 
ATOM   338  O O   . LYS A 1 44  ? 10.066  0.663   -12.623 1.00 5.95  ? 39   LYS A O   1 
ATOM   339  C CB  . LYS A 1 44  ? 8.266   3.034   -12.264 1.00 8.37  ? 39   LYS A CB  1 
ATOM   340  C CG  . LYS A 1 44  ? 8.454   3.672   -13.636 1.00 10.73 ? 39   LYS A CG  1 
ATOM   341  C CD  . LYS A 1 44  ? 8.872   5.143   -13.527 1.00 15.08 ? 39   LYS A CD  1 
ATOM   342  C CE  . LYS A 1 44  ? 8.567   5.916   -14.832 1.00 20.87 ? 39   LYS A CE  1 
ATOM   343  N NZ  . LYS A 1 44  ? 9.706   6.032   -15.797 1.00 26.65 ? 39   LYS A NZ  1 
ATOM   344  N N   . GLY A 1 45  ? 8.512   -0.008  -14.081 1.00 7.00  ? 40   GLY A N   1 
ATOM   345  C CA  . GLY A 1 45  ? 9.398   -0.980  -14.716 1.00 7.23  ? 40   GLY A CA  1 
ATOM   346  C C   . GLY A 1 45  ? 8.831   -2.361  -14.598 1.00 7.06  ? 40   GLY A C   1 
ATOM   347  O O   . GLY A 1 45  ? 9.327   -3.281  -15.292 1.00 11.29 ? 40   GLY A O   1 
ATOM   348  N N   . GLU A 1 46  ? 7.930   -2.600  -13.610 1.00 6.64  ? 41   GLU A N   1 
ATOM   349  C CA  . GLU A 1 46  ? 7.361   -3.949  -13.502 1.00 7.34  ? 41   GLU A CA  1 
ATOM   350  C C   . GLU A 1 46  ? 6.331   -4.174  -14.587 1.00 8.71  ? 41   GLU A C   1 
ATOM   351  O O   . GLU A 1 46  ? 5.439   -3.346  -14.784 1.00 11.17 ? 41   GLU A O   1 
ATOM   352  C CB  . GLU A 1 46  ? 6.615   -4.030  -12.137 1.00 7.85  ? 41   GLU A CB  1 
ATOM   353  C CG  . GLU A 1 46  ? 5.726   -5.289  -11.954 1.00 8.58  ? 41   GLU A CG  1 
ATOM   354  C CD  . GLU A 1 46  ? 6.554   -6.528  -11.794 1.00 10.13 ? 41   GLU A CD  1 
ATOM   355  O OE1 . GLU A 1 46  ? 6.116   -7.574  -12.270 1.00 9.69  ? 41   GLU A OE1 1 
ATOM   356  O OE2 . GLU A 1 46  ? 7.702   -6.460  -11.286 1.00 10.70 ? 41   GLU A OE2 1 
ATOM   357  N N   A LYS A 1 47  ? 6.480   -5.331  -15.221 0.42 10.41 ? 42   LYS A N   1 
ATOM   358  N N   B LYS A 1 47  ? 6.406   -5.301  -15.238 0.58 10.19 ? 42   LYS A N   1 
ATOM   359  C CA  A LYS A 1 47  ? 5.655   -5.765  -16.350 0.42 11.77 ? 42   LYS A CA  1 
ATOM   360  C CA  B LYS A 1 47  ? 5.388   -5.579  -16.234 0.58 11.12 ? 42   LYS A CA  1 
ATOM   361  C C   A LYS A 1 47  ? 4.765   -6.949  -16.009 0.42 10.78 ? 42   LYS A C   1 
ATOM   362  C C   B LYS A 1 47  ? 4.833   -7.016  -16.136 0.58 10.97 ? 42   LYS A C   1 
ATOM   363  O O   A LYS A 1 47  ? 3.635   -7.041  -16.501 0.42 11.08 ? 42   LYS A O   1 
ATOM   364  O O   B LYS A 1 47  ? 3.989   -7.335  -16.955 0.58 13.83 ? 42   LYS A O   1 
ATOM   365  C CB  A LYS A 1 47  ? 6.534   -6.181  -17.539 0.42 12.99 ? 42   LYS A CB  1 
ATOM   366  C CB  B LYS A 1 47  ? 5.901   -5.333  -17.682 0.58 11.94 ? 42   LYS A CB  1 
ATOM   367  C CG  A LYS A 1 47  ? 7.788   -6.950  -17.174 0.42 15.91 ? 42   LYS A CG  1 
ATOM   368  C CG  B LYS A 1 47  ? 6.513   -3.982  -17.982 0.58 14.68 ? 42   LYS A CG  1 
ATOM   369  C CD  A LYS A 1 47  ? 8.023   -8.184  -18.033 0.42 13.97 ? 42   LYS A CD  1 
ATOM   370  C CD  B LYS A 1 47  ? 5.478   -2.872  -17.984 0.58 18.47 ? 42   LYS A CD  1 
ATOM   371  C CE  A LYS A 1 47  ? 8.928   -9.145  -17.295 0.42 19.69 ? 42   LYS A CE  1 
ATOM   372  C CE  B LYS A 1 47  ? 4.364   -3.021  -19.012 0.58 22.12 ? 42   LYS A CE  1 
ATOM   373  N NZ  A LYS A 1 47  ? 9.627   -10.138 -18.167 0.42 19.80 ? 42   LYS A NZ  1 
ATOM   374  N NZ  B LYS A 1 47  ? 3.438   -1.849  -18.913 0.58 25.15 ? 42   LYS A NZ  1 
ATOM   375  N N   . GLN A 1 48  ? 5.275   -7.856  -15.198 1.00 10.02 ? 43   GLN A N   1 
ATOM   376  C CA  . GLN A 1 48  ? 4.571   -9.159  -14.960 1.00 10.39 ? 43   GLN A CA  1 
ATOM   377  C C   . GLN A 1 48  ? 3.297   -8.939  -14.164 1.00 9.38  ? 43   GLN A C   1 
ATOM   378  O O   . GLN A 1 48  ? 2.201   -9.323  -14.603 1.00 11.98 ? 43   GLN A O   1 
ATOM   379  C CB  . GLN A 1 48  ? 5.432   -10.254 -14.303 1.00 14.47 ? 43   GLN A CB  1 
ATOM   380  C CG  . GLN A 1 48  ? 6.755   -10.616 -14.960 1.00 21.79 ? 43   GLN A CG  1 
ATOM   381  C CD  . GLN A 1 48  ? 7.499   -11.653 -14.135 1.00 27.13 ? 43   GLN A CD  1 
ATOM   382  O OE1 . GLN A 1 48  ? 6.941   -12.260 -13.212 1.00 29.85 ? 43   GLN A OE1 1 
ATOM   383  N NE2 . GLN A 1 48  ? 8.779   -11.814 -14.411 1.00 33.76 ? 43   GLN A NE2 1 
ATOM   384  N N   . LEU A 1 49  ? 3.418   -8.290  -13.028 1.00 8.05  ? 44   LEU A N   1 
ATOM   385  C CA  . LEU A 1 49  ? 2.262   -8.083  -12.148 1.00 7.45  ? 44   LEU A CA  1 
ATOM   386  C C   . LEU A 1 49  ? 1.348   -7.040  -12.736 1.00 7.27  ? 44   LEU A C   1 
ATOM   387  O O   . LEU A 1 49  ? 1.802   -6.122  -13.397 1.00 7.61  ? 44   LEU A O   1 
ATOM   388  C CB  . LEU A 1 49  ? 2.743   -7.682  -10.751 1.00 7.66  ? 44   LEU A CB  1 
ATOM   389  C CG  . LEU A 1 49  ? 3.689   -8.657  -10.053 1.00 6.70  ? 44   LEU A CG  1 
ATOM   390  C CD1 . LEU A 1 49  ? 4.199   -8.009  -8.766  1.00 8.27  ? 44   LEU A CD1 1 
ATOM   391  C CD2 . LEU A 1 49  ? 2.935   -9.954  -9.739  1.00 10.59 ? 44   LEU A CD2 1 
ATOM   392  N N   . PRO A 1 50  ? 0.057   -7.181  -12.553 1.00 7.54  ? 45   PRO A N   1 
ATOM   393  C CA  . PRO A 1 50  ? -0.839  -6.224  -13.124 1.00 7.97  ? 45   PRO A CA  1 
ATOM   394  C C   . PRO A 1 50  ? -0.970  -4.917  -12.345 1.00 7.41  ? 45   PRO A C   1 
ATOM   395  O O   . PRO A 1 50  ? -0.492  -4.812  -11.207 1.00 7.63  ? 45   PRO A O   1 
ATOM   396  C CB  . PRO A 1 50  ? -2.143  -6.998  -13.187 1.00 9.34  ? 45   PRO A CB  1 
ATOM   397  C CG  . PRO A 1 50  ? -2.087  -7.867  -11.968 1.00 9.37  ? 45   PRO A CG  1 
ATOM   398  C CD  . PRO A 1 50  ? -0.633  -8.251  -11.816 1.00 8.63  ? 45   PRO A CD  1 
ATOM   399  N N   . VAL A 1 51  ? -1.685  -3.982  -12.957 1.00 9.09  ? 46   VAL A N   1 
ATOM   400  C CA  . VAL A 1 51  ? -2.061  -2.715  -12.350 1.00 7.99  ? 46   VAL A CA  1 
ATOM   401  C C   . VAL A 1 51  ? -3.403  -2.889  -11.664 1.00 8.00  ? 46   VAL A C   1 
ATOM   402  O O   . VAL A 1 51  ? -4.292  -3.539  -12.207 1.00 8.92  ? 46   VAL A O   1 
ATOM   403  C CB  . VAL A 1 51  ? -2.195  -1.659  -13.472 1.00 8.85  ? 46   VAL A CB  1 
ATOM   404  C CG1 . VAL A 1 51  ? -2.720  -0.332  -12.931 1.00 10.03 ? 46   VAL A CG1 1 
ATOM   405  C CG2 . VAL A 1 51  ? -0.810  -1.420  -14.095 1.00 10.66 ? 46   VAL A CG2 1 
ATOM   406  N N   . LEU A 1 52  ? -3.547  -2.345  -10.460 1.00 7.82  ? 47   LEU A N   1 
ATOM   407  C CA  . LEU A 1 52  ? -4.846  -2.401  -9.725  1.00 7.82  ? 47   LEU A CA  1 
ATOM   408  C C   . LEU A 1 52  ? -5.749  -1.333  -10.247 1.00 8.17  ? 47   LEU A C   1 
ATOM   409  O O   . LEU A 1 52  ? -5.356  -0.205  -10.591 1.00 10.06 ? 47   LEU A O   1 
ATOM   410  C CB  . LEU A 1 52  ? -4.625  -2.096  -8.243  1.00 8.57  ? 47   LEU A CB  1 
ATOM   411  C CG  . LEU A 1 52  ? -3.872  -3.187  -7.492  1.00 9.22  ? 47   LEU A CG  1 
ATOM   412  C CD1 . LEU A 1 52  ? -3.319  -2.607  -6.195  1.00 10.22 ? 47   LEU A CD1 1 
ATOM   413  C CD2 . LEU A 1 52  ? -4.705  -4.469  -7.283  1.00 10.59 ? 47   LEU A CD2 1 
ATOM   414  N N   . ASP A 1 53  ? -7.047  -1.652  -10.309 1.00 9.71  ? 48   ASP A N   1 
ATOM   415  C CA  . ASP A 1 53  ? -7.999  -0.651  -10.654 1.00 10.03 ? 48   ASP A CA  1 
ATOM   416  C C   . ASP A 1 53  ? -8.134  0.436   -9.587  1.00 9.44  ? 48   ASP A C   1 
ATOM   417  O O   . ASP A 1 53  ? -8.349  1.608   -9.894  1.00 12.22 ? 48   ASP A O   1 
ATOM   418  C CB  . ASP A 1 53  ? -9.410  -1.277  -10.897 1.00 12.10 ? 48   ASP A CB  1 
ATOM   419  C CG  . ASP A 1 53  ? -9.467  -2.194  -12.099 1.00 19.27 ? 48   ASP A CG  1 
ATOM   420  O OD1 . ASP A 1 53  ? -10.335 -3.085  -12.096 1.00 17.88 ? 48   ASP A OD1 1 
ATOM   421  O OD2 . ASP A 1 53  ? -8.725  -1.996  -13.099 1.00 23.72 ? 48   ASP A OD2 1 
ATOM   422  N N   . LYS A 1 54  ? -7.989  0.020   -8.320  1.00 7.92  ? 49   LYS A N   1 
ATOM   423  C CA  . LYS A 1 54  ? -7.992  0.937   -7.207  1.00 8.17  ? 49   LYS A CA  1 
ATOM   424  C C   . LYS A 1 54  ? -6.663  0.772   -6.453  1.00 6.92  ? 49   LYS A C   1 
ATOM   425  O O   . LYS A 1 54  ? -6.343  -0.305  -5.944  1.00 7.95  ? 49   LYS A O   1 
ATOM   426  C CB  . LYS A 1 54  ? -9.115  0.623   -6.216  1.00 8.16  ? 49   LYS A CB  1 
ATOM   427  C CG  . LYS A 1 54  ? -10.497 0.927   -6.767  1.00 7.89  ? 49   LYS A CG  1 
ATOM   428  C CD  . LYS A 1 54  ? -11.553 0.668   -5.693  1.00 9.39  ? 49   LYS A CD  1 
ATOM   429  C CE  . LYS A 1 54  ? -12.906 0.939   -6.281  1.00 8.37  ? 49   LYS A CE  1 
ATOM   430  N NZ  . LYS A 1 54  ? -13.912 0.438   -5.282  1.00 8.35  ? 49   LYS A NZ  1 
ATOM   431  N N   . THR A 1 55  ? -5.903  1.858   -6.449  1.00 6.77  ? 50   THR A N   1 
ATOM   432  C CA  . THR A 1 55  ? -4.624  1.868   -5.774  1.00 6.93  ? 50   THR A CA  1 
ATOM   433  C C   . THR A 1 55  ? -4.662  2.650   -4.452  1.00 6.98  ? 50   THR A C   1 
ATOM   434  O O   . THR A 1 55  ? -3.680  2.684   -3.733  1.00 6.68  ? 50   THR A O   1 
ATOM   435  C CB  . THR A 1 55  ? -3.549  2.535   -6.654  1.00 7.09  ? 50   THR A CB  1 
ATOM   436  O OG1 . THR A 1 55  ? -3.980  3.875   -7.010  1.00 9.95  ? 50   THR A OG1 1 
ATOM   437  C CG2 . THR A 1 55  ? -3.289  1.752   -8.005  1.00 7.27  ? 50   THR A CG2 1 
ATOM   438  N N   . LYS A 1 56  ? -5.797  3.238   -4.090  1.00 6.49  ? 51   LYS A N   1 
ATOM   439  C CA  . LYS A 1 56  ? -5.958  3.902   -2.776  1.00 6.51  ? 51   LYS A CA  1 
ATOM   440  C C   . LYS A 1 56  ? -6.642  2.887   -1.886  1.00 6.60  ? 51   LYS A C   1 
ATOM   441  O O   . LYS A 1 56  ? -7.704  2.382   -2.257  1.00 7.35  ? 51   LYS A O   1 
ATOM   442  C CB  . LYS A 1 56  ? -6.849  5.154   -2.896  1.00 8.43  ? 51   LYS A CB  1 
ATOM   443  C CG  . LYS A 1 56  ? -6.254  6.202   -3.821  1.00 10.10 ? 51   LYS A CG  1 
ATOM   444  C CD  . LYS A 1 56  ? -7.232  7.305   -4.164  1.00 12.65 ? 51   LYS A CD  1 
ATOM   445  C CE  . LYS A 1 56  ? -7.606  8.132   -2.940  1.00 14.50 ? 51   LYS A CE  1 
ATOM   446  N NZ  . LYS A 1 56  ? -8.716  9.099   -3.311  1.00 15.92 ? 51   LYS A NZ  1 
ATOM   447  N N   . PHE A 1 57  ? -6.028  2.608   -0.732  1.00 5.58  ? 52   PHE A N   1 
ATOM   448  C CA  . PHE A 1 57  ? -6.547  1.606   0.197   1.00 5.55  ? 52   PHE A CA  1 
ATOM   449  C C   . PHE A 1 57  ? -6.798  2.194   1.550   1.00 5.74  ? 52   PHE A C   1 
ATOM   450  O O   . PHE A 1 57  ? -6.116  3.098   2.017   1.00 4.82  ? 52   PHE A O   1 
ATOM   451  C CB  . PHE A 1 57  ? -5.511  0.471   0.355   1.00 6.52  ? 52   PHE A CB  1 
ATOM   452  C CG  . PHE A 1 57  ? -5.497  -0.485  -0.793  1.00 6.45  ? 52   PHE A CG  1 
ATOM   453  C CD1 . PHE A 1 57  ? -4.749  -0.171  -1.934  1.00 7.53  ? 52   PHE A CD1 1 
ATOM   454  C CD2 . PHE A 1 57  ? -6.326  -1.623  -0.803  1.00 7.46  ? 52   PHE A CD2 1 
ATOM   455  C CE1 . PHE A 1 57  ? -4.668  -1.095  -3.000  1.00 7.97  ? 52   PHE A CE1 1 
ATOM   456  C CE2 . PHE A 1 57  ? -6.266  -2.519  -1.839  1.00 7.37  ? 52   PHE A CE2 1 
ATOM   457  C CZ  . PHE A 1 57  ? -5.463  -2.225  -2.953  1.00 8.49  ? 52   PHE A CZ  1 
ATOM   458  N N   A LEU A 1 58  ? -7.786  1.614   2.223   0.15 5.62  ? 53   LEU A N   1 
ATOM   459  N N   B LEU A 1 58  ? -7.726  1.569   2.287   0.85 5.27  ? 53   LEU A N   1 
ATOM   460  C CA  A LEU A 1 58  ? -7.940  1.762   3.661   0.15 5.72  ? 53   LEU A CA  1 
ATOM   461  C CA  B LEU A 1 58  ? -7.892  1.843   3.734   0.85 5.12  ? 53   LEU A CA  1 
ATOM   462  C C   A LEU A 1 58  ? -7.532  0.416   4.246   0.15 5.72  ? 53   LEU A C   1 
ATOM   463  C C   B LEU A 1 58  ? -7.702  0.485   4.407   0.85 5.07  ? 53   LEU A C   1 
ATOM   464  O O   A LEU A 1 58  ? -7.945  -0.640  3.742   0.15 5.73  ? 53   LEU A O   1 
ATOM   465  O O   B LEU A 1 58  ? -8.494  -0.494  4.208   0.85 5.43  ? 53   LEU A O   1 
ATOM   466  C CB  A LEU A 1 58  ? -9.399  2.083   4.001   0.15 5.68  ? 53   LEU A CB  1 
ATOM   467  C CB  B LEU A 1 58  ? -9.321  2.356   4.000   0.85 5.00  ? 53   LEU A CB  1 
ATOM   468  C CG  A LEU A 1 58  ? -9.809  3.522   3.707   0.15 5.69  ? 53   LEU A CG  1 
ATOM   469  C CG  B LEU A 1 58  ? -9.478  3.770   3.530   0.85 4.85  ? 53   LEU A CG  1 
ATOM   470  C CD1 A LEU A 1 58  ? -8.919  4.093   2.629   0.15 5.83  ? 53   LEU A CD1 1 
ATOM   471  C CD1 B LEU A 1 58  ? -10.975 4.142   3.420   0.85 7.46  ? 53   LEU A CD1 1 
ATOM   472  C CD2 A LEU A 1 58  ? -11.271 3.562   3.259   0.15 5.80  ? 53   LEU A CD2 1 
ATOM   473  C CD2 B LEU A 1 58  ? -8.742  4.714   4.465   0.85 6.55  ? 53   LEU A CD2 1 
ATOM   474  N N   . VAL A 1 59  ? -6.672  0.441   5.264   1.00 5.84  ? 54   VAL A N   1 
ATOM   475  C CA  . VAL A 1 59  ? -6.194  -0.809  5.863   1.00 6.57  ? 54   VAL A CA  1 
ATOM   476  C C   . VAL A 1 59  ? -6.504  -0.786  7.364   1.00 7.10  ? 54   VAL A C   1 
ATOM   477  O O   . VAL A 1 59  ? -6.125  0.157   8.049   1.00 7.09  ? 54   VAL A O   1 
ATOM   478  C CB  . VAL A 1 59  ? -4.674  -0.954  5.661   1.00 7.03  ? 54   VAL A CB  1 
ATOM   479  C CG1 . VAL A 1 59  ? -4.208  -2.316  6.154   1.00 7.75  ? 54   VAL A CG1 1 
ATOM   480  C CG2 . VAL A 1 59  ? -4.333  -0.831  4.139   1.00 6.79  ? 54   VAL A CG2 1 
ATOM   481  N N   . PRO A 1 60  ? -7.131  -1.857  7.899   1.00 7.35  ? 55   PRO A N   1 
ATOM   482  C CA  . PRO A 1 60  ? -7.412  -1.837  9.309   1.00 8.81  ? 55   PRO A CA  1 
ATOM   483  C C   . PRO A 1 60  ? -6.117  -1.658  10.086  1.00 9.14  ? 55   PRO A C   1 
ATOM   484  O O   . PRO A 1 60  ? -5.088  -2.277  9.779   1.00 8.86  ? 55   PRO A O   1 
ATOM   485  C CB  . PRO A 1 60  ? -8.017  -3.212  9.542   1.00 8.66  ? 55   PRO A CB  1 
ATOM   486  C CG  . PRO A 1 60  ? -8.764  -3.459  8.270   1.00 9.47  ? 55   PRO A CG  1 
ATOM   487  C CD  . PRO A 1 60  ? -7.805  -2.967  7.214   1.00 8.82  ? 55   PRO A CD  1 
ATOM   488  N N   . ASP A 1 61  ? -6.182  -0.828  11.128  1.00 8.48  ? 56   ASP A N   1 
ATOM   489  C CA  . ASP A 1 61  ? -4.975  -0.377  11.724  1.00 11.16 ? 56   ASP A CA  1 
ATOM   490  C C   . ASP A 1 61  ? -4.305  -1.434  12.613  1.00 11.42 ? 56   ASP A C   1 
ATOM   491  O O   . ASP A 1 61  ? -3.173  -1.214  13.046  1.00 17.59 ? 56   ASP A O   1 
ATOM   492  C CB  . ASP A 1 61  ? -5.159  1.025   12.368  1.00 14.66 ? 56   ASP A CB  1 
ATOM   493  C CG  . ASP A 1 61  ? -6.098  1.031   13.542  1.00 15.56 ? 56   ASP A CG  1 
ATOM   494  O OD1 . ASP A 1 61  ? -6.475  -0.061  14.021  1.00 15.51 ? 56   ASP A OD1 1 
ATOM   495  O OD2 . ASP A 1 61  ? -6.518  2.154   13.981  1.00 16.83 ? 56   ASP A OD2 1 
ATOM   496  N N   . HIS A 1 62  ? -4.942  -2.583  12.795  1.00 11.37 ? 57   HIS A N   1 
ATOM   497  C CA  . HIS A 1 62  ? -4.355  -3.672  13.544  1.00 13.67 ? 57   HIS A CA  1 
ATOM   498  C C   . HIS A 1 62  ? -3.533  -4.635  12.733  1.00 13.27 ? 57   HIS A C   1 
ATOM   499  O O   . HIS A 1 62  ? -2.838  -5.471  13.323  1.00 19.35 ? 57   HIS A O   1 
ATOM   500  C CB  . HIS A 1 62  ? -5.461  -4.444  14.293  1.00 15.36 ? 57   HIS A CB  1 
ATOM   501  C CG  . HIS A 1 62  ? -6.445  -5.141  13.384  1.00 14.98 ? 57   HIS A CG  1 
ATOM   502  N ND1 . HIS A 1 62  ? -6.219  -6.360  12.870  1.00 18.43 ? 57   HIS A ND1 1 
ATOM   503  C CD2 . HIS A 1 62  ? -7.684  -4.741  12.887  1.00 17.00 ? 57   HIS A CD2 1 
ATOM   504  C CE1 . HIS A 1 62  ? -7.248  -6.726  12.107  1.00 17.33 ? 57   HIS A CE1 1 
ATOM   505  N NE2 . HIS A 1 62  ? -8.149  -5.739  12.124  1.00 17.41 ? 57   HIS A NE2 1 
ATOM   506  N N   A VAL A 1 63  ? -3.615  -4.597  11.427  0.54 11.45 ? 58   VAL A N   1 
ATOM   507  N N   B VAL A 1 63  ? -3.618  -4.541  11.384  0.46 11.73 ? 58   VAL A N   1 
ATOM   508  C CA  A VAL A 1 63  ? -2.887  -5.633  10.767  0.54 11.27 ? 58   VAL A CA  1 
ATOM   509  C CA  B VAL A 1 63  ? -3.002  -5.461  10.345  0.46 11.15 ? 58   VAL A CA  1 
ATOM   510  C C   A VAL A 1 63  ? -1.384  -5.447  10.869  0.54 10.42 ? 58   VAL A C   1 
ATOM   511  C C   B VAL A 1 63  ? -1.456  -5.409  10.211  0.46 12.10 ? 58   VAL A C   1 
ATOM   512  O O   A VAL A 1 63  ? -0.860  -4.397  11.283  0.54 8.26  ? 58   VAL A O   1 
ATOM   513  O O   B VAL A 1 63  ? -0.963  -4.381  9.778   0.46 12.32 ? 58   VAL A O   1 
ATOM   514  C CB  A VAL A 1 63  ? -3.337  -5.803  9.337   0.54 10.79 ? 58   VAL A CB  1 
ATOM   515  C CB  B VAL A 1 63  ? -3.569  -5.102  8.932   0.46 10.79 ? 58   VAL A CB  1 
ATOM   516  C CG1 A VAL A 1 63  ? -4.835  -6.091  9.300   0.54 13.26 ? 58   VAL A CG1 1 
ATOM   517  C CG1 B VAL A 1 63  ? -2.709  -5.634  7.785   0.46 10.39 ? 58   VAL A CG1 1 
ATOM   518  C CG2 A VAL A 1 63  ? -2.974  -4.587  8.513   0.54 11.04 ? 58   VAL A CG2 1 
ATOM   519  C CG2 B VAL A 1 63  ? -5.004  -5.577  8.769   0.46 12.13 ? 58   VAL A CG2 1 
ATOM   520  N N   . ASN A 1 64  ? -0.698  -6.502  10.474  1.00 12.52 ? 59   ASN A N   1 
ATOM   521  C CA  . ASN A 1 64  ? 0.746   -6.431  10.252  1.00 12.85 ? 59   ASN A CA  1 
ATOM   522  C C   . ASN A 1 64  ? 1.092   -6.562  8.755   1.00 11.04 ? 59   ASN A C   1 
ATOM   523  O O   . ASN A 1 64  ? 0.201   -6.832  7.898   1.00 10.70 ? 59   ASN A O   1 
ATOM   524  C CB  . ASN A 1 64  ? 1.553   -7.404  11.115  1.00 12.92 ? 59   ASN A CB  1 
ATOM   525  C CG  . ASN A 1 64  ? 1.277   -8.844  10.787  1.00 15.99 ? 59   ASN A CG  1 
ATOM   526  O OD1 . ASN A 1 64  ? 0.902   -9.180  9.666   1.00 14.84 ? 59   ASN A OD1 1 
ATOM   527  N ND2 . ASN A 1 64  ? 1.472   -9.722  11.765  1.00 17.07 ? 59   ASN A ND2 1 
ATOM   528  N N   . MET A 1 65  ? 2.343   -6.399  8.384   1.00 12.53 ? 60   MET A N   1 
ATOM   529  C CA  . MET A 1 65  ? 2.685   -6.340  6.965   1.00 12.09 ? 60   MET A CA  1 
ATOM   530  C C   . MET A 1 65  ? 2.430   -7.700  6.289   1.00 12.52 ? 60   MET A C   1 
ATOM   531  O O   . MET A 1 65  ? 2.035   -7.740  5.124   1.00 12.87 ? 60   MET A O   1 
ATOM   532  C CB  . MET A 1 65  ? 4.138   -5.907  6.806   1.00 13.86 ? 60   MET A CB  1 
ATOM   533  C CG  . MET A 1 65  ? 4.359   -4.428  7.187   1.00 17.41 ? 60   MET A CG  1 
ATOM   534  S SD  . MET A 1 65  ? 3.491   -3.321  6.056   1.00 24.34 ? 60   MET A SD  1 
ATOM   535  C CE  . MET A 1 65  ? 3.990   -3.853  4.443   1.00 24.11 ? 60   MET A CE  1 
ATOM   536  N N   A SER A 1 66  ? 2.636   -8.788  7.031   0.39 12.38 ? 61   SER A N   1 
ATOM   537  N N   B SER A 1 66  ? 2.624   -8.810  6.984   0.61 11.47 ? 61   SER A N   1 
ATOM   538  C CA  A SER A 1 66  ? 2.423   -10.132 6.517   0.39 12.98 ? 61   SER A CA  1 
ATOM   539  C CA  B SER A 1 66  ? 2.437   -10.078 6.315   0.61 12.22 ? 61   SER A CA  1 
ATOM   540  C C   A SER A 1 66  ? 0.985   -10.265 6.048   0.39 11.57 ? 61   SER A C   1 
ATOM   541  C C   B SER A 1 66  ? 0.941   -10.265 6.002   0.61 11.04 ? 61   SER A C   1 
ATOM   542  O O   A SER A 1 66  ? 0.722   -10.786 4.955   0.39 12.54 ? 61   SER A O   1 
ATOM   543  O O   B SER A 1 66  ? 0.577   -10.847 4.962   0.61 11.71 ? 61   SER A O   1 
ATOM   544  C CB  A SER A 1 66  ? 2.761   -11.194 7.590   0.39 14.87 ? 61   SER A CB  1 
ATOM   545  C CB  B SER A 1 66  ? 3.012   -11.218 7.164   0.61 14.42 ? 61   SER A CB  1 
ATOM   546  O OG  A SER A 1 66  ? 2.205   -12.470 7.277   0.39 18.00 ? 61   SER A OG  1 
ATOM   547  O OG  B SER A 1 66  ? 2.267   -11.297 8.355   0.61 15.39 ? 61   SER A OG  1 
ATOM   548  N N   . GLU A 1 67  ? 0.066   -9.796  6.880   1.00 10.26 ? 62   GLU A N   1 
ATOM   549  C CA  . GLU A 1 67  ? -1.385  -9.824  6.589   1.00 9.71  ? 62   GLU A CA  1 
ATOM   550  C C   . GLU A 1 67  ? -1.696  -8.960  5.346   1.00 10.53 ? 62   GLU A C   1 
ATOM   551  O O   . GLU A 1 67  ? -2.529  -9.357  4.501   1.00 10.77 ? 62   GLU A O   1 
ATOM   552  C CB  . GLU A 1 67  ? -2.187  -9.387  7.807   1.00 12.74 ? 62   GLU A CB  1 
ATOM   553  C CG  . GLU A 1 67  ? -1.981  -10.398 8.973   1.00 15.28 ? 62   GLU A CG  1 
ATOM   554  C CD  . GLU A 1 67  ? -2.557  -9.985  10.311  1.00 23.74 ? 62   GLU A CD  1 
ATOM   555  O OE1 . GLU A 1 67  ? -2.322  -8.861  10.786  1.00 19.66 ? 62   GLU A OE1 1 
ATOM   556  O OE2 . GLU A 1 67  ? -3.146  -10.876 10.976  1.00 30.79 ? 62   GLU A OE2 1 
ATOM   557  N N   . LEU A 1 68  ? -1.103  -7.761  5.250   1.00 8.64  ? 63   LEU A N   1 
ATOM   558  C CA  . LEU A 1 68  ? -1.340  -6.931  4.116   1.00 9.04  ? 63   LEU A CA  1 
ATOM   559  C C   . LEU A 1 68  ? -0.864  -7.562  2.836   1.00 8.37  ? 63   LEU A C   1 
ATOM   560  O O   . LEU A 1 68  ? -1.509  -7.441  1.768   1.00 9.68  ? 63   LEU A O   1 
ATOM   561  C CB  . LEU A 1 68  ? -0.666  -5.562  4.319   1.00 8.63  ? 63   LEU A CB  1 
ATOM   562  C CG  . LEU A 1 68  ? -0.904  -4.568  3.164   1.00 8.09  ? 63   LEU A CG  1 
ATOM   563  C CD1 . LEU A 1 68  ? -2.376  -4.232  2.948   1.00 7.78  ? 63   LEU A CD1 1 
ATOM   564  C CD2 . LEU A 1 68  ? -0.137  -3.275  3.414   1.00 11.71 ? 63   LEU A CD2 1 
ATOM   565  N N   . ILE A 1 69  ? 0.302   -8.171  2.873   1.00 8.40  ? 64   ILE A N   1 
ATOM   566  C CA  . ILE A 1 69  ? 0.828   -8.857  1.679   1.00 8.03  ? 64   ILE A CA  1 
ATOM   567  C C   . ILE A 1 69  ? -0.186  -9.915  1.213   1.00 8.36  ? 64   ILE A C   1 
ATOM   568  O O   . ILE A 1 69  ? -0.461  -10.048 0.003   1.00 8.63  ? 64   ILE A O   1 
ATOM   569  C CB  . ILE A 1 69  ? 2.186   -9.510  1.999   1.00 11.04 ? 64   ILE A CB  1 
ATOM   570  C CG1 . ILE A 1 69  ? 3.216   -8.411  2.145   1.00 11.54 ? 64   ILE A CG1 1 
ATOM   571  C CG2 . ILE A 1 69  ? 2.545   -10.580 0.927   1.00 11.82 ? 64   ILE A CG2 1 
ATOM   572  C CD1 . ILE A 1 69  ? 4.508   -8.983  2.735   1.00 16.57 ? 64   ILE A CD1 1 
ATOM   573  N N   . LYS A 1 70  ? -0.726  -10.724 2.130   1.00 8.84  ? 65   LYS A N   1 
ATOM   574  C CA  . LYS A 1 70  ? -1.688  -11.753 1.689   1.00 9.71  ? 65   LYS A CA  1 
ATOM   575  C C   . LYS A 1 70  ? -2.887  -11.121 0.993   1.00 9.35  ? 65   LYS A C   1 
ATOM   576  O O   . LYS A 1 70  ? -3.325  -11.587 -0.087  1.00 9.99  ? 65   LYS A O   1 
ATOM   577  C CB  . LYS A 1 70  ? -2.250  -12.511 2.895   1.00 13.00 ? 65   LYS A CB  1 
ATOM   578  C CG  . LYS A 1 70  ? -1.211  -13.318 3.613   1.00 20.58 ? 65   LYS A CG  1 
ATOM   579  C CD  . LYS A 1 70  ? -1.891  -14.062 4.759   1.00 24.05 ? 65   LYS A CD  1 
ATOM   580  C CE  . LYS A 1 70  ? -0.908  -15.032 5.400   1.00 28.16 ? 65   LYS A CE  1 
ATOM   581  N NZ  . LYS A 1 70  ? 0.468   -14.449 5.448   1.00 36.25 ? 65   LYS A NZ  1 
ATOM   582  N N   . ILE A 1 71  ? -3.349  -9.976  1.508   1.00 7.97  ? 66   ILE A N   1 
ATOM   583  C CA  . ILE A 1 71  ? -4.507  -9.289  0.922   1.00 9.04  ? 66   ILE A CA  1 
ATOM   584  C C   . ILE A 1 71  ? -4.158  -8.737  -0.452  1.00 8.40  ? 66   ILE A C   1 
ATOM   585  O O   . ILE A 1 71  ? -4.952  -8.843  -1.384  1.00 8.13  ? 66   ILE A O   1 
ATOM   586  C CB  . ILE A 1 71  ? -5.004  -8.167  1.825   1.00 11.02 ? 66   ILE A CB  1 
ATOM   587  C CG1 . ILE A 1 71  ? -5.547  -8.786  3.110   1.00 11.90 ? 66   ILE A CG1 1 
ATOM   588  C CG2 . ILE A 1 71  ? -6.066  -7.380  1.107   1.00 11.96 ? 66   ILE A CG2 1 
ATOM   589  C CD1 . ILE A 1 71  ? -5.306  -7.930  4.332   1.00 18.74 ? 66   ILE A CD1 1 
ATOM   590  N N   . ILE A 1 72  ? -2.982  -8.127  -0.590  1.00 6.89  ? 67   ILE A N   1 
ATOM   591  C CA  . ILE A 1 72  ? -2.682  -7.500  -1.854  1.00 6.62  ? 67   ILE A CA  1 
ATOM   592  C C   . ILE A 1 72  ? -2.423  -8.564  -2.942  1.00 6.22  ? 67   ILE A C   1 
ATOM   593  O O   . ILE A 1 72  ? -2.791  -8.391  -4.110  1.00 6.09  ? 67   ILE A O   1 
ATOM   594  C CB  . ILE A 1 72  ? -1.472  -6.544  -1.728  1.00 6.89  ? 67   ILE A CB  1 
ATOM   595  C CG1 . ILE A 1 72  ? -1.851  -5.399  -0.766  1.00 6.95  ? 67   ILE A CG1 1 
ATOM   596  C CG2 . ILE A 1 72  ? -1.162  -5.895  -3.073  1.00 6.87  ? 67   ILE A CG2 1 
ATOM   597  C CD1 . ILE A 1 72  ? -3.196  -4.663  -1.053  1.00 7.58  ? 67   ILE A CD1 1 
ATOM   598  N N   . ARG A 1 73  ? -1.840  -9.689  -2.553  1.00 7.44  ? 68   ARG A N   1 
ATOM   599  C CA  . ARG A 1 73  ? -1.687  -10.808 -3.516  1.00 7.13  ? 68   ARG A CA  1 
ATOM   600  C C   . ARG A 1 73  ? -3.046  -11.247 -4.013  1.00 6.53  ? 68   ARG A C   1 
ATOM   601  O O   . ARG A 1 73  ? -3.182  -11.494 -5.228  1.00 6.78  ? 68   ARG A O   1 
ATOM   602  C CB  . ARG A 1 73  ? -0.959  -11.994 -2.898  1.00 7.67  ? 68   ARG A CB  1 
ATOM   603  C CG  . ARG A 1 73  ? 0.567   -11.806 -2.621  1.00 9.47  ? 68   ARG A CG  1 
ATOM   604  C CD  . ARG A 1 73  ? 1.213   -13.126 -2.041  1.00 9.81  ? 68   ARG A CD  1 
ATOM   605  N NE  . ARG A 1 73  ? 1.018   -14.223 -2.996  1.00 10.36 ? 68   ARG A NE  1 
ATOM   606  C CZ  . ARG A 1 73  ? 1.825   -14.464 -4.022  1.00 9.59  ? 68   ARG A CZ  1 
ATOM   607  N NH1 . ARG A 1 73  ? 2.966   -13.854 -4.150  1.00 9.81  ? 68   ARG A NH1 1 
ATOM   608  N NH2 . ARG A 1 73  ? 1.432   -15.312 -4.992  1.00 10.98 ? 68   ARG A NH2 1 
ATOM   609  N N   . ARG A 1 74  ? -4.032  -11.312 -3.136  1.00 6.38  ? 69   ARG A N   1 
ATOM   610  C CA  . ARG A 1 74  ? -5.379  -11.669 -3.583  1.00 8.23  ? 69   ARG A CA  1 
ATOM   611  C C   . ARG A 1 74  ? -6.000  -10.572 -4.410  1.00 7.31  ? 69   ARG A C   1 
ATOM   612  O O   . ARG A 1 74  ? -6.636  -10.864 -5.409  1.00 8.16  ? 69   ARG A O   1 
ATOM   613  C CB  . ARG A 1 74  ? -6.210  -12.042 -2.398  1.00 13.19 ? 69   ARG A CB  1 
ATOM   614  C CG  . ARG A 1 74  ? -5.976  -13.501 -2.070  1.00 19.67 ? 69   ARG A CG  1 
ATOM   615  C CD  . ARG A 1 74  ? -7.292  -14.114 -1.584  1.00 29.61 ? 69   ARG A CD  1 
ATOM   616  N NE  . ARG A 1 74  ? -7.865  -13.193 -0.608  1.00 33.49 ? 69   ARG A NE  1 
ATOM   617  C CZ  . ARG A 1 74  ? -7.455  -13.085 0.653   1.00 37.15 ? 69   ARG A CZ  1 
ATOM   618  N NH1 . ARG A 1 74  ? -6.522  -13.904 1.130   1.00 40.11 ? 69   ARG A NH1 1 
ATOM   619  N NH2 . ARG A 1 74  ? -7.982  -12.146 1.435   1.00 39.28 ? 69   ARG A NH2 1 
ATOM   620  N N   . ARG A 1 75  ? -5.787  -9.286  -4.083  1.00 6.00  ? 70   ARG A N   1 
ATOM   621  C CA  . ARG A 1 75  ? -6.310  -8.174  -4.887  1.00 6.18  ? 70   ARG A CA  1 
ATOM   622  C C   . ARG A 1 75  ? -5.780  -8.265  -6.335  1.00 6.24  ? 70   ARG A C   1 
ATOM   623  O O   . ARG A 1 75  ? -6.499  -7.914  -7.255  1.00 7.77  ? 70   ARG A O   1 
ATOM   624  C CB  . ARG A 1 75  ? -5.925  -6.806  -4.276  1.00 6.81  ? 70   ARG A CB  1 
ATOM   625  C CG  . ARG A 1 75  ? -6.668  -6.397  -3.000  1.00 7.25  ? 70   ARG A CG  1 
ATOM   626  C CD  . ARG A 1 75  ? -8.156  -6.255  -3.290  1.00 7.78  ? 70   ARG A CD  1 
ATOM   627  N NE  . ARG A 1 75  ? -8.857  -5.492  -2.230  1.00 7.06  ? 70   ARG A NE  1 
ATOM   628  C CZ  . ARG A 1 75  ? -9.340  -6.000  -1.108  1.00 7.41  ? 70   ARG A CZ  1 
ATOM   629  N NH1 . ARG A 1 75  ? -9.108  -7.283  -0.758  1.00 8.90  ? 70   ARG A NH1 1 
ATOM   630  N NH2 . ARG A 1 75  ? -10.075 -5.245  -0.317  1.00 8.24  ? 70   ARG A NH2 1 
ATOM   631  N N   . LEU A 1 76  ? -4.507  -8.691  -6.496  1.00 6.25  ? 71   LEU A N   1 
ATOM   632  C CA  . LEU A 1 76  ? -3.908  -8.825  -7.786  1.00 6.28  ? 71   LEU A CA  1 
ATOM   633  C C   . LEU A 1 76  ? -4.240  -10.135 -8.461  1.00 6.09  ? 71   LEU A C   1 
ATOM   634  O O   . LEU A 1 76  ? -3.864  -10.355 -9.631  1.00 7.04  ? 71   LEU A O   1 
ATOM   635  C CB  . LEU A 1 76  ? -2.376  -8.682  -7.675  1.00 5.94  ? 71   LEU A CB  1 
ATOM   636  C CG  . LEU A 1 76  ? -1.886  -7.273  -7.305  1.00 6.17  ? 71   LEU A CG  1 
ATOM   637  C CD1 . LEU A 1 76  ? -0.433  -7.392  -6.879  1.00 6.58  ? 71   LEU A CD1 1 
ATOM   638  C CD2 . LEU A 1 76  ? -1.982  -6.313  -8.510  1.00 7.17  ? 71   LEU A CD2 1 
ATOM   639  N N   . GLN A 1 77  ? -5.065  -10.979 -7.795  1.00 6.11  ? 72   GLN A N   1 
ATOM   640  C CA  . GLN A 1 77  ? -5.454  -12.316 -8.335  1.00 6.22  ? 72   GLN A CA  1 
ATOM   641  C C   . GLN A 1 77  ? -4.223  -13.128 -8.804  1.00 6.37  ? 72   GLN A C   1 
ATOM   642  O O   . GLN A 1 77  ? -4.193  -13.799 -9.848  1.00 7.84  ? 72   GLN A O   1 
ATOM   643  C CB  . GLN A 1 77  ? -6.478  -12.164 -9.471  1.00 7.05  ? 72   GLN A CB  1 
ATOM   644  C CG  . GLN A 1 77  ? -7.727  -11.373 -9.116  1.00 6.86  ? 72   GLN A CG  1 
ATOM   645  C CD  . GLN A 1 77  ? -8.563  -12.051 -8.048  1.00 6.98  ? 72   GLN A CD  1 
ATOM   646  O OE1 . GLN A 1 77  ? -9.247  -11.357 -7.217  1.00 11.90 ? 72   GLN A OE1 1 
ATOM   647  N NE2 . GLN A 1 77  ? -8.544  -13.360 -7.996  1.00 5.84  ? 72   GLN A NE2 1 
ATOM   648  N N   . LEU A 1 78  ? -3.188  -13.088 -7.969  1.00 6.26  ? 73   LEU A N   1 
ATOM   649  C CA  . LEU A 1 78  ? -1.928  -13.798 -8.296  1.00 6.65  ? 73   LEU A CA  1 
ATOM   650  C C   . LEU A 1 78  ? -2.075  -15.312 -8.169  1.00 7.44  ? 73   LEU A C   1 
ATOM   651  O O   . LEU A 1 78  ? -2.753  -15.793 -7.255  1.00 8.72  ? 73   LEU A O   1 
ATOM   652  C CB  . LEU A 1 78  ? -0.785  -13.345 -7.328  1.00 6.76  ? 73   LEU A CB  1 
ATOM   653  C CG  . LEU A 1 78  ? -0.432  -11.874 -7.404  1.00 6.88  ? 73   LEU A CG  1 
ATOM   654  C CD1 . LEU A 1 78  ? 0.851   -11.688 -6.621  1.00 7.58  ? 73   LEU A CD1 1 
ATOM   655  C CD2 . LEU A 1 78  ? -0.251  -11.445 -8.865  1.00 7.24  ? 73   LEU A CD2 1 
ATOM   656  N N   . ASN A 1 79  ? -1.342  -16.028 -9.016  1.00 6.64  ? 74   ASN A N   1 
ATOM   657  C CA  . ASN A 1 79  ? -1.107  -17.445 -8.798  1.00 8.15  ? 74   ASN A CA  1 
ATOM   658  C C   . ASN A 1 79  ? -0.092  -17.643 -7.692  1.00 8.40  ? 74   ASN A C   1 
ATOM   659  O O   . ASN A 1 79  ? 0.782   -16.802 -7.482  1.00 9.01  ? 74   ASN A O   1 
ATOM   660  C CB  . ASN A 1 79  ? -0.641  -18.110 -10.103 1.00 8.06  ? 74   ASN A CB  1 
ATOM   661  C CG  . ASN A 1 79  ? -1.707  -18.085 -11.184 1.00 8.58  ? 74   ASN A CG  1 
ATOM   662  O OD1 . ASN A 1 79  ? -2.915  -18.086 -10.924 1.00 7.21  ? 74   ASN A OD1 1 
ATOM   663  N ND2 . ASN A 1 79  ? -1.231  -18.079 -12.453 1.00 10.53 ? 74   ASN A ND2 1 
ATOM   664  N N   . ALA A 1 80  ? -0.094  -18.837 -7.108  1.00 10.15 ? 75   ALA A N   1 
ATOM   665  C CA  . ALA A 1 80  ? 0.880   -19.132 -6.052  1.00 9.60  ? 75   ALA A CA  1 
ATOM   666  C C   . ALA A 1 80  ? 2.345   -19.164 -6.488  1.00 10.59 ? 75   ALA A C   1 
ATOM   667  O O   . ALA A 1 80  ? 3.257   -18.792 -5.691  1.00 12.77 ? 75   ALA A O   1 
ATOM   668  C CB  . ALA A 1 80  ? 0.506   -20.488 -5.464  1.00 11.02 ? 75   ALA A CB  1 
ATOM   669  N N   . ASN A 1 81  ? 2.587   -19.426 -7.756  1.00 9.30  ? 76   ASN A N   1 
ATOM   670  C CA  . ASN A 1 81  ? 3.922   -19.463 -8.287  1.00 11.31 ? 76   ASN A CA  1 
ATOM   671  C C   . ASN A 1 81  ? 4.411   -18.074 -8.722  1.00 10.99 ? 76   ASN A C   1 
ATOM   672  O O   . ASN A 1 81  ? 5.456   -17.950 -9.330  1.00 14.74 ? 76   ASN A O   1 
ATOM   673  C CB  . ASN A 1 81  ? 3.998   -20.490 -9.417  1.00 11.60 ? 76   ASN A CB  1 
ATOM   674  C CG  . ASN A 1 81  ? 3.340   -20.023 -10.709 1.00 14.58 ? 76   ASN A CG  1 
ATOM   675  O OD1 . ASN A 1 81  ? 2.645   -19.010 -10.739 1.00 13.80 ? 76   ASN A OD1 1 
ATOM   676  N ND2 . ASN A 1 81  ? 3.440   -20.839 -11.754 1.00 14.61 ? 76   ASN A ND2 1 
ATOM   677  N N   . GLN A 1 82  ? 3.640   -16.994 -8.469  1.00 10.19 ? 77   GLN A N   1 
ATOM   678  C CA  . GLN A 1 82  ? 4.062   -15.663 -8.920  1.00 11.53 ? 77   GLN A CA  1 
ATOM   679  C C   . GLN A 1 82  ? 4.601   -14.865 -7.721  1.00 10.01 ? 77   GLN A C   1 
ATOM   680  O O   . GLN A 1 82  ? 3.880   -14.669 -6.776  1.00 11.52 ? 77   GLN A O   1 
ATOM   681  C CB  . GLN A 1 82  ? 2.869   -14.975 -9.617  1.00 11.47 ? 77   GLN A CB  1 
ATOM   682  C CG  . GLN A 1 82  ? 3.118   -13.490 -9.892  1.00 12.81 ? 77   GLN A CG  1 
ATOM   683  C CD  . GLN A 1 82  ? 4.208   -13.328 -10.935 1.00 14.86 ? 77   GLN A CD  1 
ATOM   684  O OE1 . GLN A 1 82  ? 4.100   -13.837 -12.076 1.00 18.65 ? 77   GLN A OE1 1 
ATOM   685  N NE2 . GLN A 1 82  ? 5.299   -12.642 -10.558 1.00 16.75 ? 77   GLN A NE2 1 
ATOM   686  N N   . ALA A 1 83  ? 5.883   -14.482 -7.759  1.00 10.58 ? 78   ALA A N   1 
ATOM   687  C CA  . ALA A 1 83  ? 6.522   -13.761 -6.648  1.00 11.80 ? 78   ALA A CA  1 
ATOM   688  C C   . ALA A 1 83  ? 6.003   -12.304 -6.598  1.00 9.71  ? 78   ALA A C   1 
ATOM   689  O O   . ALA A 1 83  ? 5.580   -11.730 -7.595  1.00 11.52 ? 78   ALA A O   1 
ATOM   690  C CB  . ALA A 1 83  ? 8.040   -13.781 -6.821  1.00 13.76 ? 78   ALA A CB  1 
ATOM   691  N N   . PHE A 1 84  ? 5.984   -11.798 -5.377  1.00 8.93  ? 79   PHE A N   1 
ATOM   692  C CA  . PHE A 1 84  ? 5.517   -10.434 -5.072  1.00 9.27  ? 79   PHE A CA  1 
ATOM   693  C C   . PHE A 1 84  ? 6.269   -9.851  -3.857  1.00 9.06  ? 79   PHE A C   1 
ATOM   694  O O   . PHE A 1 84  ? 6.445   -10.492 -2.815  1.00 9.90  ? 79   PHE A O   1 
ATOM   695  C CB  . PHE A 1 84  ? 4.013   -10.569 -4.722  1.00 11.05 ? 79   PHE A CB  1 
ATOM   696  C CG  . PHE A 1 84  ? 3.387   -9.336  -4.168  1.00 8.93  ? 79   PHE A CG  1 
ATOM   697  C CD1 . PHE A 1 84  ? 3.453   -9.093  -2.806  1.00 10.15 ? 79   PHE A CD1 1 
ATOM   698  C CD2 . PHE A 1 84  ? 2.719   -8.454  -4.962  1.00 9.10  ? 79   PHE A CD2 1 
ATOM   699  C CE1 . PHE A 1 84  ? 2.829   -8.008  -2.208  1.00 9.51  ? 79   PHE A CE1 1 
ATOM   700  C CE2 . PHE A 1 84  ? 2.133   -7.317  -4.385  1.00 7.83  ? 79   PHE A CE2 1 
ATOM   701  C CZ  . PHE A 1 84  ? 2.149   -7.107  -2.996  1.00 10.16 ? 79   PHE A CZ  1 
ATOM   702  N N   . PHE A 1 85  ? 6.714   -8.600  -3.980  1.00 7.60  ? 80   PHE A N   1 
ATOM   703  C CA  . PHE A 1 85  ? 7.461   -7.921  -2.927  1.00 9.00  ? 80   PHE A CA  1 
ATOM   704  C C   . PHE A 1 85  ? 6.924   -6.500  -2.864  1.00 8.27  ? 80   PHE A C   1 
ATOM   705  O O   . PHE A 1 85  ? 6.623   -5.886  -3.904  1.00 8.48  ? 80   PHE A O   1 
ATOM   706  C CB  . PHE A 1 85  ? 8.970   -7.868  -3.282  1.00 9.99  ? 80   PHE A CB  1 
ATOM   707  C CG  . PHE A 1 85  ? 9.619   -9.219  -3.459  1.00 12.16 ? 80   PHE A CG  1 
ATOM   708  C CD1 . PHE A 1 85  ? 9.998   -9.951  -2.358  1.00 16.01 ? 80   PHE A CD1 1 
ATOM   709  C CD2 . PHE A 1 85  ? 9.627   -9.827  -4.700  1.00 12.40 ? 80   PHE A CD2 1 
ATOM   710  C CE1 . PHE A 1 85  ? 10.520  -11.223 -2.510  1.00 18.48 ? 80   PHE A CE1 1 
ATOM   711  C CE2 . PHE A 1 85  ? 10.112  -11.102 -4.856  1.00 15.71 ? 80   PHE A CE2 1 
ATOM   712  C CZ  . PHE A 1 85  ? 10.615  -11.763 -3.763  1.00 17.33 ? 80   PHE A CZ  1 
ATOM   713  N N   . LEU A 1 86  ? 6.887   -5.960  -1.670  1.00 9.60  ? 81   LEU A N   1 
ATOM   714  C CA  . LEU A 1 86  ? 6.503   -4.561  -1.430  1.00 9.58  ? 81   LEU A CA  1 
ATOM   715  C C   . LEU A 1 86  ? 7.683   -3.724  -1.000  1.00 9.36  ? 81   LEU A C   1 
ATOM   716  O O   . LEU A 1 86  ? 8.534   -4.128  -0.206  1.00 12.83 ? 81   LEU A O   1 
ATOM   717  C CB  . LEU A 1 86  ? 5.390   -4.440  -0.336  1.00 12.07 ? 81   LEU A CB  1 
ATOM   718  C CG  . LEU A 1 86  ? 3.949   -4.720  -0.760  1.00 14.45 ? 81   LEU A CG  1 
ATOM   719  C CD1 . LEU A 1 86  ? 3.021   -4.982  0.430   1.00 19.42 ? 81   LEU A CD1 1 
ATOM   720  C CD2 . LEU A 1 86  ? 3.348   -3.612  -1.617  1.00 12.75 ? 81   LEU A CD2 1 
ATOM   721  N N   . LEU A 1 87  ? 7.730   -2.521  -1.531  1.00 7.83  ? 82   LEU A N   1 
ATOM   722  C CA  . LEU A 1 87  ? 8.664   -1.506  -1.013  1.00 7.90  ? 82   LEU A CA  1 
ATOM   723  C C   . LEU A 1 87  ? 7.791   -0.444  -0.373  1.00 7.68  ? 82   LEU A C   1 
ATOM   724  O O   . LEU A 1 87  ? 6.884   0.070   -1.015  1.00 9.50  ? 82   LEU A O   1 
ATOM   725  C CB  . LEU A 1 87  ? 9.431   -0.867  -2.185  1.00 8.82  ? 82   LEU A CB  1 
ATOM   726  C CG  . LEU A 1 87  ? 10.482  -1.753  -2.863  1.00 9.67  ? 82   LEU A CG  1 
ATOM   727  C CD1 . LEU A 1 87  ? 10.869  -1.113  -4.181  1.00 11.81 ? 82   LEU A CD1 1 
ATOM   728  C CD2 . LEU A 1 87  ? 11.707  -1.864  -1.950  1.00 9.22  ? 82   LEU A CD2 1 
ATOM   729  N N   . VAL A 1 88  ? 8.084   -0.085  0.890   1.00 7.65  ? 83   VAL A N   1 
ATOM   730  C CA  . VAL A 1 88  ? 7.274   0.842   1.669   1.00 7.31  ? 83   VAL A CA  1 
ATOM   731  C C   . VAL A 1 88  ? 8.123   2.095   1.826   1.00 7.22  ? 83   VAL A C   1 
ATOM   732  O O   . VAL A 1 88  ? 9.281   1.970   2.290   1.00 6.45  ? 83   VAL A O   1 
ATOM   733  C CB  . VAL A 1 88  ? 6.981   0.266   3.052   1.00 7.46  ? 83   VAL A CB  1 
ATOM   734  C CG1 . VAL A 1 88  ? 6.157   1.238   3.873   1.00 9.33  ? 83   VAL A CG1 1 
ATOM   735  C CG2 . VAL A 1 88  ? 6.249   -1.048  2.947   1.00 8.85  ? 83   VAL A CG2 1 
ATOM   736  N N   . ASN A 1 89  ? 7.677   3.244   1.352   1.00 7.88  ? 84   ASN A N   1 
ATOM   737  C CA  . ASN A 1 89  ? 8.448   4.494   1.502   1.00 6.90  ? 84   ASN A CA  1 
ATOM   738  C C   . ASN A 1 89  ? 9.892   4.304   0.982   1.00 7.70  ? 84   ASN A C   1 
ATOM   739  O O   . ASN A 1 89  ? 10.827  4.794   1.593   1.00 8.17  ? 84   ASN A O   1 
ATOM   740  C CB  . ASN A 1 89  ? 8.455   4.896   3.012   1.00 7.79  ? 84   ASN A CB  1 
ATOM   741  C CG  . ASN A 1 89  ? 9.063   6.262   3.239   1.00 8.66  ? 84   ASN A CG  1 
ATOM   742  O OD1 . ASN A 1 89  ? 8.931   7.143   2.398   1.00 9.69  ? 84   ASN A OD1 1 
ATOM   743  N ND2 . ASN A 1 89  ? 9.714   6.419   4.378   1.00 9.53  ? 84   ASN A ND2 1 
ATOM   744  N N   . GLY A 1 90  ? 10.037  3.551   -0.120  1.00 7.81  ? 85   GLY A N   1 
ATOM   745  C CA  . GLY A 1 90  ? 11.324  3.407   -0.778  1.00 8.93  ? 85   GLY A CA  1 
ATOM   746  C C   . GLY A 1 90  ? 12.256  2.357   -0.239  1.00 9.91  ? 85   GLY A C   1 
ATOM   747  O O   . GLY A 1 90  ? 13.431  2.331   -0.642  1.00 10.28 ? 85   GLY A O   1 
ATOM   748  N N   . HIS A 1 91  ? 11.779  1.492   0.660   1.00 8.95  ? 86   HIS A N   1 
ATOM   749  C CA  . HIS A 1 91  ? 12.652  0.450   1.200   1.00 9.83  ? 86   HIS A CA  1 
ATOM   750  C C   . HIS A 1 91  ? 11.934  -0.826  1.480   1.00 11.12 ? 86   HIS A C   1 
ATOM   751  O O   . HIS A 1 91  ? 10.702  -0.870  1.620   1.00 9.42  ? 86   HIS A O   1 
ATOM   752  C CB  . HIS A 1 91  ? 13.410  0.957   2.462   1.00 10.96 ? 86   HIS A CB  1 
ATOM   753  C CG  . HIS A 1 91  ? 12.507  1.373   3.562   1.00 11.81 ? 86   HIS A CG  1 
ATOM   754  N ND1 . HIS A 1 91  ? 11.894  0.466   4.377   1.00 15.29 ? 86   HIS A ND1 1 
ATOM   755  C CD2 . HIS A 1 91  ? 12.047  2.622   3.929   1.00 13.40 ? 86   HIS A CD2 1 
ATOM   756  C CE1 . HIS A 1 91  ? 11.071  1.114   5.239   1.00 14.33 ? 86   HIS A CE1 1 
ATOM   757  N NE2 . HIS A 1 91  ? 11.185  2.442   4.996   1.00 15.04 ? 86   HIS A NE2 1 
ATOM   758  N N   A SER A 1 92  ? 12.688  -1.917  1.579   0.38 12.02 ? 87   SER A N   1 
ATOM   759  N N   B SER A 1 92  ? 12.683  -1.919  1.589   0.62 11.21 ? 87   SER A N   1 
ATOM   760  C CA  A SER A 1 92  ? 12.091  -3.190  1.975   0.38 14.91 ? 87   SER A CA  1 
ATOM   761  C CA  B SER A 1 92  ? 12.039  -3.129  2.061   0.62 13.54 ? 87   SER A CA  1 
ATOM   762  C C   A SER A 1 92  ? 11.661  -3.179  3.436   0.38 16.47 ? 87   SER A C   1 
ATOM   763  C C   B SER A 1 92  ? 11.552  -3.043  3.472   0.62 15.16 ? 87   SER A C   1 
ATOM   764  O O   A SER A 1 92  ? 12.363  -2.613  4.288   0.38 17.73 ? 87   SER A O   1 
ATOM   765  O O   B SER A 1 92  ? 12.095  -2.319  4.319   0.62 17.66 ? 87   SER A O   1 
ATOM   766  C CB  A SER A 1 92  ? 13.079  -4.343  1.729   0.38 15.56 ? 87   SER A CB  1 
ATOM   767  C CB  B SER A 1 92  ? 12.948  -4.358  1.922   0.62 15.03 ? 87   SER A CB  1 
ATOM   768  O OG  A SER A 1 92  ? 14.267  -4.167  2.487   0.38 15.32 ? 87   SER A OG  1 
ATOM   769  O OG  B SER A 1 92  ? 12.913  -4.814  0.596   0.62 15.19 ? 87   SER A OG  1 
ATOM   770  N N   . MET A 1 93  ? 10.533  -3.845  3.699   1.00 19.66 ? 88   MET A N   1 
ATOM   771  C CA  . MET A 1 93  ? 9.926   -3.930  4.992   1.00 24.00 ? 88   MET A CA  1 
ATOM   772  C C   . MET A 1 93  ? 10.945  -4.428  6.001   1.00 25.50 ? 88   MET A C   1 
ATOM   773  O O   . MET A 1 93  ? 11.671  -5.387  5.737   1.00 22.84 ? 88   MET A O   1 
ATOM   774  C CB  . MET A 1 93  ? 8.764   -4.912  4.926   1.00 32.34 ? 88   MET A CB  1 
ATOM   775  C CG  . MET A 1 93  ? 7.975   -4.882  3.617   1.00 37.76 ? 88   MET A CG  1 
ATOM   776  S SD  . MET A 1 93  ? 6.722   -6.196  3.590   1.00 49.96 ? 88   MET A SD  1 
ATOM   777  C CE  . MET A 1 93  ? 7.707   -7.626  4.043   1.00 40.58 ? 88   MET A CE  1 
ATOM   778  N N   . VAL A 1 94  ? 10.972  -3.781  7.155   1.00 30.72 ? 89   VAL A N   1 
ATOM   779  C CA  . VAL A 1 94  ? 11.844  -4.151  8.259   1.00 35.41 ? 89   VAL A CA  1 
ATOM   780  C C   . VAL A 1 94  ? 11.471  -5.556  8.735   1.00 35.40 ? 89   VAL A C   1 
ATOM   781  O O   . VAL A 1 94  ? 12.326  -6.380  9.043   1.00 33.98 ? 89   VAL A O   1 
ATOM   782  C CB  . VAL A 1 94  ? 11.653  -3.168  9.446   1.00 43.27 ? 89   VAL A CB  1 
ATOM   783  C CG1 . VAL A 1 94  ? 12.798  -3.300  10.443  1.00 41.84 ? 89   VAL A CG1 1 
ATOM   784  C CG2 . VAL A 1 94  ? 11.526  -1.726  8.944   1.00 40.82 ? 89   VAL A CG2 1 
ATOM   785  N N   . SER A 1 95  ? 10.182  -5.843  8.768   1.00 30.79 ? 90   SER A N   1 
ATOM   786  C CA  . SER A 1 95  ? 9.733   -7.171  9.114   1.00 30.68 ? 90   SER A CA  1 
ATOM   787  C C   . SER A 1 95  ? 8.274   -7.373  8.769   1.00 30.49 ? 90   SER A C   1 
ATOM   788  O O   . SER A 1 95  ? 7.479   -6.439  8.819   1.00 31.08 ? 90   SER A O   1 
ATOM   789  C CB  . SER A 1 95  ? 9.955   -7.463  10.602  1.00 27.89 ? 90   SER A CB  1 
ATOM   790  O OG  . SER A 1 95  ? 9.414   -8.742  10.894  1.00 26.89 ? 90   SER A OG  1 
ATOM   791  N N   . VAL A 1 96  ? 7.920   -8.601  8.438   1.00 26.50 ? 91   VAL A N   1 
ATOM   792  C CA  . VAL A 1 96  ? 6.537   -8.919  8.104   1.00 30.10 ? 91   VAL A CA  1 
ATOM   793  C C   . VAL A 1 96  ? 5.617   -8.859  9.338   1.00 26.80 ? 91   VAL A C   1 
ATOM   794  O O   . VAL A 1 96  ? 4.397   -8.755  9.229   1.00 22.96 ? 91   VAL A O   1 
ATOM   795  C CB  . VAL A 1 96  ? 6.446   -10.307 7.427   1.00 34.17 ? 91   VAL A CB  1 
ATOM   796  C CG1 . VAL A 1 96  ? 7.468   -10.403 6.302   1.00 41.11 ? 91   VAL A CG1 1 
ATOM   797  C CG2 . VAL A 1 96  ? 6.641   -11.440 8.434   1.00 34.77 ? 91   VAL A CG2 1 
ATOM   798  N N   . SER A 1 97  ? 6.202   -8.947  10.537  1.00 23.46 ? 92   SER A N   1 
ATOM   799  C CA  . SER A 1 97  ? 5.368   -8.911  11.729  1.00 21.45 ? 92   SER A CA  1 
ATOM   800  C C   . SER A 1 97  ? 5.160   -7.495  12.215  1.00 16.83 ? 92   SER A C   1 
ATOM   801  O O   . SER A 1 97  ? 4.401   -7.286  13.149  1.00 16.06 ? 92   SER A O   1 
ATOM   802  C CB  . SER A 1 97  ? 5.944   -9.762  12.855  1.00 23.14 ? 92   SER A CB  1 
ATOM   803  O OG  . SER A 1 97  ? 7.341   -9.516  12.941  1.00 25.87 ? 92   SER A OG  1 
ATOM   804  N N   . THR A 1 98  ? 5.758   -6.504  11.553  1.00 16.53 ? 93   THR A N   1 
ATOM   805  C CA  . THR A 1 98  ? 5.652   -5.135  12.052  1.00 16.02 ? 93   THR A CA  1 
ATOM   806  C C   . THR A 1 98  ? 4.193   -4.642  11.915  1.00 16.70 ? 93   THR A C   1 
ATOM   807  O O   . THR A 1 98  ? 3.588   -4.782  10.843  1.00 15.87 ? 93   THR A O   1 
ATOM   808  C CB  . THR A 1 98  ? 6.527   -4.133  11.260  1.00 17.11 ? 93   THR A CB  1 
ATOM   809  O OG1 . THR A 1 98  ? 7.836   -4.695  11.091  1.00 19.66 ? 93   THR A OG1 1 
ATOM   810  C CG2 . THR A 1 98  ? 6.640   -2.810  12.054  1.00 20.38 ? 93   THR A CG2 1 
ATOM   811  N N   . PRO A 1 99  ? 3.589   -4.147  13.002  1.00 17.13 ? 94   PRO A N   1 
ATOM   812  C CA  . PRO A 1 99  ? 2.224   -3.619  12.902  1.00 15.93 ? 94   PRO A CA  1 
ATOM   813  C C   . PRO A 1 99  ? 2.090   -2.425  11.896  1.00 16.87 ? 94   PRO A C   1 
ATOM   814  O O   . PRO A 1 99  ? 3.004   -1.550  11.880  1.00 15.13 ? 94   PRO A O   1 
ATOM   815  C CB  . PRO A 1 99  ? 1.965   -3.088  14.297  1.00 18.58 ? 94   PRO A CB  1 
ATOM   816  C CG  . PRO A 1 99  ? 2.818   -3.902  15.168  1.00 18.89 ? 94   PRO A CG  1 
ATOM   817  C CD  . PRO A 1 99  ? 4.096   -4.059  14.370  1.00 17.03 ? 94   PRO A CD  1 
ATOM   818  N N   . ILE A 1 100 ? 0.965   -2.341  11.158  1.00 14.27 ? 95   ILE A N   1 
ATOM   819  C CA  . ILE A 1 100 ? 0.837   -1.217  10.181  1.00 14.59 ? 95   ILE A CA  1 
ATOM   820  C C   . ILE A 1 100 ? 0.696   0.114   10.893  1.00 14.43 ? 95   ILE A C   1 
ATOM   821  O O   . ILE A 1 100 ? 1.045   1.147   10.316  1.00 12.40 ? 95   ILE A O   1 
ATOM   822  C CB  . ILE A 1 100 ? -0.286  -1.402  9.135   1.00 13.67 ? 95   ILE A CB  1 
ATOM   823  C CG1 . ILE A 1 100 ? -0.053  -0.384  7.989   1.00 16.62 ? 95   ILE A CG1 1 
ATOM   824  C CG2 . ILE A 1 100 ? -1.674  -1.377  9.786   1.00 15.55 ? 95   ILE A CG2 1 
ATOM   825  C CD1 . ILE A 1 100 ? -0.649  -0.781  6.653   1.00 23.23 ? 95   ILE A CD1 1 
ATOM   826  N N   . SER A 1 101 ? 0.187   0.119   12.122  1.00 14.01 ? 96   SER A N   1 
ATOM   827  C CA  . SER A 1 101 ? 0.176   1.357   12.900  1.00 15.36 ? 96   SER A CA  1 
ATOM   828  C C   . SER A 1 101 ? 1.610   1.871   13.118  1.00 14.81 ? 96   SER A C   1 
ATOM   829  O O   . SER A 1 101 ? 1.879   3.122   12.974  1.00 17.59 ? 96   SER A O   1 
ATOM   830  C CB  . SER A 1 101 ? -0.616  1.119   14.228  1.00 17.60 ? 96   SER A CB  1 
ATOM   831  O OG  . SER A 1 101 ? 0.066   0.170   15.030  1.00 26.45 ? 96   SER A OG  1 
ATOM   832  N N   . GLU A 1 102 ? 2.588   0.995   13.348  1.00 13.77 ? 97   GLU A N   1 
ATOM   833  C CA  . GLU A 1 102 ? 3.950   1.497   13.564  1.00 15.70 ? 97   GLU A CA  1 
ATOM   834  C C   . GLU A 1 102 ? 4.489   1.955   12.240  1.00 13.75 ? 97   GLU A C   1 
ATOM   835  O O   . GLU A 1 102 ? 5.253   2.917   12.164  1.00 15.07 ? 97   GLU A O   1 
ATOM   836  C CB  . GLU A 1 102 ? 4.865   0.403   14.144  1.00 15.93 ? 97   GLU A CB  1 
ATOM   837  C CG  . GLU A 1 102 ? 4.504   0.053   15.613  1.00 16.52 ? 97   GLU A CG  1 
ATOM   838  C CD  . GLU A 1 102 ? 5.364   -1.051  16.210  1.00 23.83 ? 97   GLU A CD  1 
ATOM   839  O OE1 . GLU A 1 102 ? 4.878   -1.684  17.200  1.00 22.66 ? 97   GLU A OE1 1 
ATOM   840  O OE2 . GLU A 1 102 ? 6.522   -1.258  15.713  1.00 24.62 ? 97   GLU A OE2 1 
ATOM   841  N N   . VAL A 1 103 ? 4.130   1.243   11.182  1.00 13.90 ? 98   VAL A N   1 
ATOM   842  C CA  . VAL A 1 103 ? 4.734   1.523   9.904   1.00 12.67 ? 98   VAL A CA  1 
ATOM   843  C C   . VAL A 1 103 ? 4.218   2.908   9.478   1.00 11.16 ? 98   VAL A C   1 
ATOM   844  O O   . VAL A 1 103 ? 4.952   3.737   8.895   1.00 10.76 ? 98   VAL A O   1 
ATOM   845  C CB  . VAL A 1 103 ? 4.332   0.459   8.895   1.00 12.31 ? 98   VAL A CB  1 
ATOM   846  C CG1 . VAL A 1 103 ? 4.880   0.802   7.488   1.00 11.21 ? 98   VAL A CG1 1 
ATOM   847  C CG2 . VAL A 1 103 ? 4.888   -0.920  9.311   1.00 16.22 ? 98   VAL A CG2 1 
ATOM   848  N N   . TYR A 1 104 ? 2.926   3.128   9.640   1.00 10.79 ? 99   TYR A N   1 
ATOM   849  C CA  . TYR A 1 104 ? 2.363   4.429   9.314   1.00 9.74  ? 99   TYR A CA  1 
ATOM   850  C C   . TYR A 1 104 ? 3.030   5.596   10.054  1.00 10.42 ? 99   TYR A C   1 
ATOM   851  O O   . TYR A 1 104 ? 3.443   6.587   9.436   1.00 9.69  ? 99   TYR A O   1 
ATOM   852  C CB  . TYR A 1 104 ? 0.852   4.412   9.590   1.00 10.28 ? 99   TYR A CB  1 
ATOM   853  C CG  . TYR A 1 104 ? 0.142   5.663   9.158   1.00 9.10  ? 99   TYR A CG  1 
ATOM   854  C CD1 . TYR A 1 104 ? 0.149   6.082   7.809   1.00 10.03 ? 99   TYR A CD1 1 
ATOM   855  C CD2 . TYR A 1 104 ? -0.565  6.437   10.081  1.00 12.71 ? 99   TYR A CD2 1 
ATOM   856  C CE1 . TYR A 1 104 ? -0.576  7.184   7.416   1.00 9.18  ? 99   TYR A CE1 1 
ATOM   857  C CE2 . TYR A 1 104 ? -1.315  7.544   9.671   1.00 11.77 ? 99   TYR A CE2 1 
ATOM   858  C CZ  . TYR A 1 104 ? -1.266  7.945   8.322   1.00 11.51 ? 99   TYR A CZ  1 
ATOM   859  O OH  . TYR A 1 104 ? -1.946  9.070   7.896   1.00 12.56 ? 99   TYR A OH  1 
ATOM   860  N N   . GLU A 1 105 ? 3.224   5.442   11.352  1.00 12.31 ? 100  GLU A N   1 
ATOM   861  C CA  . GLU A 1 105 ? 3.783   6.511   12.147  1.00 14.71 ? 100  GLU A CA  1 
ATOM   862  C C   . GLU A 1 105 ? 5.185   6.844   11.672  1.00 15.54 ? 100  GLU A C   1 
ATOM   863  O O   . GLU A 1 105 ? 5.533   8.036   11.594  1.00 16.79 ? 100  GLU A O   1 
ATOM   864  C CB  . GLU A 1 105 ? 3.836   6.076   13.616  1.00 17.66 ? 100  GLU A CB  1 
ATOM   865  C CG  . GLU A 1 105 ? 2.502   6.081   14.352  1.00 30.87 ? 100  GLU A CG  1 
ATOM   866  C CD  . GLU A 1 105 ? 2.215   7.372   15.137  1.00 40.20 ? 100  GLU A CD  1 
ATOM   867  O OE1 . GLU A 1 105 ? 1.896   7.274   16.355  1.00 48.03 ? 100  GLU A OE1 1 
ATOM   868  O OE2 . GLU A 1 105 ? 2.268   8.483   14.549  1.00 43.68 ? 100  GLU A OE2 1 
ATOM   869  N N   . SER A 1 106 ? 5.993   5.854   11.351  1.00 13.30 ? 101  SER A N   1 
ATOM   870  C CA  . SER A 1 106 ? 7.367   6.179   10.991  1.00 13.95 ? 101  SER A CA  1 
ATOM   871  C C   . SER A 1 106 ? 7.572   6.454   9.495   1.00 12.84 ? 101  SER A C   1 
ATOM   872  O O   . SER A 1 106 ? 8.534   7.163   9.103   1.00 16.48 ? 101  SER A O   1 
ATOM   873  C CB  . SER A 1 106 ? 8.349   5.149   11.465  1.00 18.76 ? 101  SER A CB  1 
ATOM   874  O OG  . SER A 1 106 ? 8.149   3.948   10.797  1.00 21.74 ? 101  SER A OG  1 
ATOM   875  N N   . GLU A 1 107 ? 6.721   5.894   8.633   1.00 10.24 ? 102  GLU A N   1 
ATOM   876  C CA  . GLU A 1 107 ? 7.020   5.921   7.206   1.00 9.19  ? 102  GLU A CA  1 
ATOM   877  C C   . GLU A 1 107 ? 6.053   6.759   6.344   1.00 7.27  ? 102  GLU A C   1 
ATOM   878  O O   . GLU A 1 107 ? 6.287   6.871   5.130   1.00 7.59  ? 102  GLU A O   1 
ATOM   879  C CB  . GLU A 1 107 ? 7.000   4.491   6.633   1.00 9.46  ? 102  GLU A CB  1 
ATOM   880  C CG  . GLU A 1 107 ? 7.855   3.469   7.358   1.00 11.75 ? 102  GLU A CG  1 
ATOM   881  C CD  . GLU A 1 107 ? 9.281   3.905   7.339   1.00 15.50 ? 102  GLU A CD  1 
ATOM   882  O OE1 . GLU A 1 107 ? 9.804   4.233   6.256   1.00 14.39 ? 102  GLU A OE1 1 
ATOM   883  O OE2 . GLU A 1 107 ? 9.889   3.928   8.441   1.00 25.81 ? 102  GLU A OE2 1 
ATOM   884  N N   . LYS A 1 108 ? 5.021   7.334   6.957   1.00 7.60  ? 103  LYS A N   1 
ATOM   885  C CA  . LYS A 1 108 ? 4.085   8.123   6.218   1.00 7.70  ? 103  LYS A CA  1 
ATOM   886  C C   . LYS A 1 108 ? 4.784   9.308   5.516   1.00 6.71  ? 103  LYS A C   1 
ATOM   887  O O   . LYS A 1 108 ? 5.799   9.844   5.997   1.00 8.89  ? 103  LYS A O   1 
ATOM   888  C CB  . LYS A 1 108 ? 2.897   8.557   7.067   1.00 9.00  ? 103  LYS A CB  1 
ATOM   889  C CG  . LYS A 1 108 ? 3.200   9.618   8.102   1.00 10.79 ? 103  LYS A CG  1 
ATOM   890  C CD  . LYS A 1 108 ? 1.970   9.862   8.967   1.00 13.66 ? 103  LYS A CD  1 
ATOM   891  C CE  . LYS A 1 108 ? 2.214   10.784  10.153  1.00 22.09 ? 103  LYS A CE  1 
ATOM   892  N NZ  . LYS A 1 108 ? 1.230   10.367  11.188  1.00 27.96 ? 103  LYS A NZ  1 
ATOM   893  N N   . ASP A 1 109 ? 4.188   9.693   4.409   1.00 6.09  ? 104  ASP A N   1 
ATOM   894  C CA  . ASP A 1 109 ? 4.585   10.868  3.635   1.00 6.03  ? 104  ASP A CA  1 
ATOM   895  C C   . ASP A 1 109 ? 4.161   12.176  4.345   1.00 6.77  ? 104  ASP A C   1 
ATOM   896  O O   . ASP A 1 109 ? 3.275   12.159  5.189   1.00 7.04  ? 104  ASP A O   1 
ATOM   897  C CB  . ASP A 1 109 ? 3.883   10.740  2.257   1.00 6.68  ? 104  ASP A CB  1 
ATOM   898  C CG  . ASP A 1 109 ? 4.415   11.691  1.229   1.00 5.90  ? 104  ASP A CG  1 
ATOM   899  O OD1 . ASP A 1 109 ? 5.354   11.314  0.486   1.00 6.24  ? 104  ASP A OD1 1 
ATOM   900  O OD2 . ASP A 1 109 ? 3.816   12.813  1.140   1.00 5.50  ? 104  ASP A OD2 1 
ATOM   901  N N   . GLU A 1 110 ? 4.823   13.299  4.022   1.00 6.59  ? 105  GLU A N   1 
ATOM   902  C CA  . GLU A 1 110 ? 4.383   14.661  4.351   1.00 6.75  ? 105  GLU A CA  1 
ATOM   903  C C   . GLU A 1 110 ? 2.888   14.835  4.161   1.00 6.85  ? 105  GLU A C   1 
ATOM   904  O O   . GLU A 1 110 ? 2.260   15.543  4.950   1.00 7.61  ? 105  GLU A O   1 
ATOM   905  C CB  . GLU A 1 110 ? 5.145   15.615  3.443   1.00 7.54  ? 105  GLU A CB  1 
ATOM   906  C CG  . GLU A 1 110 ? 5.020   17.101  3.789   1.00 8.45  ? 105  GLU A CG  1 
ATOM   907  C CD  . GLU A 1 110 ? 5.891   17.562  4.931   1.00 9.09  ? 105  GLU A CD  1 
ATOM   908  O OE1 . GLU A 1 110 ? 5.460   18.563  5.528   1.00 12.04 ? 105  GLU A OE1 1 
ATOM   909  O OE2 . GLU A 1 110 ? 6.945   16.982  5.243   1.00 9.65  ? 105  GLU A OE2 1 
ATOM   910  N N   . ASP A 1 111 ? 2.328   14.223  3.116   1.00 6.42  ? 106  ASP A N   1 
ATOM   911  C CA  . ASP A 1 111 ? 0.903   14.414  2.796   1.00 7.14  ? 106  ASP A CA  1 
ATOM   912  C C   . ASP A 1 111 ? -0.032  13.558  3.662   1.00 6.75  ? 106  ASP A C   1 
ATOM   913  O O   . ASP A 1 111 ? -1.276  13.762  3.578   1.00 8.25  ? 106  ASP A O   1 
ATOM   914  C CB  . ASP A 1 111 ? 0.591   14.255  1.280   1.00 6.20  ? 106  ASP A CB  1 
ATOM   915  C CG  . ASP A 1 111 ? 0.806   12.827  0.761   1.00 5.73  ? 106  ASP A CG  1 
ATOM   916  O OD1 . ASP A 1 111 ? 0.790   11.853  1.520   1.00 6.15  ? 106  ASP A OD1 1 
ATOM   917  O OD2 . ASP A 1 111 ? 0.872   12.713  -0.460  1.00 7.60  ? 106  ASP A OD2 1 
ATOM   918  N N   . GLY A 1 112 ? 0.496   12.631  4.455   1.00 5.85  ? 107  GLY A N   1 
ATOM   919  C CA  . GLY A 1 112 ? -0.358  11.831  5.320   1.00 5.79  ? 107  GLY A CA  1 
ATOM   920  C C   . GLY A 1 112 ? -0.679  10.438  4.758   1.00 5.55  ? 107  GLY A C   1 
ATOM   921  O O   . GLY A 1 112 ? -1.208  9.603   5.505   1.00 6.45  ? 107  GLY A O   1 
ATOM   922  N N   . PHE A 1 113 ? -0.430  10.207  3.486   1.00 5.33  ? 108  PHE A N   1 
ATOM   923  C CA  . PHE A 1 113 ? -0.573  8.820   2.956   1.00 4.94  ? 108  PHE A CA  1 
ATOM   924  C C   . PHE A 1 113 ? 0.661   7.998   3.282   1.00 4.92  ? 108  PHE A C   1 
ATOM   925  O O   . PHE A 1 113 ? 1.780   8.564   3.390   1.00 6.92  ? 108  PHE A O   1 
ATOM   926  C CB  . PHE A 1 113 ? -0.758  8.860   1.416   1.00 5.16  ? 108  PHE A CB  1 
ATOM   927  C CG  . PHE A 1 113 ? -2.142  9.183   0.987   1.00 5.54  ? 108  PHE A CG  1 
ATOM   928  C CD1 . PHE A 1 113 ? -3.114  8.191   1.068   1.00 6.47  ? 108  PHE A CD1 1 
ATOM   929  C CD2 . PHE A 1 113 ? -2.449  10.436  0.465   1.00 5.82  ? 108  PHE A CD2 1 
ATOM   930  C CE1 . PHE A 1 113 ? -4.411  8.437   0.615   1.00 7.14  ? 108  PHE A CE1 1 
ATOM   931  C CE2 . PHE A 1 113 ? -3.743  10.688  0.014   1.00 7.15  ? 108  PHE A CE2 1 
ATOM   932  C CZ  . PHE A 1 113 ? -4.696  9.682   0.088   1.00 6.35  ? 108  PHE A CZ  1 
ATOM   933  N N   . LEU A 1 114 ? 0.512   6.683   3.396   1.00 4.98  ? 109  LEU A N   1 
ATOM   934  C CA  . LEU A 1 114 ? 1.657   5.758   3.420   1.00 5.00  ? 109  LEU A CA  1 
ATOM   935  C C   . LEU A 1 114 ? 1.790   5.205   2.000   1.00 4.15  ? 109  LEU A C   1 
ATOM   936  O O   . LEU A 1 114 ? 0.773   4.736   1.434   1.00 5.21  ? 109  LEU A O   1 
ATOM   937  C CB  . LEU A 1 114 ? 1.366   4.668   4.442   1.00 5.05  ? 109  LEU A CB  1 
ATOM   938  C CG  . LEU A 1 114 ? 2.420   3.552   4.498   1.00 5.00  ? 109  LEU A CG  1 
ATOM   939  C CD1 . LEU A 1 114 ? 3.762   4.071   4.986   1.00 5.01  ? 109  LEU A CD1 1 
ATOM   940  C CD2 . LEU A 1 114 ? 1.959   2.511   5.513   1.00 5.69  ? 109  LEU A CD2 1 
ATOM   941  N N   . TYR A 1 115 ? 2.955   5.305   1.365   1.00 4.02  ? 110  TYR A N   1 
ATOM   942  C CA  . TYR A 1 115 ? 3.169   4.861   -0.011  1.00 4.04  ? 110  TYR A CA  1 
ATOM   943  C C   . TYR A 1 115 ? 3.916   3.581   -0.135  1.00 4.25  ? 110  TYR A C   1 
ATOM   944  O O   . TYR A 1 115 ? 4.953   3.386   0.516   1.00 4.33  ? 110  TYR A O   1 
ATOM   945  C CB  . TYR A 1 115 ? 3.873   5.962   -0.861  1.00 4.21  ? 110  TYR A CB  1 
ATOM   946  C CG  . TYR A 1 115 ? 3.067   7.163   -1.101  1.00 4.20  ? 110  TYR A CG  1 
ATOM   947  C CD1 . TYR A 1 115 ? 2.988   8.212   -0.160  1.00 4.79  ? 110  TYR A CD1 1 
ATOM   948  C CD2 . TYR A 1 115 ? 2.371   7.293   -2.343  1.00 4.87  ? 110  TYR A CD2 1 
ATOM   949  C CE1 . TYR A 1 115 ? 2.202   9.324   -0.395  1.00 4.92  ? 110  TYR A CE1 1 
ATOM   950  C CE2 . TYR A 1 115 ? 1.590   8.429   -2.583  1.00 4.59  ? 110  TYR A CE2 1 
ATOM   951  C CZ  . TYR A 1 115 ? 1.479   9.433   -1.572  1.00 4.81  ? 110  TYR A CZ  1 
ATOM   952  O OH  . TYR A 1 115 ? 0.702   10.547  -1.892  1.00 5.66  ? 110  TYR A OH  1 
ATOM   953  N N   . MET A 1 116 ? 3.418   2.705   -0.996  1.00 4.40  ? 111  MET A N   1 
ATOM   954  C CA  . MET A 1 116 ? 4.090   1.428   -1.293  1.00 4.94  ? 111  MET A CA  1 
ATOM   955  C C   . MET A 1 116 ? 4.072   1.153   -2.772  1.00 4.61  ? 111  MET A C   1 
ATOM   956  O O   . MET A 1 116 ? 3.165   1.586   -3.450  1.00 4.09  ? 111  MET A O   1 
ATOM   957  C CB  . MET A 1 116 ? 3.356   0.262   -0.603  1.00 6.05  ? 111  MET A CB  1 
ATOM   958  C CG  . MET A 1 116 ? 3.102   0.537   0.877   1.00 6.35  ? 111  MET A CG  1 
ATOM   959  S SD  . MET A 1 116 ? 2.370   -0.965  1.622   1.00 8.27  ? 111  MET A SD  1 
ATOM   960  C CE  . MET A 1 116 ? 2.209   -0.388  3.314   1.00 9.71  ? 111  MET A CE  1 
ATOM   961  N N   A VAL A 1 117 ? 4.977   0.290   -3.223  0.15 4.50  ? 112  VAL A N   1 
ATOM   962  N N   B VAL A 1 117 ? 5.074   0.396   -3.256  0.85 4.42  ? 112  VAL A N   1 
ATOM   963  C CA  A VAL A 1 117 ? 5.008   -0.130  -4.618  0.15 4.43  ? 112  VAL A CA  1 
ATOM   964  C CA  B VAL A 1 117 ? 5.017   -0.182  -4.599  0.85 4.39  ? 112  VAL A CA  1 
ATOM   965  C C   A VAL A 1 117 ? 5.459   -1.582  -4.720  0.15 4.38  ? 112  VAL A C   1 
ATOM   966  C C   B VAL A 1 117 ? 5.303   -1.666  -4.554  0.85 4.17  ? 112  VAL A C   1 
ATOM   967  O O   A VAL A 1 117 ? 6.439   -1.960  -4.091  0.15 4.38  ? 112  VAL A O   1 
ATOM   968  O O   B VAL A 1 117 ? 5.940   -2.166  -3.629  0.85 4.19  ? 112  VAL A O   1 
ATOM   969  C CB  A VAL A 1 117 ? 5.914   0.796   -5.460  0.15 4.40  ? 112  VAL A CB  1 
ATOM   970  C CB  B VAL A 1 117 ? 5.920   0.519   -5.679  0.85 4.30  ? 112  VAL A CB  1 
ATOM   971  C CG1 A VAL A 1 117 ? 6.913   -0.006  -6.278  0.15 4.34  ? 112  VAL A CG1 1 
ATOM   972  C CG1 B VAL A 1 117 ? 5.574   2.011   -5.783  0.85 5.27  ? 112  VAL A CG1 1 
ATOM   973  C CG2 A VAL A 1 117 ? 5.067   1.754   -6.310  0.15 4.34  ? 112  VAL A CG2 1 
ATOM   974  C CG2 B VAL A 1 117 ? 7.374   0.415   -5.301  0.85 4.75  ? 112  VAL A CG2 1 
ATOM   975  N N   . TYR A 1 118 ? 4.753   -2.379  -5.526  1.00 4.22  ? 113  TYR A N   1 
ATOM   976  C CA  . TYR A 1 118 ? 5.000   -3.853  -5.618  1.00 4.70  ? 113  TYR A CA  1 
ATOM   977  C C   . TYR A 1 118 ? 5.716   -4.221  -6.890  1.00 4.57  ? 113  TYR A C   1 
ATOM   978  O O   . TYR A 1 118 ? 5.535   -3.592  -7.955  1.00 4.44  ? 113  TYR A O   1 
ATOM   979  C CB  . TYR A 1 118 ? 3.680   -4.633  -5.434  1.00 4.71  ? 113  TYR A CB  1 
ATOM   980  C CG  . TYR A 1 118 ? 2.598   -4.264  -6.424  1.00 4.58  ? 113  TYR A CG  1 
ATOM   981  C CD1 . TYR A 1 118 ? 2.546   -4.847  -7.702  1.00 4.71  ? 113  TYR A CD1 1 
ATOM   982  C CD2 . TYR A 1 118 ? 1.596   -3.336  -6.056  1.00 4.17  ? 113  TYR A CD2 1 
ATOM   983  C CE1 . TYR A 1 118 ? 1.553   -4.504  -8.605  1.00 4.87  ? 113  TYR A CE1 1 
ATOM   984  C CE2 . TYR A 1 118 ? 0.603   -3.023  -6.924  1.00 4.98  ? 113  TYR A CE2 1 
ATOM   985  C CZ  . TYR A 1 118 ? 0.590   -3.569  -8.225  1.00 4.86  ? 113  TYR A CZ  1 
ATOM   986  O OH  . TYR A 1 118 ? -0.425  -3.285  -9.107  1.00 5.99  ? 113  TYR A OH  1 
ATOM   987  N N   . ALA A 1 119 ? 6.468   -5.315  -6.779  1.00 5.39  ? 114  ALA A N   1 
ATOM   988  C CA  . ALA A 1 119 ? 7.253   -5.798  -7.904  1.00 5.94  ? 114  ALA A CA  1 
ATOM   989  C C   . ALA A 1 119 ? 7.391   -7.304  -7.798  1.00 6.70  ? 114  ALA A C   1 
ATOM   990  O O   . ALA A 1 119 ? 7.256   -7.864  -6.712  1.00 7.65  ? 114  ALA A O   1 
ATOM   991  C CB  . ALA A 1 119 ? 8.636   -5.095  -7.947  1.00 7.75  ? 114  ALA A CB  1 
ATOM   992  N N   . SER A 1 120 ? 7.690   -7.945  -8.935  1.00 7.37  ? 115  SER A N   1 
ATOM   993  C CA  . SER A 1 120 ? 8.078   -9.358  -8.948  1.00 7.65  ? 115  SER A CA  1 
ATOM   994  C C   . SER A 1 120 ? 9.543   -9.574  -8.726  1.00 9.29  ? 115  SER A C   1 
ATOM   995  O O   . SER A 1 120 ? 10.271  -8.643  -8.416  1.00 10.26 ? 115  SER A O   1 
ATOM   996  C CB  . SER A 1 120 ? 7.531   -9.992  -10.216 1.00 10.85 ? 115  SER A CB  1 
ATOM   997  O OG  . SER A 1 120 ? 8.212   -9.449  -11.296 1.00 17.76 ? 115  SER A OG  1 
ATOM   998  N N   . GLN A 1 121 ? 9.966   -10.817 -8.798  1.00 12.57 ? 116  GLN A N   1 
ATOM   999  C CA  . GLN A 1 121 ? 11.334  -11.130 -8.397  1.00 13.17 ? 116  GLN A CA  1 
ATOM   1000 C C   . GLN A 1 121 ? 12.417  -10.416 -9.188  1.00 13.23 ? 116  GLN A C   1 
ATOM   1001 O O   . GLN A 1 121 ? 13.312  -9.776  -8.568  1.00 13.84 ? 116  GLN A O   1 
ATOM   1002 C CB  . GLN A 1 121 ? 11.540  -12.649 -8.476  1.00 16.86 ? 116  GLN A CB  1 
ATOM   1003 C CG  . GLN A 1 121 ? 12.967  -13.091 -8.093  1.00 20.06 ? 116  GLN A CG  1 
ATOM   1004 C CD  . GLN A 1 121 ? 13.263  -13.082 -6.583  1.00 29.38 ? 116  GLN A CD  1 
ATOM   1005 O OE1 . GLN A 1 121 ? 12.891  -12.156 -5.862  1.00 39.81 ? 116  GLN A OE1 1 
ATOM   1006 N NE2 . GLN A 1 121 ? 14.002  -14.094 -6.119  1.00 38.63 ? 116  GLN A NE2 1 
ATOM   1007 N N   . GLU A 1 122 ? 12.371  -10.526 -10.507 1.00 15.02 ? 117  GLU A N   1 
ATOM   1008 C CA  . GLU A 1 122 ? 13.455  -9.967  -11.315 1.00 16.48 ? 117  GLU A CA  1 
ATOM   1009 C C   . GLU A 1 122 ? 13.471  -8.461  -11.194 1.00 13.39 ? 117  GLU A C   1 
ATOM   1010 O O   . GLU A 1 122 ? 14.551  -7.862  -11.124 1.00 15.10 ? 117  GLU A O   1 
ATOM   1011 C CB  . GLU A 1 122 ? 13.389  -10.378 -12.799 1.00 23.92 ? 117  GLU A CB  1 
ATOM   1012 C CG  . GLU A 1 122 ? 13.998  -11.755 -13.076 1.00 36.98 ? 117  GLU A CG  1 
ATOM   1013 C CD  . GLU A 1 122 ? 12.971  -12.829 -13.464 1.00 49.53 ? 117  GLU A CD  1 
ATOM   1014 O OE1 . GLU A 1 122 ? 12.138  -12.586 -14.377 1.00 55.23 ? 117  GLU A OE1 1 
ATOM   1015 O OE2 . GLU A 1 122 ? 13.055  -13.961 -12.926 1.00 58.58 ? 117  GLU A OE2 1 
ATOM   1016 N N   . THR A 1 123 ? 12.293  -7.841  -11.086 1.00 11.30 ? 118  THR A N   1 
ATOM   1017 C CA  . THR A 1 123 ? 12.186  -6.396  -11.032 1.00 10.05 ? 118  THR A CA  1 
ATOM   1018 C C   . THR A 1 123 ? 12.656  -5.877  -9.672  1.00 9.25  ? 118  THR A C   1 
ATOM   1019 O O   . THR A 1 123 ? 13.308  -4.830  -9.571  1.00 8.87  ? 118  THR A O   1 
ATOM   1020 C CB  . THR A 1 123 ? 10.738  -6.005  -11.344 1.00 11.46 ? 118  THR A CB  1 
ATOM   1021 O OG1 . THR A 1 123 ? 10.462  -6.510  -12.643 1.00 14.66 ? 118  THR A OG1 1 
ATOM   1022 C CG2 . THR A 1 123 ? 10.568  -4.517  -11.384 1.00 10.74 ? 118  THR A CG2 1 
ATOM   1023 N N   . PHE A 1 124 ? 12.301  -6.593  -8.613  1.00 8.66  ? 119  PHE A N   1 
ATOM   1024 C CA  . PHE A 1 124 ? 12.648  -6.177  -7.264  1.00 8.50  ? 119  PHE A CA  1 
ATOM   1025 C C   . PHE A 1 124 ? 14.158  -6.342  -7.043  1.00 9.09  ? 119  PHE A C   1 
ATOM   1026 O O   . PHE A 1 124 ? 14.769  -5.475  -6.397  1.00 10.50 ? 119  PHE A O   1 
ATOM   1027 C CB  . PHE A 1 124 ? 11.869  -7.059  -6.257  1.00 8.73  ? 119  PHE A CB  1 
ATOM   1028 C CG  . PHE A 1 124 ? 12.062  -6.684  -4.828  1.00 10.78 ? 119  PHE A CG  1 
ATOM   1029 C CD1 . PHE A 1 124 ? 11.430  -5.603  -4.282  1.00 13.45 ? 119  PHE A CD1 1 
ATOM   1030 C CD2 . PHE A 1 124 ? 12.915  -7.439  -4.043  1.00 12.69 ? 119  PHE A CD2 1 
ATOM   1031 C CE1 . PHE A 1 124 ? 11.550  -5.327  -2.909  1.00 13.47 ? 119  PHE A CE1 1 
ATOM   1032 C CE2 . PHE A 1 124 ? 13.049  -7.153  -2.686  1.00 13.15 ? 119  PHE A CE2 1 
ATOM   1033 C CZ  . PHE A 1 124 ? 12.370  -6.096  -2.132  1.00 14.91 ? 119  PHE A CZ  1 
ATOM   1034 N N   . GLY A 1 125 ? 14.724  -7.455  -7.465  1.00 9.52  ? 120  GLY A N   1 
ATOM   1035 C CA  . GLY A 1 125 ? 16.172  -7.661  -7.299  1.00 9.39  ? 120  GLY A CA  1 
ATOM   1036 C C   . GLY A 1 125 ? 16.546  -8.235  -5.960  1.00 11.02 ? 120  GLY A C   1 
ATOM   1037 O O   . GLY A 1 125 ? 15.750  -8.875  -5.272  1.00 11.81 ? 120  GLY A O   1 
ATOM   1038 N N   . MET A 1 126 ? 17.774  -7.965  -5.564  1.00 11.64 ? 121  MET A N   1 
ATOM   1039 C CA  . MET A 1 126 ? 18.325  -8.636  -4.374  1.00 12.09 ? 121  MET A CA  1 
ATOM   1040 C C   . MET A 1 126 ? 17.514  -8.301  -3.109  1.00 12.51 ? 121  MET A C   1 
ATOM   1041 O O   . MET A 1 126 ? 17.232  -7.147  -2.822  1.00 11.45 ? 121  MET A O   1 
ATOM   1042 C CB  . MET A 1 126 ? 19.766  -8.138  -4.159  1.00 13.20 ? 121  MET A CB  1 
ATOM   1043 C CG  . MET A 1 126 ? 20.455  -9.027  -3.100  1.00 16.11 ? 121  MET A CG  1 
ATOM   1044 S SD  . MET A 1 126 ? 22.214  -8.748  -3.204  1.00 25.24 ? 121  MET A SD  1 
ATOM   1045 C CE  . MET A 1 126 ? 22.191  -7.150  -2.507  1.00 20.55 ? 121  MET A CE  1 
ATOM   1046 N N   . LYS A 1 127 ? 17.185  -9.330  -2.321  1.00 13.95 ? 122  LYS A N   1 
ATOM   1047 C CA  . LYS A 1 127 ? 16.598  -9.045  -1.012  1.00 18.98 ? 122  LYS A CA  1 
ATOM   1048 C C   . LYS A 1 127 ? 17.611  -9.400  0.064   1.00 20.10 ? 122  LYS A C   1 
ATOM   1049 O O   . LYS A 1 127 ? 18.182  -10.469 0.045   1.00 20.20 ? 122  LYS A O   1 
ATOM   1050 C CB  . LYS A 1 127 ? 15.372  -9.931  -0.710  1.00 22.40 ? 122  LYS A CB  1 
ATOM   1051 C CG  . LYS A 1 127 ? 14.124  -9.733  -1.536  1.00 28.96 ? 122  LYS A CG  1 
ATOM   1052 C CD  . LYS A 1 127 ? 13.540  -11.091 -1.895  1.00 35.55 ? 122  LYS A CD  1 
ATOM   1053 C CE  . LYS A 1 127 ? 14.495  -11.851 -2.820  1.00 38.69 ? 122  LYS A CE  1 
ATOM   1054 N NZ  . LYS A 1 127 ? 14.190  -13.306 -2.913  1.00 44.04 ? 122  LYS A NZ  1 
ATOM   1055 N N   A LEU A 1 128 ? 17.874  -8.445  0.944   0.51 20.52 ? 123  LEU A N   1 
ATOM   1056 N N   B LEU A 1 128 ? 17.855  -8.493  0.997   0.49 19.95 ? 123  LEU A N   1 
ATOM   1057 C CA  A LEU A 1 128 ? 18.624  -8.711  2.163   0.51 21.86 ? 123  LEU A CA  1 
ATOM   1058 C CA  B LEU A 1 128 ? 18.679  -8.847  2.154   0.49 20.74 ? 123  LEU A CA  1 
ATOM   1059 C C   A LEU A 1 128 ? 17.729  -8.390  3.371   0.51 21.24 ? 123  LEU A C   1 
ATOM   1060 C C   B LEU A 1 128 ? 17.854  -9.553  3.219   0.49 19.10 ? 123  LEU A C   1 
ATOM   1061 O O   A LEU A 1 128 ? 16.536  -8.745  3.412   0.51 16.67 ? 123  LEU A O   1 
ATOM   1062 O O   B LEU A 1 128 ? 18.327  -9.743  4.335   0.49 20.78 ? 123  LEU A O   1 
ATOM   1063 C CB  A LEU A 1 128 ? 19.906  -7.865  2.209   0.51 22.89 ? 123  LEU A CB  1 
ATOM   1064 C CB  B LEU A 1 128 ? 19.363  -7.615  2.753   0.49 21.13 ? 123  LEU A CB  1 
ATOM   1065 C CG  A LEU A 1 128 ? 20.937  -7.902  1.076   0.51 22.25 ? 123  LEU A CG  1 
ATOM   1066 C CG  B LEU A 1 128 ? 20.550  -7.179  1.884   0.49 20.81 ? 123  LEU A CG  1 
ATOM   1067 C CD1 A LEU A 1 128 ? 22.068  -6.899  1.311   0.51 20.94 ? 123  LEU A CD1 1 
ATOM   1068 C CD1 B LEU A 1 128 ? 21.164  -5.850  2.332   0.49 20.61 ? 123  LEU A CD1 1 
ATOM   1069 C CD2 A LEU A 1 128 ? 21.481  -9.305  0.844   0.51 23.47 ? 123  LEU A CD2 1 
ATOM   1070 C CD2 B LEU A 1 128 ? 21.580  -8.294  1.792   0.49 20.85 ? 123  LEU A CD2 1 
ATOM   1071 N N   . ASP B 2 2   ? -9.979  6.074   -10.357 1.00 44.18 ? 1277 ASP B N   1 
ATOM   1072 C CA  . ASP B 2 2   ? -9.028  5.691   -9.268  1.00 44.29 ? 1277 ASP B CA  1 
ATOM   1073 C C   . ASP B 2 2   ? -9.139  6.637   -8.070  1.00 39.44 ? 1277 ASP B C   1 
ATOM   1074 O O   . ASP B 2 2   ? -8.230  6.705   -7.231  1.00 46.78 ? 1277 ASP B O   1 
ATOM   1075 C CB  . ASP B 2 2   ? -7.573  5.653   -9.785  1.00 44.61 ? 1277 ASP B CB  1 
ATOM   1076 C CG  . ASP B 2 2   ? -6.644  4.813   -8.889  1.00 49.55 ? 1277 ASP B CG  1 
ATOM   1077 O OD1 . ASP B 2 2   ? -6.085  3.820   -9.407  1.00 43.00 ? 1277 ASP B OD1 1 
ATOM   1078 O OD2 . ASP B 2 2   ? -6.471  5.137   -7.676  1.00 38.77 ? 1277 ASP B OD2 1 
ATOM   1079 N N   . ALA B 2 3   ? -10.242 7.360   -7.973  1.00 28.05 ? 1278 ALA B N   1 
ATOM   1080 C CA  . ALA B 2 3   ? -10.394 8.270   -6.850  1.00 26.06 ? 1278 ALA B CA  1 
ATOM   1081 C C   . ALA B 2 3   ? -11.096 7.620   -5.620  1.00 21.62 ? 1278 ALA B C   1 
ATOM   1082 O O   . ALA B 2 3   ? -10.974 8.111   -4.519  1.00 22.18 ? 1278 ALA B O   1 
ATOM   1083 C CB  . ALA B 2 3   ? -11.070 9.573   -7.279  1.00 26.58 ? 1278 ALA B CB  1 
ATOM   1084 N N   . VAL B 2 4   ? -11.833 6.530   -5.822  1.00 16.68 ? 1279 VAL B N   1 
ATOM   1085 C CA  . VAL B 2 4   ? -12.508 5.833   -4.720  1.00 13.30 ? 1279 VAL B CA  1 
ATOM   1086 C C   . VAL B 2 4   ? -11.499 4.903   -3.954  1.00 13.01 ? 1279 VAL B C   1 
ATOM   1087 O O   . VAL B 2 4   ? -10.646 4.258   -4.579  1.00 15.18 ? 1279 VAL B O   1 
ATOM   1088 C CB  . VAL B 2 4   ? -13.613 4.999   -5.425  1.00 16.76 ? 1279 VAL B CB  1 
ATOM   1089 C CG1 . VAL B 2 4   ? -14.408 4.101   -4.553  1.00 17.56 ? 1279 VAL B CG1 1 
ATOM   1090 C CG2 . VAL B 2 4   ? -14.550 5.943   -6.211  1.00 17.63 ? 1279 VAL B CG2 1 
ATOM   1091 N N   . PHE B 2 5   ? -11.543 4.889   -2.616  1.00 8.76  ? 1280 PHE B N   1 
ATOM   1092 C CA  . PHE B 2 5   ? -10.716 3.938   -1.812  1.00 8.68  ? 1280 PHE B CA  1 
ATOM   1093 C C   . PHE B 2 5   ? -11.278 2.540   -1.797  1.00 9.00  ? 1280 PHE B C   1 
ATOM   1094 O O   . PHE B 2 5   ? -12.516 2.345   -1.670  1.00 10.24 ? 1280 PHE B O   1 
ATOM   1095 C CB  . PHE B 2 5   ? -10.698 4.345   -0.350  1.00 8.00  ? 1280 PHE B CB  1 
ATOM   1096 C CG  . PHE B 2 5   ? -9.865  5.537   -0.051  1.00 8.01  ? 1280 PHE B CG  1 
ATOM   1097 C CD1 . PHE B 2 5   ? -8.558  5.381   0.398   1.00 9.10  ? 1280 PHE B CD1 1 
ATOM   1098 C CD2 . PHE B 2 5   ? -10.359 6.828   -0.172  1.00 7.86  ? 1280 PHE B CD2 1 
ATOM   1099 C CE1 . PHE B 2 5   ? -7.792  6.501   0.705   1.00 8.79  ? 1280 PHE B CE1 1 
ATOM   1100 C CE2 . PHE B 2 5   ? -9.613  7.952   0.213   1.00 8.84  ? 1280 PHE B CE2 1 
ATOM   1101 C CZ  . PHE B 2 5   ? -8.307  7.805   0.646   1.00 8.37  ? 1280 PHE B CZ  1 
ATOM   1102 N N   . ASP B 2 6   ? -10.392 1.584   -1.911  1.00 6.70  ? 1281 ASP B N   1 
ATOM   1103 C CA  . ASP B 2 6   ? -10.656 0.163   -1.659  1.00 6.88  ? 1281 ASP B CA  1 
ATOM   1104 C C   . ASP B 2 6   ? -10.548 -0.084  -0.155  1.00 7.80  ? 1281 ASP B C   1 
ATOM   1105 O O   . ASP B 2 6   ? -9.458  0.036   0.438   1.00 7.67  ? 1281 ASP B O   1 
ATOM   1106 C CB  . ASP B 2 6   ? -9.577  -0.707  -2.364  1.00 7.43  ? 1281 ASP B CB  1 
ATOM   1107 C CG  . ASP B 2 6   ? -9.898  -2.198  -2.321  1.00 9.19  ? 1281 ASP B CG  1 
ATOM   1108 O OD1 . ASP B 2 6   ? -10.522 -2.662  -1.350  1.00 12.47 ? 1281 ASP B OD1 1 
ATOM   1109 O OD2 . ASP B 2 6   ? -9.409  -2.960  -3.185  1.00 10.31 ? 1281 ASP B OD2 1 
ATOM   1110 N N   . ILE B 2 7   ? -11.677 -0.372  0.472   1.00 7.69  ? 1282 ILE B N   1 
ATOM   1111 C CA  . ILE B 2 7   ? -11.675 -0.598  1.893   1.00 8.28  ? 1282 ILE B CA  1 
ATOM   1112 C C   . ILE B 2 7   ? -11.416 -2.086  2.203   1.00 9.30  ? 1282 ILE B C   1 
ATOM   1113 O O   . ILE B 2 7   ? -12.138 -2.999  1.731   1.00 10.11 ? 1282 ILE B O   1 
ATOM   1114 C CB  . ILE B 2 7   ? -13.058 -0.262  2.412   1.00 7.95  ? 1282 ILE B CB  1 
ATOM   1115 C CG1 . ILE B 2 7   ? -13.422 1.189   2.184   1.00 9.59  ? 1282 ILE B CG1 1 
ATOM   1116 C CG2 . ILE B 2 7   ? -13.008 -0.482  3.931   1.00 8.93  ? 1282 ILE B CG2 1 
ATOM   1117 C CD1 . ILE B 2 7   ? -14.897 1.439   2.442   1.00 9.72  ? 1282 ILE B CD1 1 
ATOM   1118 N N   . ILE B 2 8   ? -10.332 -2.378  2.896   1.00 7.66  ? 1283 ILE B N   1 
ATOM   1119 C CA  . ILE B 2 8   ? -10.092 -3.731  3.410   1.00 9.71  ? 1283 ILE B CA  1 
ATOM   1120 C C   . ILE B 2 8   ? -10.851 -3.829  4.723   1.00 10.53 ? 1283 ILE B C   1 
ATOM   1121 O O   . ILE B 2 8   ? -10.728 -2.961  5.591   1.00 11.41 ? 1283 ILE B O   1 
ATOM   1122 C CB  . ILE B 2 8   ? -8.593  -3.919  3.621   1.00 9.20  ? 1283 ILE B CB  1 
ATOM   1123 C CG1 . ILE B 2 8   ? -7.887  -3.929  2.245   1.00 9.02  ? 1283 ILE B CG1 1 
ATOM   1124 C CG2 . ILE B 2 8   ? -8.349  -5.284  4.290   1.00 10.47 ? 1283 ILE B CG2 1 
ATOM   1125 C CD1 . ILE B 2 8   ? -6.371  -3.818  2.349   1.00 11.17 ? 1283 ILE B CD1 1 
ATOM   1126 N N   . THR B 2 9   ? -11.638 -4.884  4.878   1.00 14.21 ? 1284 THR B N   1 
ATOM   1127 C CA  . THR B 2 9   ? -12.343 -5.124  6.146   1.00 14.83 ? 1284 THR B CA  1 
ATOM   1128 C C   . THR B 2 9   ? -11.808 -6.322  6.917   1.00 18.54 ? 1284 THR B C   1 
ATOM   1129 O O   . THR B 2 9   ? -11.190 -7.211  6.330   1.00 19.19 ? 1284 THR B O   1 
ATOM   1130 C CB  . THR B 2 9   ? -13.839 -5.309  5.933   1.00 16.43 ? 1284 THR B CB  1 
ATOM   1131 O OG1 . THR B 2 9   ? -14.054 -6.551  5.234   1.00 17.59 ? 1284 THR B OG1 1 
ATOM   1132 C CG2 . THR B 2 9   ? -14.465 -4.120  5.156   1.00 17.57 ? 1284 THR B CG2 1 
ATOM   1133 N N   . ASP B 2 10  ? -12.233 -6.437  8.178   1.00 22.41 ? 1285 ASP B N   1 
ATOM   1134 C CA  . ASP B 2 10  ? -11.802 -7.555  9.019   1.00 24.82 ? 1285 ASP B CA  1 
ATOM   1135 C C   . ASP B 2 10  ? -12.348 -8.885  8.551   1.00 25.60 ? 1285 ASP B C   1 
ATOM   1136 O O   . ASP B 2 10  ? -11.778 -9.923  8.845   1.00 28.70 ? 1285 ASP B O   1 
ATOM   1137 C CB  . ASP B 2 10  ? -12.220 -7.349  10.476  1.00 25.42 ? 1285 ASP B CB  1 
ATOM   1138 C CG  . ASP B 2 10  ? -11.315 -6.394  11.213  1.00 33.78 ? 1285 ASP B CG  1 
ATOM   1139 O OD1 . ASP B 2 10  ? -10.227 -6.075  10.681  1.00 30.36 ? 1285 ASP B OD1 1 
ATOM   1140 O OD2 . ASP B 2 10  ? -11.668 -5.972  12.339  1.00 39.14 ? 1285 ASP B OD2 1 
ATOM   1141 N N   . GLU B 2 11  ? -13.480 -8.877  7.851   1.00 28.36 ? 1286 GLU B N   1 
ATOM   1142 C CA  . GLU B 2 11  ? -14.071 -10.127 7.389   1.00 33.22 ? 1286 GLU B CA  1 
ATOM   1143 C C   . GLU B 2 11  ? -13.175 -10.807 6.365   1.00 28.90 ? 1286 GLU B C   1 
ATOM   1144 O O   . GLU B 2 11  ? -13.345 -11.991 6.061   1.00 29.46 ? 1286 GLU B O   1 
ATOM   1145 C CB  . GLU B 2 11  ? -15.484 -9.898  6.855   1.00 39.10 ? 1286 GLU B CB  1 
ATOM   1146 C CG  . GLU B 2 11  ? -16.384 -9.126  7.825   1.00 47.98 ? 1286 GLU B CG  1 
ATOM   1147 C CD  . GLU B 2 11  ? -15.931 -9.204  9.288   1.00 57.25 ? 1286 GLU B CD  1 
ATOM   1148 O OE1 . GLU B 2 11  ? -16.088 -8.198  10.027  1.00 55.16 ? 1286 GLU B OE1 1 
ATOM   1149 O OE2 . GLU B 2 11  ? -15.399 -10.260 9.704   1.00 67.88 ? 1286 GLU B OE2 1 
ATOM   1150 N N   . GLU B 2 12  ? -12.219 -10.037 5.831   1.00 23.38 ? 1287 GLU B N   1 
ATOM   1151 C CA  . GLU B 2 12  ? -11.216 -10.548 4.915   1.00 23.40 ? 1287 GLU B CA  1 
ATOM   1152 C C   . GLU B 2 12  ? -10.013 -11.194 5.598   1.00 24.33 ? 1287 GLU B C   1 
ATOM   1153 O O   . GLU B 2 12  ? -9.222  -11.837 4.928   1.00 26.29 ? 1287 GLU B O   1 
ATOM   1154 C CB  . GLU B 2 12  ? -10.654 -9.388  4.084   1.00 19.69 ? 1287 GLU B CB  1 
ATOM   1155 C CG  . GLU B 2 12  ? -11.702 -8.676  3.242   1.00 19.84 ? 1287 GLU B CG  1 
ATOM   1156 C CD  . GLU B 2 12  ? -11.062 -7.790  2.197   1.00 20.56 ? 1287 GLU B CD  1 
ATOM   1157 O OE1 . GLU B 2 12  ? -10.337 -8.333  1.349   1.00 21.44 ? 1287 GLU B OE1 1 
ATOM   1158 O OE2 . GLU B 2 12  ? -11.291 -6.570  2.219   1.00 18.63 ? 1287 GLU B OE2 1 
ATOM   1159 N N   . LEU B 2 13  ? -9.828  -10.966 6.899   1.00 26.89 ? 1288 LEU B N   1 
ATOM   1160 C CA  . LEU B 2 13  ? -8.592  -11.415 7.571   1.00 31.81 ? 1288 LEU B CA  1 
ATOM   1161 C C   . LEU B 2 13  ? -8.641  -12.858 8.079   1.00 36.36 ? 1288 LEU B C   1 
ATOM   1162 O O   . LEU B 2 13  ? -9.541  -13.218 8.837   1.00 39.04 ? 1288 LEU B O   1 
ATOM   1163 C CB  . LEU B 2 13  ? -8.209  -10.453 8.704   1.00 34.94 ? 1288 LEU B CB  1 
ATOM   1164 C CG  . LEU B 2 13  ? -8.192  -8.959  8.351   1.00 36.01 ? 1288 LEU B CG  1 
ATOM   1165 C CD1 . LEU B 2 13  ? -7.677  -8.190  9.547   1.00 34.75 ? 1288 LEU B CD1 1 
ATOM   1166 C CD2 . LEU B 2 13  ? -7.351  -8.636  7.127   1.00 35.17 ? 1288 LEU B CD2 1 
HETATM 1167 O O   . HOH C 3 .   ? 14.290  -10.880 -6.147  1.00 24.30 ? 201  HOH A O   1 
HETATM 1168 O O   . HOH C 3 .   ? -5.809  6.451   10.466  1.00 22.60 ? 202  HOH A O   1 
HETATM 1169 O O   . HOH C 3 .   ? -10.571 10.445  -1.708  1.00 29.22 ? 203  HOH A O   1 
HETATM 1170 O O   . HOH C 3 .   ? 1.300   -2.202  -18.482 1.00 30.11 ? 204  HOH A O   1 
HETATM 1171 O O   . HOH C 3 .   ? 2.814   -14.719 5.652   1.00 30.01 ? 205  HOH A O   1 
HETATM 1172 O O   . HOH C 3 .   ? 2.615   -1.363  18.084  1.00 24.77 ? 206  HOH A O   1 
HETATM 1173 O O   . HOH C 3 .   ? -9.721  -4.936  -13.656 1.00 25.29 ? 207  HOH A O   1 
HETATM 1174 O O   . HOH C 3 .   ? -11.088 11.383  1.227   1.00 14.72 ? 208  HOH A O   1 
HETATM 1175 O O   . HOH C 3 .   ? -0.983  -2.374  13.632  1.00 24.76 ? 209  HOH A O   1 
HETATM 1176 O O   . HOH C 3 .   ? -8.947  16.456  -2.200  1.00 21.96 ? 210  HOH A O   1 
HETATM 1177 O O   . HOH C 3 .   ? 1.779   -5.598  -17.590 1.00 20.36 ? 211  HOH A O   1 
HETATM 1178 O O   . HOH C 3 .   ? -1.740  11.124  9.467   1.00 28.03 ? 212  HOH A O   1 
HETATM 1179 O O   . HOH C 3 .   ? 1.619   -17.856 -12.844 1.00 13.73 ? 213  HOH A O   1 
HETATM 1180 O O   . HOH C 3 .   ? 0.263   7.807   13.018  1.00 31.14 ? 214  HOH A O   1 
HETATM 1181 O O   . HOH C 3 .   ? 0.841   -11.555 -14.635 1.00 12.11 ? 215  HOH A O   1 
HETATM 1182 O O   . HOH C 3 .   ? 3.374   -18.882 -3.074  1.00 21.07 ? 216  HOH A O   1 
HETATM 1183 O O   . HOH C 3 .   ? -12.561 -2.814  -13.471 1.00 12.17 ? 217  HOH A O   1 
HETATM 1184 O O   . HOH C 3 .   ? -2.247  5.070   -8.653  1.00 14.63 ? 218  HOH A O   1 
HETATM 1185 O O   . HOH C 3 .   ? -9.731  -2.271  -15.524 1.00 33.86 ? 219  HOH A O   1 
HETATM 1186 O O   . HOH C 3 .   ? -5.461  4.407   13.066  1.00 21.24 ? 220  HOH A O   1 
HETATM 1187 O O   . HOH C 3 .   ? -8.023  11.177  -4.819  1.00 22.15 ? 221  HOH A O   1 
HETATM 1188 O O   . HOH C 3 .   ? 8.428   -0.345  14.097  1.00 26.72 ? 222  HOH A O   1 
HETATM 1189 O O   . HOH C 3 .   ? 15.098  4.336   -1.197  1.00 19.65 ? 223  HOH A O   1 
HETATM 1190 O O   . HOH C 3 .   ? -15.055 13.877  6.897   1.00 20.01 ? 224  HOH A O   1 
HETATM 1191 O O   . HOH C 3 .   ? 9.048   17.646  6.757   1.00 22.40 ? 225  HOH A O   1 
HETATM 1192 O O   . HOH C 3 .   ? -8.298  -1.914  13.376  1.00 29.82 ? 226  HOH A O   1 
HETATM 1193 O O   . HOH C 3 .   ? -17.722 6.467   8.285   1.00 11.68 ? 227  HOH A O   1 
HETATM 1194 O O   . HOH C 3 .   ? 5.546   -3.893  18.586  1.00 14.86 ? 228  HOH A O   1 
HETATM 1195 O O   . HOH C 3 .   ? 6.363   19.774  7.762   1.00 15.42 ? 229  HOH A O   1 
HETATM 1196 O O   . HOH C 3 .   ? 4.288   5.277   -7.884  1.00 20.00 ? 230  HOH A O   1 
HETATM 1197 O O   . HOH C 3 .   ? -9.170  -8.377  -7.245  1.00 7.07  ? 231  HOH A O   1 
HETATM 1198 O O   . HOH C 3 .   ? -6.778  -6.892  -9.751  1.00 16.97 ? 232  HOH A O   1 
HETATM 1199 O O   . HOH C 3 .   ? -5.520  -5.953  -11.996 1.00 20.87 ? 233  HOH A O   1 
HETATM 1200 O O   . HOH C 3 .   ? 7.740   -3.686  15.737  1.00 22.82 ? 234  HOH A O   1 
HETATM 1201 O O   . HOH C 3 .   ? 16.725  -9.306  -10.345 1.00 22.91 ? 235  HOH A O   1 
HETATM 1202 O O   . HOH C 3 .   ? -8.396  13.881  9.920   1.00 12.18 ? 236  HOH A O   1 
HETATM 1203 O O   . HOH C 3 .   ? -2.982  -14.263 -0.575  1.00 18.33 ? 237  HOH A O   1 
HETATM 1204 O O   . HOH C 3 .   ? 6.442   8.920   1.276   1.00 13.61 ? 238  HOH A O   1 
HETATM 1205 O O   . HOH C 3 .   ? -9.703  6.414   16.280  1.00 13.80 ? 239  HOH A O   1 
HETATM 1206 O O   . HOH C 3 .   ? 1.006   21.779  -5.142  1.00 15.84 ? 240  HOH A O   1 
HETATM 1207 O O   . HOH C 3 .   ? -8.382  7.361   11.231  1.00 8.41  ? 241  HOH A O   1 
HETATM 1208 O O   . HOH C 3 .   ? 2.988   13.359  7.651   1.00 17.47 ? 242  HOH A O   1 
HETATM 1209 O O   . HOH C 3 .   ? 10.036  -5.848  1.337   1.00 24.61 ? 243  HOH A O   1 
HETATM 1210 O O   . HOH C 3 .   ? 5.801   -0.625  -15.024 1.00 15.29 ? 244  HOH A O   1 
HETATM 1211 O O   . HOH C 3 .   ? -6.082  -2.299  -13.901 1.00 17.37 ? 245  HOH A O   1 
HETATM 1212 O O   . HOH C 3 .   ? -4.541  22.155  -5.165  1.00 19.16 ? 246  HOH A O   1 
HETATM 1213 O O   . HOH C 3 .   ? 8.436   -7.263  -14.891 1.00 22.73 ? 247  HOH A O   1 
HETATM 1214 O O   . HOH C 3 .   ? 3.131   4.390   -4.206  1.00 8.16  ? 248  HOH A O   1 
HETATM 1215 O O   . HOH C 3 .   ? -1.490  -0.739  -9.397  1.00 8.40  ? 249  HOH A O   1 
HETATM 1216 O O   . HOH C 3 .   ? -9.983  -14.267 -5.793  1.00 30.94 ? 250  HOH A O   1 
HETATM 1217 O O   . HOH C 3 .   ? -4.169  -19.908 -9.220  1.00 14.89 ? 251  HOH A O   1 
HETATM 1218 O O   . HOH C 3 .   ? -4.578  2.391   -11.282 1.00 17.64 ? 252  HOH A O   1 
HETATM 1219 O O   . HOH C 3 .   ? 15.594  -5.042  -3.671  1.00 10.03 ? 253  HOH A O   1 
HETATM 1220 O O   . HOH C 3 .   ? -15.995 10.538  1.574   1.00 19.16 ? 254  HOH A O   1 
HETATM 1221 O O   . HOH C 3 .   ? 5.123   6.787   2.571   1.00 6.79  ? 255  HOH A O   1 
HETATM 1222 O O   . HOH C 3 .   ? -7.985  -4.262  -9.833  1.00 14.74 ? 256  HOH A O   1 
HETATM 1223 O O   . HOH C 3 .   ? -1.985  14.928  6.050   1.00 14.14 ? 257  HOH A O   1 
HETATM 1224 O O   . HOH C 3 .   ? -7.670  -9.632  -1.420  1.00 19.31 ? 258  HOH A O   1 
HETATM 1225 O O   . HOH C 3 .   ? -4.761  20.777  1.959   1.00 18.72 ? 259  HOH A O   1 
HETATM 1226 O O   . HOH C 3 .   ? -7.264  9.859   -7.358  1.00 31.75 ? 260  HOH A O   1 
HETATM 1227 O O   . HOH C 3 .   ? 11.385  -15.122 -5.732  1.00 24.81 ? 261  HOH A O   1 
HETATM 1228 O O   . HOH C 3 .   ? 6.594   9.747   -3.219  1.00 19.08 ? 262  HOH A O   1 
HETATM 1229 O O   . HOH C 3 .   ? -2.218  -20.693 -7.504  1.00 23.10 ? 263  HOH A O   1 
HETATM 1230 O O   . HOH C 3 .   ? 2.142   8.175   -6.163  1.00 9.09  ? 264  HOH A O   1 
HETATM 1231 O O   . HOH C 3 .   ? 11.116  7.898   0.725   1.00 25.53 ? 265  HOH A O   1 
HETATM 1232 O O   . HOH C 3 .   ? 6.825   3.644   14.439  1.00 23.22 ? 266  HOH A O   1 
HETATM 1233 O O   . HOH C 3 .   ? 2.483   -12.760 3.827   1.00 19.19 ? 267  HOH A O   1 
HETATM 1234 O O   . HOH C 3 .   ? -4.554  15.682  6.501   1.00 16.10 ? 268  HOH A O   1 
HETATM 1235 O O   . HOH C 3 .   ? 1.679   1.112   -15.696 1.00 25.83 ? 269  HOH A O   1 
HETATM 1236 O O   . HOH C 3 .   ? -4.573  -14.648 -5.333  1.00 22.54 ? 270  HOH A O   1 
HETATM 1237 O O   . HOH C 3 .   ? 16.387  -5.973  1.072   1.00 22.71 ? 271  HOH A O   1 
HETATM 1238 O O   . HOH C 3 .   ? -2.789  -11.678 -11.966 1.00 17.70 ? 272  HOH A O   1 
HETATM 1239 O O   . HOH C 3 .   ? 7.282   -15.337 -10.147 1.00 21.08 ? 273  HOH A O   1 
HETATM 1240 O O   . HOH C 3 .   ? 1.886   -15.254 -13.317 1.00 17.30 ? 274  HOH A O   1 
HETATM 1241 O O   . HOH C 3 .   ? -7.309  -13.890 -5.416  1.00 27.78 ? 275  HOH A O   1 
HETATM 1242 O O   . HOH C 3 .   ? 6.337   -9.994  0.064   1.00 27.06 ? 276  HOH A O   1 
HETATM 1243 O O   . HOH C 3 .   ? 7.894   9.375   4.006   1.00 11.14 ? 277  HOH A O   1 
HETATM 1244 O O   . HOH C 3 .   ? 0.135   1.280   -10.511 1.00 9.81  ? 278  HOH A O   1 
HETATM 1245 O O   . HOH C 3 .   ? -10.942 -12.349 -5.031  1.00 24.85 ? 279  HOH A O   1 
HETATM 1246 O O   . HOH C 3 .   ? 7.370   -13.468 -3.393  1.00 19.69 ? 280  HOH A O   1 
HETATM 1247 O O   . HOH C 3 .   ? -2.454  -4.487  -15.760 1.00 21.97 ? 281  HOH A O   1 
HETATM 1248 O O   . HOH C 3 .   ? -1.294  -16.421 -4.764  1.00 20.30 ? 282  HOH A O   1 
HETATM 1249 O O   . HOH C 3 .   ? 8.895   -12.920 -10.573 1.00 23.89 ? 283  HOH A O   1 
HETATM 1250 O O   . HOH C 3 .   ? 7.924   2.668   -2.003  1.00 9.10  ? 284  HOH A O   1 
HETATM 1251 O O   . HOH C 3 .   ? -2.697  -14.709 -12.241 1.00 13.67 ? 285  HOH A O   1 
HETATM 1252 O O   . HOH C 3 .   ? 7.316   -7.725  0.675   1.00 16.04 ? 286  HOH A O   1 
HETATM 1253 O O   . HOH C 3 .   ? 17.814  -11.971 -3.533  1.00 24.81 ? 287  HOH A O   1 
HETATM 1254 O O   . HOH C 3 .   ? -0.003  -14.804 -11.373 1.00 11.78 ? 288  HOH A O   1 
HETATM 1255 O O   . HOH C 3 .   ? -10.350 -1.370  10.875  1.00 20.33 ? 289  HOH A O   1 
HETATM 1256 O O   . HOH C 3 .   ? -4.460  -11.352 5.626   1.00 21.22 ? 290  HOH A O   1 
HETATM 1257 O O   . HOH C 3 .   ? 4.136   0.334   -13.112 1.00 12.29 ? 291  HOH A O   1 
HETATM 1258 O O   . HOH C 3 .   ? -16.220 11.525  10.062  1.00 23.61 ? 292  HOH A O   1 
HETATM 1259 O O   . HOH C 3 .   ? -0.387  5.110   13.408  1.00 25.71 ? 293  HOH A O   1 
HETATM 1260 O O   . HOH C 3 .   ? 10.388  9.279   5.239   1.00 20.66 ? 294  HOH A O   1 
HETATM 1261 O O   . HOH C 3 .   ? 3.973   20.828  4.088   1.00 13.01 ? 295  HOH A O   1 
HETATM 1262 O O   . HOH C 3 .   ? -2.330  23.951  -5.860  1.00 27.54 ? 296  HOH A O   1 
HETATM 1263 O O   . HOH C 3 .   ? 7.932   0.916   11.378  1.00 26.02 ? 297  HOH A O   1 
HETATM 1264 O O   . HOH C 3 .   ? 5.831   -9.537  -18.240 1.00 22.41 ? 298  HOH A O   1 
HETATM 1265 O O   . HOH C 3 .   ? 0.503   -12.682 11.246  1.00 29.74 ? 299  HOH A O   1 
HETATM 1266 O O   . HOH C 3 .   ? 7.510   0.322   18.341  1.00 19.49 ? 300  HOH A O   1 
HETATM 1267 O O   . HOH C 3 .   ? -9.588  20.131  -5.015  1.00 35.18 ? 301  HOH A O   1 
HETATM 1268 O O   . HOH C 3 .   ? 2.352   3.374   16.193  1.00 37.72 ? 302  HOH A O   1 
HETATM 1269 O O   . HOH C 3 .   ? 6.823   -0.720  -18.099 1.00 34.07 ? 303  HOH A O   1 
HETATM 1270 O O   . HOH C 3 .   ? 9.431   -7.099  -20.201 1.00 23.34 ? 304  HOH A O   1 
HETATM 1271 O O   . HOH C 3 .   ? -5.780  2.177   -13.572 1.00 43.55 ? 305  HOH A O   1 
HETATM 1272 O O   . HOH C 3 .   ? 7.191   5.322   -2.071  1.00 15.95 ? 306  HOH A O   1 
HETATM 1273 O O   . HOH C 3 .   ? 4.866   -12.034 4.282   1.00 26.58 ? 307  HOH A O   1 
HETATM 1274 O O   . HOH C 3 .   ? 1.358   1.534   -12.970 1.00 25.15 ? 308  HOH A O   1 
HETATM 1275 O O   . HOH C 3 .   ? -5.547  -6.430  -14.732 1.00 20.30 ? 309  HOH A O   1 
HETATM 1276 O O   . HOH C 3 .   ? 7.228   7.790   -1.236  1.00 26.11 ? 310  HOH A O   1 
HETATM 1277 O O   . HOH C 3 .   ? 5.422   5.754   -4.303  1.00 13.58 ? 311  HOH A O   1 
HETATM 1278 O O   . HOH C 3 .   ? -10.381 15.671  13.541  1.00 15.48 ? 312  HOH A O   1 
HETATM 1279 O O   . HOH C 3 .   ? -14.891 19.159  10.081  1.00 23.67 ? 313  HOH A O   1 
HETATM 1280 O O   . HOH C 3 .   ? -11.443 4.561   17.618  1.00 23.04 ? 314  HOH A O   1 
HETATM 1281 O O   . HOH C 3 .   ? 4.721   8.317   -4.844  1.00 17.42 ? 315  HOH A O   1 
HETATM 1282 O O   . HOH C 3 .   ? -1.873  3.279   -10.868 1.00 19.64 ? 316  HOH A O   1 
HETATM 1283 O O   . HOH C 3 .   ? -13.738 3.300   16.462  1.00 27.43 ? 317  HOH A O   1 
HETATM 1284 O O   . HOH D 3 .   ? -10.563 -10.705 0.667   1.00 29.71 ? 1301 HOH B O   1 
HETATM 1285 O O   . HOH D 3 .   ? -14.458 1.219   -2.734  1.00 12.10 ? 1302 HOH B O   1 
HETATM 1286 O O   . HOH D 3 .   ? -13.974 -6.225  2.658   1.00 20.53 ? 1303 HOH B O   1 
HETATM 1287 O O   . HOH D 3 .   ? -13.167 -4.291  9.469   1.00 28.06 ? 1304 HOH B O   1 
HETATM 1288 O O   . HOH D 3 .   ? -14.637 -3.874  1.303   1.00 19.84 ? 1305 HOH B O   1 
HETATM 1289 O O   . HOH D 3 .   ? -7.742  -2.673  -5.267  1.00 9.29  ? 1306 HOH B O   1 
HETATM 1290 O O   . HOH D 3 .   ? -8.257  3.877   -5.763  1.00 12.64 ? 1307 HOH B O   1 
HETATM 1291 O O   . HOH D 3 .   ? -11.798 4.672   -8.536  1.00 30.03 ? 1308 HOH B O   1 
HETATM 1292 O O   . HOH D 3 .   ? -14.125 -1.004  -1.097  1.00 16.78 ? 1309 HOH B O   1 
HETATM 1293 O O   . HOH D 3 .   ? -12.443 -12.601 1.891   1.00 33.71 ? 1310 HOH B O   1 
# 
